data_8ZTZ
#
_entry.id   8ZTZ
#
_cell.length_a   93.039
_cell.length_b   164.022
_cell.length_c   171.859
_cell.angle_alpha   90.000
_cell.angle_beta   90.000
_cell.angle_gamma   90.000
#
_symmetry.space_group_name_H-M   'P 21 21 21'
#
loop_
_entity.id
_entity.type
_entity.pdbx_description
1 polymer 'Putative AMP-binding enzyme'
2 non-polymer 'MAGNESIUM ION'
3 non-polymer 'ADENOSINE MONOPHOSPHATE'
4 water water
#
_entity_poly.entity_id   1
_entity_poly.type   'polypeptide(L)'
_entity_poly.pdbx_seq_one_letter_code
;MNHKVHHHHHHIEGRHMITKEERAQINADPELGAGNVLHRLRAYGRPTDRPVLWTDGTWRAPDGSHPEVITLGELYEYVE
TYAGFYHGKGIRPRDVVGVLTASSTEFAINFMAINSLGAIPSFANAKLRPEIAREYIRRQGASGAVTDTERHEVLAGGEL
GFVVTAEDIRPEHRAQLPQGWPYRHDPTDPIIISHSSGTTGMPKAVPHTHQTLLYAQLHRLKLSVGGSMGRLLVALPGNH
NAAMSVMMFGLLLDSPVYLQSSQRGSDVLDAIEKFKPTTVFGFSGTYGQIATSDLSTRDMSSIEAYYNTGDAAHEAHIRV
LVAQGSHEEIGPDFKPVRVPGSVFTDGLGSSETGYSIFHNGHKPGSASFGRCIGKPMSFAQAAVLSEDGRPLPAGEVGRL
GVRSPTLTPGYWNDSLTWHKLRLGGYWLTGDLAMQDAEGNFYHLDRAPDAIRTEAGIVFSTRTEELLLASLPELADCTVT
AIAEEGVRADWDGDGVAEAYVLLQFTDGAREPGDLTGWVNEVLAGQGFPPVTRALRMDSTDVSTGVTGKVLKRVMRERAR
ELVARADQG
;
_entity_poly.pdbx_strand_id   B,A,C,D,E
#
# COMPACT_ATOMS: atom_id res chain seq x y z
N MET A 17 -23.27 -20.02 -19.97
CA MET A 17 -22.16 -19.60 -19.13
C MET A 17 -22.55 -18.38 -18.26
N ILE A 18 -21.62 -17.91 -17.43
CA ILE A 18 -21.89 -16.79 -16.54
C ILE A 18 -22.08 -15.51 -17.37
N THR A 19 -23.10 -14.73 -17.02
CA THR A 19 -23.43 -13.54 -17.81
C THR A 19 -22.62 -12.33 -17.38
N LYS A 20 -22.73 -11.26 -18.16
CA LYS A 20 -22.04 -10.02 -17.86
C LYS A 20 -22.50 -9.47 -16.50
N GLU A 21 -23.81 -9.38 -16.31
CA GLU A 21 -24.34 -8.89 -15.04
C GLU A 21 -23.88 -9.78 -13.89
N GLU A 22 -23.82 -11.09 -14.11
CA GLU A 22 -23.43 -12.01 -13.04
C GLU A 22 -21.99 -11.77 -12.59
N ARG A 23 -21.05 -11.67 -13.54
CA ARG A 23 -19.67 -11.39 -13.18
C ARG A 23 -19.52 -10.03 -12.50
N ALA A 24 -20.30 -9.05 -12.94
CA ALA A 24 -20.23 -7.74 -12.30
C ALA A 24 -20.70 -7.84 -10.87
N GLN A 25 -21.73 -8.63 -10.63
CA GLN A 25 -22.24 -8.84 -9.28
C GLN A 25 -21.19 -9.52 -8.41
N ILE A 26 -20.42 -10.45 -9.00
CA ILE A 26 -19.38 -11.17 -8.27
C ILE A 26 -18.18 -10.27 -8.01
N ASN A 27 -17.93 -9.27 -8.87
CA ASN A 27 -16.82 -8.35 -8.68
C ASN A 27 -17.19 -7.18 -7.79
N ALA A 28 -18.48 -6.89 -7.63
CA ALA A 28 -18.97 -5.85 -6.73
C ALA A 28 -19.26 -6.38 -5.33
N ASP A 29 -18.88 -7.62 -5.05
CA ASP A 29 -19.22 -8.25 -3.79
C ASP A 29 -18.02 -8.17 -2.87
N PRO A 30 -17.98 -7.21 -1.95
CA PRO A 30 -16.78 -7.04 -1.13
C PRO A 30 -16.69 -8.07 -0.02
N GLU A 31 -17.72 -8.88 0.19
CA GLU A 31 -17.70 -9.93 1.18
C GLU A 31 -17.28 -11.28 0.60
N LEU A 32 -17.40 -11.45 -0.71
CA LEU A 32 -17.07 -12.71 -1.35
C LEU A 32 -15.66 -13.19 -0.99
N GLY A 33 -15.57 -14.46 -0.65
CA GLY A 33 -14.31 -15.07 -0.25
C GLY A 33 -14.53 -16.51 0.14
N ALA A 34 -13.41 -17.22 0.29
CA ALA A 34 -13.41 -18.66 0.57
C ALA A 34 -14.15 -19.04 1.85
N GLY A 35 -14.64 -18.06 2.60
CA GLY A 35 -15.36 -18.37 3.80
C GLY A 35 -16.86 -18.41 3.64
N ASN A 36 -17.38 -17.96 2.48
CA ASN A 36 -18.83 -17.77 2.37
C ASN A 36 -19.42 -17.89 0.97
N VAL A 37 -18.69 -18.40 -0.04
CA VAL A 37 -19.17 -18.53 -1.41
C VAL A 37 -20.62 -19.02 -1.46
N LEU A 38 -20.93 -20.02 -0.63
CA LEU A 38 -22.25 -20.63 -0.73
C LEU A 38 -23.35 -19.62 -0.42
N HIS A 39 -23.12 -18.81 0.63
CA HIS A 39 -24.09 -17.82 1.08
C HIS A 39 -24.17 -16.63 0.13
N ARG A 40 -23.06 -16.28 -0.53
CA ARG A 40 -23.09 -15.24 -1.55
C ARG A 40 -23.89 -15.69 -2.77
N LEU A 41 -23.74 -16.96 -3.20
CA LEU A 41 -24.66 -17.54 -4.17
C LEU A 41 -26.11 -17.29 -3.75
N ARG A 42 -26.43 -17.63 -2.52
CA ARG A 42 -27.77 -17.42 -1.99
C ARG A 42 -28.12 -15.94 -2.02
N ALA A 43 -27.11 -15.08 -1.86
CA ALA A 43 -27.35 -13.65 -1.88
C ALA A 43 -27.61 -13.12 -3.29
N TYR A 44 -26.87 -13.61 -4.28
CA TYR A 44 -27.11 -13.26 -5.67
C TYR A 44 -28.43 -13.83 -6.21
N GLY A 45 -29.23 -14.53 -5.39
CA GLY A 45 -30.47 -15.10 -5.84
C GLY A 45 -30.34 -16.10 -6.98
N ARG A 46 -29.55 -17.13 -6.78
CA ARG A 46 -29.53 -18.04 -7.90
C ARG A 46 -30.62 -19.09 -7.75
N PRO A 47 -31.10 -19.64 -8.87
CA PRO A 47 -32.09 -20.73 -8.81
C PRO A 47 -31.69 -21.85 -7.85
N THR A 48 -32.64 -22.24 -7.00
CA THR A 48 -32.34 -23.21 -5.94
C THR A 48 -32.39 -24.65 -6.41
N ASP A 49 -33.06 -24.92 -7.53
CA ASP A 49 -33.19 -26.28 -8.04
C ASP A 49 -32.08 -26.66 -9.01
N ARG A 50 -31.20 -25.72 -9.34
CA ARG A 50 -30.14 -26.02 -10.29
C ARG A 50 -29.22 -27.06 -9.68
N PRO A 51 -28.89 -28.13 -10.39
CA PRO A 51 -27.84 -29.03 -9.92
C PRO A 51 -26.49 -28.33 -9.97
N VAL A 52 -25.79 -28.35 -8.83
CA VAL A 52 -24.53 -27.62 -8.69
C VAL A 52 -23.38 -28.50 -8.22
N LEU A 53 -23.60 -29.63 -7.58
CA LEU A 53 -22.51 -30.54 -7.26
C LEU A 53 -22.86 -31.93 -7.74
N TRP A 54 -21.85 -32.64 -8.24
CA TRP A 54 -21.97 -34.01 -8.71
C TRP A 54 -20.99 -34.85 -7.92
N THR A 55 -21.46 -35.96 -7.35
CA THR A 55 -20.64 -36.73 -6.42
C THR A 55 -20.28 -38.10 -6.99
N ASP A 56 -19.59 -38.89 -6.17
CA ASP A 56 -19.30 -40.30 -6.45
C ASP A 56 -19.94 -41.20 -5.41
N GLY A 57 -20.95 -40.71 -4.70
CA GLY A 57 -21.75 -41.54 -3.83
C GLY A 57 -21.05 -42.06 -2.61
N THR A 58 -19.95 -41.43 -2.19
CA THR A 58 -19.22 -41.85 -1.01
C THR A 58 -19.60 -41.07 0.25
N TRP A 59 -20.45 -40.05 0.14
CA TRP A 59 -20.84 -39.25 1.29
C TRP A 59 -22.26 -39.60 1.71
N ARG A 60 -22.44 -39.81 3.02
CA ARG A 60 -23.76 -40.13 3.55
C ARG A 60 -24.47 -38.84 3.95
N ALA A 61 -25.54 -38.49 3.20
CA ALA A 61 -26.41 -37.35 3.49
C ALA A 61 -27.04 -37.54 4.87
N PRO A 62 -27.67 -36.52 5.45
CA PRO A 62 -28.19 -36.69 6.82
C PRO A 62 -29.44 -37.54 6.87
N ASP A 63 -30.17 -37.65 5.75
CA ASP A 63 -31.30 -38.55 5.66
C ASP A 63 -30.88 -40.00 5.56
N GLY A 64 -29.59 -40.28 5.42
CA GLY A 64 -29.08 -41.61 5.28
C GLY A 64 -28.67 -41.96 3.87
N SER A 65 -29.22 -41.28 2.87
CA SER A 65 -28.93 -41.63 1.48
C SER A 65 -27.56 -41.12 1.06
N HIS A 66 -27.15 -41.56 -0.13
CA HIS A 66 -25.88 -41.16 -0.75
C HIS A 66 -26.19 -40.46 -2.07
N PRO A 67 -26.40 -39.15 -2.04
CA PRO A 67 -26.79 -38.44 -3.28
C PRO A 67 -25.64 -38.34 -4.25
N GLU A 68 -25.98 -38.43 -5.54
CA GLU A 68 -25.01 -38.32 -6.61
C GLU A 68 -25.06 -36.97 -7.30
N VAL A 69 -26.20 -36.29 -7.24
CA VAL A 69 -26.33 -34.95 -7.80
C VAL A 69 -27.08 -34.10 -6.78
N ILE A 70 -26.42 -33.06 -6.29
CA ILE A 70 -26.94 -32.14 -5.29
C ILE A 70 -27.26 -30.80 -5.95
N THR A 71 -28.46 -30.30 -5.71
CA THR A 71 -28.80 -28.97 -6.21
C THR A 71 -28.39 -27.92 -5.19
N LEU A 72 -28.42 -26.66 -5.64
CA LEU A 72 -27.98 -25.55 -4.79
C LEU A 72 -28.78 -25.49 -3.49
N GLY A 73 -30.11 -25.61 -3.58
CA GLY A 73 -30.94 -25.55 -2.38
C GLY A 73 -30.72 -26.73 -1.46
N GLU A 74 -30.56 -27.93 -2.02
CA GLU A 74 -30.21 -29.08 -1.18
C GLU A 74 -28.91 -28.82 -0.46
N LEU A 75 -27.95 -28.21 -1.16
CA LEU A 75 -26.65 -27.89 -0.57
C LEU A 75 -26.79 -26.91 0.58
N TYR A 76 -27.68 -25.92 0.47
CA TYR A 76 -27.99 -25.06 1.60
C TYR A 76 -28.41 -25.91 2.79
N GLU A 77 -29.28 -26.89 2.52
CA GLU A 77 -29.91 -27.70 3.56
C GLU A 77 -28.89 -28.60 4.26
N TYR A 78 -27.99 -29.24 3.50
CA TYR A 78 -27.00 -30.08 4.15
C TYR A 78 -26.05 -29.24 5.01
N VAL A 79 -25.47 -28.19 4.41
CA VAL A 79 -24.49 -27.36 5.10
C VAL A 79 -25.12 -26.70 6.31
N GLU A 80 -26.38 -26.31 6.22
CA GLU A 80 -27.09 -25.79 7.39
C GLU A 80 -27.17 -26.83 8.50
N THR A 81 -27.54 -28.06 8.14
CA THR A 81 -27.65 -29.12 9.14
C THR A 81 -26.31 -29.38 9.81
N TYR A 82 -25.26 -29.58 9.01
CA TYR A 82 -23.94 -29.80 9.59
C TYR A 82 -23.50 -28.61 10.43
N ALA A 83 -23.89 -27.40 10.04
CA ALA A 83 -23.58 -26.23 10.86
C ALA A 83 -24.27 -26.32 12.21
N GLY A 84 -25.60 -26.44 12.20
CA GLY A 84 -26.33 -26.61 13.44
C GLY A 84 -25.78 -27.71 14.32
N PHE A 85 -25.43 -28.85 13.70
CA PHE A 85 -24.90 -29.97 14.47
C PHE A 85 -23.58 -29.59 15.15
N TYR A 86 -22.60 -29.13 14.38
CA TYR A 86 -21.34 -28.75 15.00
C TYR A 86 -21.53 -27.66 16.04
N HIS A 87 -22.51 -26.78 15.81
CA HIS A 87 -22.83 -25.79 16.82
C HIS A 87 -23.31 -26.45 18.09
N GLY A 88 -24.16 -27.47 17.95
CA GLY A 88 -24.63 -28.21 19.11
C GLY A 88 -23.52 -28.91 19.86
N LYS A 89 -22.47 -29.32 19.15
CA LYS A 89 -21.29 -29.88 19.80
C LYS A 89 -20.41 -28.83 20.46
N GLY A 90 -20.88 -27.59 20.55
CA GLY A 90 -20.17 -26.53 21.26
C GLY A 90 -19.15 -25.79 20.46
N ILE A 91 -19.22 -25.83 19.13
CA ILE A 91 -18.17 -25.26 18.30
C ILE A 91 -18.43 -23.77 18.13
N ARG A 92 -17.42 -22.97 18.43
CA ARG A 92 -17.46 -21.52 18.40
C ARG A 92 -16.53 -20.99 17.31
N PRO A 93 -16.61 -19.71 16.98
CA PRO A 93 -15.67 -19.14 16.01
C PRO A 93 -14.24 -19.24 16.51
N ARG A 94 -13.36 -19.63 15.60
CA ARG A 94 -11.90 -19.84 15.76
C ARG A 94 -11.54 -21.17 16.42
N ASP A 95 -12.48 -22.11 16.60
CA ASP A 95 -12.13 -23.49 16.93
C ASP A 95 -11.66 -24.23 15.70
N VAL A 96 -10.77 -25.19 15.91
CA VAL A 96 -10.40 -26.14 14.86
C VAL A 96 -11.29 -27.36 14.97
N VAL A 97 -11.75 -27.86 13.83
CA VAL A 97 -12.47 -29.12 13.76
C VAL A 97 -11.79 -29.95 12.66
N GLY A 98 -11.31 -31.14 13.02
CA GLY A 98 -10.58 -31.95 12.07
C GLY A 98 -11.49 -32.73 11.15
N VAL A 99 -11.00 -32.99 9.94
CA VAL A 99 -11.74 -33.74 8.93
C VAL A 99 -10.80 -34.80 8.38
N LEU A 100 -11.02 -36.06 8.79
CA LEU A 100 -10.22 -37.22 8.37
C LEU A 100 -11.13 -38.20 7.63
N THR A 101 -11.09 -38.16 6.30
CA THR A 101 -11.98 -38.95 5.46
C THR A 101 -11.32 -39.17 4.11
N ALA A 102 -11.88 -40.11 3.35
CA ALA A 102 -11.44 -40.33 1.99
C ALA A 102 -12.40 -39.79 0.94
N SER A 103 -13.59 -39.34 1.35
CA SER A 103 -14.61 -38.89 0.40
C SER A 103 -14.47 -37.39 0.12
N SER A 104 -14.14 -37.04 -1.14
CA SER A 104 -13.99 -35.63 -1.49
C SER A 104 -15.25 -34.83 -1.19
N THR A 105 -16.43 -35.43 -1.44
CA THR A 105 -17.66 -34.73 -1.11
C THR A 105 -17.84 -34.57 0.40
N GLU A 106 -17.25 -35.46 1.19
CA GLU A 106 -17.40 -35.31 2.64
C GLU A 106 -16.51 -34.19 3.15
N PHE A 107 -15.28 -34.14 2.65
CA PHE A 107 -14.46 -32.95 2.84
C PHE A 107 -15.24 -31.69 2.51
N ALA A 108 -15.98 -31.70 1.40
CA ALA A 108 -16.63 -30.48 0.94
C ALA A 108 -17.68 -29.99 1.94
N ILE A 109 -18.69 -30.82 2.22
CA ILE A 109 -19.78 -30.42 3.09
C ILE A 109 -19.25 -29.95 4.45
N ASN A 110 -18.30 -30.69 5.03
CA ASN A 110 -17.76 -30.28 6.32
C ASN A 110 -17.02 -28.96 6.21
N PHE A 111 -16.37 -28.70 5.07
CA PHE A 111 -15.61 -27.46 4.87
C PHE A 111 -16.51 -26.23 4.93
N MET A 112 -17.64 -26.29 4.25
CA MET A 112 -18.50 -25.11 4.22
C MET A 112 -19.31 -24.97 5.50
N ALA A 113 -19.76 -26.10 6.05
CA ALA A 113 -20.54 -26.00 7.27
C ALA A 113 -19.67 -25.63 8.47
N ILE A 114 -18.42 -26.10 8.50
CA ILE A 114 -17.56 -25.68 9.60
C ILE A 114 -17.18 -24.21 9.41
N ASN A 115 -16.83 -23.82 8.17
CA ASN A 115 -16.54 -22.41 7.85
C ASN A 115 -17.67 -21.47 8.25
N SER A 116 -18.92 -21.88 8.00
CA SER A 116 -20.09 -21.05 8.24
C SER A 116 -20.28 -20.72 9.70
N LEU A 117 -19.46 -21.29 10.59
CA LEU A 117 -19.51 -21.02 12.02
C LEU A 117 -18.32 -20.21 12.50
N GLY A 118 -17.41 -19.83 11.61
CA GLY A 118 -16.17 -19.20 12.02
C GLY A 118 -15.11 -20.17 12.46
N ALA A 119 -15.45 -21.45 12.65
CA ALA A 119 -14.47 -22.47 12.97
C ALA A 119 -13.67 -22.85 11.73
N ILE A 120 -12.47 -23.35 11.98
CA ILE A 120 -11.50 -23.67 10.94
C ILE A 120 -11.54 -25.17 10.71
N PRO A 121 -12.12 -25.66 9.61
CA PRO A 121 -12.02 -27.09 9.33
C PRO A 121 -10.58 -27.44 8.99
N SER A 122 -10.12 -28.61 9.44
CA SER A 122 -8.73 -29.03 9.23
C SER A 122 -8.69 -30.38 8.51
N PHE A 123 -8.27 -30.35 7.24
CA PHE A 123 -8.26 -31.52 6.38
C PHE A 123 -7.05 -32.37 6.69
N ALA A 124 -7.25 -33.70 6.69
CA ALA A 124 -6.19 -34.68 6.89
C ALA A 124 -6.43 -35.89 5.98
N ASN A 125 -5.35 -36.39 5.36
CA ASN A 125 -5.48 -37.47 4.38
C ASN A 125 -5.80 -38.78 5.07
N ALA A 126 -6.92 -39.40 4.67
CA ALA A 126 -7.35 -40.66 5.30
C ALA A 126 -6.21 -41.67 5.37
N LYS A 127 -5.54 -41.90 4.25
CA LYS A 127 -4.46 -42.90 4.18
C LYS A 127 -3.23 -42.50 4.97
N LEU A 128 -3.21 -41.42 5.74
CA LEU A 128 -2.06 -41.13 6.58
C LEU A 128 -1.90 -42.21 7.64
N ARG A 129 -0.66 -42.47 8.03
CA ARG A 129 -0.43 -43.53 9.01
C ARG A 129 -1.09 -43.17 10.33
N PRO A 130 -1.72 -44.14 11.02
CA PRO A 130 -2.43 -43.85 12.27
C PRO A 130 -1.72 -42.95 13.27
N GLU A 131 -0.46 -43.22 13.60
CA GLU A 131 0.19 -42.37 14.59
C GLU A 131 0.33 -40.95 14.07
N ILE A 132 0.48 -40.79 12.76
CA ILE A 132 0.76 -39.48 12.19
C ILE A 132 -0.50 -38.62 12.21
N ALA A 133 -1.59 -39.17 11.67
CA ALA A 133 -2.87 -38.47 11.68
C ALA A 133 -3.25 -37.99 13.08
N ARG A 134 -3.19 -38.89 14.05
CA ARG A 134 -3.59 -38.54 15.42
C ARG A 134 -2.70 -37.44 15.98
N GLU A 135 -1.40 -37.50 15.73
CA GLU A 135 -0.55 -36.46 16.27
C GLU A 135 -0.78 -35.14 15.55
N TYR A 136 -0.74 -35.15 14.20
CA TYR A 136 -0.94 -33.92 13.42
C TYR A 136 -2.20 -33.17 13.86
N ILE A 137 -3.31 -33.88 14.09
CA ILE A 137 -4.54 -33.20 14.50
C ILE A 137 -4.44 -32.74 15.95
N ARG A 138 -3.67 -33.45 16.77
CA ARG A 138 -3.64 -33.12 18.19
C ARG A 138 -2.85 -31.85 18.46
N ARG A 139 -1.72 -31.66 17.76
CA ARG A 139 -0.94 -30.45 17.96
C ARG A 139 -1.63 -29.21 17.43
N GLN A 140 -2.75 -29.34 16.73
CA GLN A 140 -3.40 -28.14 16.23
C GLN A 140 -4.25 -27.48 17.29
N GLY A 141 -4.67 -28.23 18.31
CA GLY A 141 -5.64 -27.73 19.27
C GLY A 141 -7.08 -27.98 18.91
N ALA A 142 -7.38 -28.99 18.09
CA ALA A 142 -8.73 -29.17 17.55
C ALA A 142 -9.75 -29.50 18.64
N SER A 143 -10.90 -28.82 18.57
CA SER A 143 -12.00 -29.03 19.50
C SER A 143 -12.69 -30.37 19.34
N GLY A 144 -12.39 -31.10 18.26
CA GLY A 144 -13.20 -32.24 17.86
C GLY A 144 -12.76 -32.69 16.48
N ALA A 145 -13.56 -33.58 15.89
CA ALA A 145 -13.16 -34.16 14.61
C ALA A 145 -14.25 -35.03 14.01
N VAL A 146 -14.43 -34.97 12.70
CA VAL A 146 -15.36 -35.84 11.99
C VAL A 146 -14.53 -36.82 11.20
N THR A 147 -15.07 -38.02 10.99
CA THR A 147 -14.35 -39.09 10.33
C THR A 147 -15.32 -39.88 9.48
N ASP A 148 -14.81 -40.49 8.40
CA ASP A 148 -15.56 -41.57 7.79
C ASP A 148 -15.31 -42.86 8.56
N THR A 149 -16.29 -43.77 8.51
CA THR A 149 -16.34 -44.91 9.44
C THR A 149 -15.03 -45.71 9.47
N GLU A 150 -14.25 -45.63 8.40
CA GLU A 150 -12.97 -46.33 8.36
C GLU A 150 -11.98 -45.74 9.35
N ARG A 151 -11.71 -44.44 9.26
CA ARG A 151 -10.60 -43.84 9.98
C ARG A 151 -10.97 -43.45 11.41
N HIS A 152 -12.18 -43.81 11.85
CA HIS A 152 -12.67 -43.40 13.17
C HIS A 152 -11.71 -43.78 14.30
N GLU A 153 -11.26 -45.04 14.31
CA GLU A 153 -10.40 -45.50 15.40
C GLU A 153 -9.09 -44.73 15.50
N VAL A 154 -8.71 -43.97 14.46
CA VAL A 154 -7.42 -43.30 14.43
C VAL A 154 -7.40 -42.08 15.36
N LEU A 155 -8.55 -41.42 15.54
CA LEU A 155 -8.66 -40.21 16.33
C LEU A 155 -9.39 -40.40 17.65
N ALA A 156 -10.29 -41.38 17.72
CA ALA A 156 -11.10 -41.60 18.90
C ALA A 156 -10.23 -42.10 20.07
N GLY A 157 -10.82 -42.08 21.27
CA GLY A 157 -10.13 -42.49 22.47
C GLY A 157 -9.05 -41.56 22.97
N GLY A 158 -8.93 -40.35 22.40
CA GLY A 158 -7.87 -39.43 22.79
C GLY A 158 -8.35 -38.20 23.53
N GLU A 159 -7.89 -37.02 23.11
CA GLU A 159 -8.25 -35.77 23.77
C GLU A 159 -9.33 -34.98 23.06
N LEU A 160 -9.66 -35.33 21.82
CA LEU A 160 -10.68 -34.60 21.08
C LEU A 160 -12.01 -34.62 21.83
N GLY A 161 -12.62 -33.45 21.96
CA GLY A 161 -13.92 -33.42 22.62
C GLY A 161 -14.96 -34.30 21.96
N PHE A 162 -14.81 -34.60 20.68
CA PHE A 162 -15.70 -35.56 20.04
C PHE A 162 -14.99 -36.15 18.83
N VAL A 163 -15.51 -37.29 18.37
CA VAL A 163 -15.10 -37.92 17.12
C VAL A 163 -16.35 -38.56 16.53
N VAL A 164 -16.79 -38.09 15.38
CA VAL A 164 -18.12 -38.39 14.87
C VAL A 164 -18.02 -38.88 13.41
N THR A 165 -19.17 -39.28 12.86
CA THR A 165 -19.27 -39.71 11.48
C THR A 165 -20.61 -39.23 10.94
N ALA A 166 -20.81 -39.41 9.63
CA ALA A 166 -21.96 -38.79 8.99
C ALA A 166 -23.28 -39.18 9.69
N GLU A 167 -23.42 -40.45 10.06
CA GLU A 167 -24.66 -40.92 10.68
C GLU A 167 -24.97 -40.17 11.98
N ASP A 168 -23.93 -39.68 12.66
CA ASP A 168 -24.18 -38.91 13.88
C ASP A 168 -24.89 -37.59 13.63
N ILE A 169 -25.21 -37.23 12.38
CA ILE A 169 -25.75 -35.93 12.03
C ILE A 169 -27.09 -36.18 11.36
N ARG A 170 -28.13 -36.08 12.10
CA ARG A 170 -29.45 -36.33 11.57
C ARG A 170 -30.12 -35.02 11.18
N PRO A 171 -31.12 -35.10 10.30
CA PRO A 171 -31.89 -33.90 9.92
C PRO A 171 -32.21 -32.96 11.08
N GLU A 172 -32.58 -33.54 12.22
CA GLU A 172 -32.95 -32.78 13.40
C GLU A 172 -31.91 -31.70 13.73
N HIS A 173 -30.63 -32.00 13.52
CA HIS A 173 -29.59 -31.06 13.90
C HIS A 173 -29.67 -29.76 13.14
N ARG A 174 -30.46 -29.71 12.06
CA ARG A 174 -30.64 -28.47 11.32
C ARG A 174 -31.27 -27.40 12.20
N ALA A 175 -32.17 -27.79 13.10
CA ALA A 175 -32.80 -26.77 13.91
C ALA A 175 -31.86 -26.16 14.94
N GLN A 176 -30.65 -26.71 15.08
CA GLN A 176 -29.67 -26.17 16.02
C GLN A 176 -28.97 -24.91 15.50
N LEU A 177 -29.25 -24.47 14.27
CA LEU A 177 -28.52 -23.39 13.59
C LEU A 177 -28.49 -22.13 14.46
N PRO A 178 -27.32 -21.62 14.81
CA PRO A 178 -27.25 -20.44 15.68
C PRO A 178 -27.79 -19.20 15.00
N GLN A 179 -28.46 -18.36 15.79
CA GLN A 179 -28.92 -17.07 15.30
C GLN A 179 -27.72 -16.21 14.87
N GLY A 180 -27.89 -15.52 13.76
CA GLY A 180 -26.81 -14.76 13.17
C GLY A 180 -26.05 -15.50 12.09
N TRP A 181 -26.43 -16.75 11.81
CA TRP A 181 -25.72 -17.53 10.83
C TRP A 181 -26.01 -16.99 9.42
N PRO A 182 -25.01 -17.04 8.52
CA PRO A 182 -23.67 -17.59 8.68
C PRO A 182 -22.64 -16.53 9.02
N TYR A 183 -21.40 -16.95 9.26
CA TYR A 183 -20.36 -16.08 9.78
C TYR A 183 -19.98 -15.02 8.75
N ARG A 184 -19.50 -13.87 9.24
CA ARG A 184 -19.02 -12.77 8.40
C ARG A 184 -17.50 -12.71 8.56
N HIS A 185 -16.78 -13.32 7.63
CA HIS A 185 -15.33 -13.48 7.75
C HIS A 185 -14.60 -12.19 7.48
N ASP A 186 -13.56 -11.93 8.26
CA ASP A 186 -12.63 -10.90 7.82
C ASP A 186 -11.63 -11.49 6.81
N PRO A 187 -11.22 -10.70 5.82
CA PRO A 187 -10.22 -11.17 4.84
C PRO A 187 -9.14 -12.06 5.45
N THR A 188 -8.69 -11.70 6.64
CA THR A 188 -7.57 -12.37 7.28
C THR A 188 -8.00 -13.40 8.32
N ASP A 189 -9.29 -13.71 8.41
CA ASP A 189 -9.70 -14.84 9.23
C ASP A 189 -9.41 -16.17 8.53
N PRO A 190 -9.07 -17.22 9.28
CA PRO A 190 -8.78 -18.52 8.68
C PRO A 190 -10.04 -19.29 8.32
N ILE A 191 -9.96 -20.03 7.20
CA ILE A 191 -11.09 -20.83 6.74
C ILE A 191 -10.71 -22.27 6.43
N ILE A 192 -9.43 -22.64 6.53
CA ILE A 192 -9.04 -24.02 6.28
C ILE A 192 -7.69 -24.27 6.93
N ILE A 193 -7.42 -25.53 7.27
CA ILE A 193 -6.05 -26.01 7.40
C ILE A 193 -5.95 -27.26 6.54
N SER A 194 -4.77 -27.46 5.93
CA SER A 194 -4.55 -28.66 5.13
C SER A 194 -3.04 -28.88 5.06
N HIS A 195 -2.64 -30.12 4.77
CA HIS A 195 -1.22 -30.42 4.70
C HIS A 195 -0.81 -30.76 3.27
N SER A 196 0.50 -30.88 3.07
CA SER A 196 1.06 -31.23 1.76
C SER A 196 0.90 -32.73 1.51
N SER A 197 1.63 -33.26 0.53
CA SER A 197 1.47 -34.66 0.11
C SER A 197 2.84 -35.32 -0.09
N GLY A 198 3.64 -35.33 0.98
CA GLY A 198 4.90 -36.06 0.99
C GLY A 198 5.25 -36.41 2.43
N THR A 199 5.32 -37.69 2.75
CA THR A 199 5.48 -38.07 4.16
C THR A 199 6.89 -37.75 4.64
N THR A 200 7.18 -36.44 4.71
CA THR A 200 8.36 -35.90 5.35
C THR A 200 8.17 -36.04 6.87
N GLY A 201 7.90 -37.29 7.30
CA GLY A 201 7.52 -37.59 8.66
C GLY A 201 6.16 -37.03 9.07
N MET A 202 6.19 -35.88 9.73
CA MET A 202 4.99 -35.20 10.19
C MET A 202 4.67 -34.08 9.22
N PRO A 203 3.54 -34.12 8.53
CA PRO A 203 3.20 -33.03 7.61
C PRO A 203 3.03 -31.70 8.35
N LYS A 204 3.21 -30.61 7.60
CA LYS A 204 3.08 -29.26 8.14
C LYS A 204 1.65 -28.76 7.96
N ALA A 205 1.08 -28.20 9.03
CA ALA A 205 -0.28 -27.69 8.95
C ALA A 205 -0.28 -26.31 8.28
N VAL A 206 -0.98 -26.19 7.17
CA VAL A 206 -0.99 -24.95 6.39
C VAL A 206 -2.38 -24.32 6.50
N PRO A 207 -2.50 -23.15 7.11
CA PRO A 207 -3.78 -22.46 7.19
C PRO A 207 -3.99 -21.55 6.01
N HIS A 208 -5.27 -21.34 5.66
CA HIS A 208 -5.60 -20.33 4.66
C HIS A 208 -6.82 -19.52 5.07
N THR A 209 -6.76 -18.24 4.76
CA THR A 209 -7.73 -17.26 5.17
C THR A 209 -8.80 -17.06 4.12
N HIS A 210 -9.90 -16.43 4.56
CA HIS A 210 -11.02 -15.99 3.72
C HIS A 210 -10.55 -15.37 2.41
N GLN A 211 -9.43 -14.68 2.46
CA GLN A 211 -8.94 -13.96 1.31
C GLN A 211 -7.94 -14.74 0.46
N THR A 212 -7.02 -15.49 1.08
CA THR A 212 -5.94 -16.08 0.29
C THR A 212 -6.44 -17.23 -0.59
N LEU A 213 -7.38 -18.05 -0.10
CA LEU A 213 -7.72 -19.27 -0.84
C LEU A 213 -8.32 -18.95 -2.19
N LEU A 214 -9.19 -17.95 -2.25
CA LEU A 214 -9.86 -17.60 -3.49
C LEU A 214 -9.26 -16.39 -4.19
N TYR A 215 -8.10 -15.89 -3.73
CA TYR A 215 -7.54 -14.67 -4.31
C TYR A 215 -7.32 -14.84 -5.79
N ALA A 216 -6.53 -15.83 -6.18
CA ALA A 216 -6.25 -16.05 -7.60
C ALA A 216 -7.54 -16.16 -8.40
N GLN A 217 -8.43 -17.05 -7.98
CA GLN A 217 -9.74 -17.16 -8.63
C GLN A 217 -10.41 -15.80 -8.81
N LEU A 218 -10.55 -15.03 -7.73
CA LEU A 218 -11.31 -13.77 -7.82
C LEU A 218 -10.56 -12.72 -8.62
N HIS A 219 -9.22 -12.81 -8.66
CA HIS A 219 -8.42 -11.87 -9.44
C HIS A 219 -8.60 -12.12 -10.92
N ARG A 220 -8.70 -13.38 -11.32
CA ARG A 220 -8.97 -13.69 -12.73
C ARG A 220 -10.43 -13.42 -13.08
N LEU A 221 -11.33 -13.50 -12.12
CA LEU A 221 -12.72 -13.16 -12.41
C LEU A 221 -12.87 -11.67 -12.61
N LYS A 222 -12.13 -10.87 -11.86
CA LYS A 222 -12.17 -9.42 -12.03
C LYS A 222 -11.56 -8.99 -13.36
N LEU A 223 -10.73 -9.83 -13.99
CA LEU A 223 -10.14 -9.49 -15.28
C LEU A 223 -10.64 -10.37 -16.42
N SER A 224 -11.72 -11.14 -16.20
CA SER A 224 -12.36 -11.94 -17.25
C SER A 224 -11.41 -12.95 -17.88
N VAL A 225 -10.24 -13.15 -17.27
CA VAL A 225 -9.29 -14.14 -17.75
C VAL A 225 -9.82 -15.54 -17.46
N GLY A 226 -9.61 -16.45 -18.40
CA GLY A 226 -10.11 -17.80 -18.28
C GLY A 226 -10.75 -18.28 -19.56
N GLY A 227 -11.89 -18.94 -19.42
CA GLY A 227 -12.60 -19.54 -20.54
C GLY A 227 -12.42 -21.05 -20.56
N SER A 228 -13.41 -21.74 -21.14
CA SER A 228 -13.40 -23.20 -21.26
C SER A 228 -13.40 -23.89 -19.90
N MET A 229 -14.22 -23.37 -18.99
CA MET A 229 -14.48 -24.04 -17.74
C MET A 229 -15.99 -24.18 -17.63
N GLY A 230 -16.53 -25.03 -18.49
CA GLY A 230 -17.94 -25.35 -18.45
C GLY A 230 -18.21 -26.40 -17.40
N ARG A 231 -17.58 -27.56 -17.52
CA ARG A 231 -17.81 -28.67 -16.61
C ARG A 231 -16.48 -29.08 -16.02
N LEU A 232 -16.36 -28.98 -14.70
CA LEU A 232 -15.11 -29.23 -13.99
C LEU A 232 -15.17 -30.60 -13.32
N LEU A 233 -14.21 -31.46 -13.66
CA LEU A 233 -14.04 -32.76 -13.01
C LEU A 233 -12.85 -32.64 -12.06
N VAL A 234 -13.15 -32.56 -10.77
CA VAL A 234 -12.14 -32.37 -9.74
C VAL A 234 -11.74 -33.74 -9.22
N ALA A 235 -10.61 -34.25 -9.68
CA ALA A 235 -10.03 -35.50 -9.21
C ALA A 235 -8.86 -35.28 -8.27
N LEU A 236 -8.75 -34.07 -7.72
CA LEU A 236 -7.67 -33.80 -6.80
C LEU A 236 -7.92 -34.50 -5.46
N PRO A 237 -6.85 -34.85 -4.73
CA PRO A 237 -7.03 -35.39 -3.38
C PRO A 237 -7.80 -34.42 -2.48
N GLY A 238 -9.05 -34.76 -2.13
CA GLY A 238 -9.92 -33.88 -1.40
C GLY A 238 -9.33 -33.22 -0.17
N ASN A 239 -8.30 -33.84 0.42
CA ASN A 239 -7.68 -33.29 1.62
C ASN A 239 -6.79 -32.08 1.35
N HIS A 240 -6.66 -31.67 0.09
CA HIS A 240 -5.75 -30.61 -0.31
C HIS A 240 -6.52 -29.36 -0.74
N ASN A 241 -6.09 -28.19 -0.24
CA ASN A 241 -6.91 -26.99 -0.31
C ASN A 241 -7.38 -26.68 -1.73
N ALA A 242 -6.58 -27.09 -2.73
CA ALA A 242 -6.90 -26.83 -4.13
C ALA A 242 -8.23 -27.46 -4.54
N ALA A 243 -8.56 -28.62 -3.96
CA ALA A 243 -9.87 -29.22 -4.21
C ALA A 243 -11.00 -28.26 -3.87
N MET A 244 -10.82 -27.49 -2.80
CA MET A 244 -11.87 -26.54 -2.41
C MET A 244 -11.80 -25.25 -3.22
N SER A 245 -10.59 -24.73 -3.46
CA SER A 245 -10.40 -23.69 -4.46
C SER A 245 -11.29 -23.98 -5.66
N VAL A 246 -11.02 -25.11 -6.33
CA VAL A 246 -11.62 -25.37 -7.64
C VAL A 246 -13.12 -25.59 -7.53
N MET A 247 -13.56 -26.34 -6.53
CA MET A 247 -15.00 -26.52 -6.39
C MET A 247 -15.71 -25.17 -6.24
N MET A 248 -15.25 -24.35 -5.30
CA MET A 248 -15.89 -23.06 -5.05
C MET A 248 -15.82 -22.16 -6.26
N PHE A 249 -14.67 -22.11 -6.92
CA PHE A 249 -14.60 -21.34 -8.14
C PHE A 249 -15.68 -21.77 -9.12
N GLY A 250 -15.87 -23.08 -9.28
CA GLY A 250 -16.91 -23.56 -10.18
C GLY A 250 -18.30 -23.15 -9.73
N LEU A 251 -18.61 -23.36 -8.45
CA LEU A 251 -19.87 -22.87 -7.89
C LEU A 251 -20.12 -21.42 -8.27
N LEU A 252 -19.10 -20.57 -8.11
CA LEU A 252 -19.24 -19.16 -8.43
C LEU A 252 -19.56 -18.94 -9.91
N LEU A 253 -18.77 -19.55 -10.81
CA LEU A 253 -19.04 -19.48 -12.25
C LEU A 253 -20.39 -20.07 -12.64
N ASP A 254 -21.05 -20.82 -11.75
CA ASP A 254 -22.23 -21.61 -12.08
C ASP A 254 -21.88 -22.66 -13.13
N SER A 255 -20.82 -23.41 -12.85
CA SER A 255 -20.30 -24.44 -13.74
C SER A 255 -20.34 -25.78 -13.03
N PRO A 256 -21.04 -26.78 -13.57
CA PRO A 256 -21.08 -28.09 -12.91
C PRO A 256 -19.71 -28.55 -12.47
N VAL A 257 -19.63 -29.00 -11.22
CA VAL A 257 -18.44 -29.58 -10.63
C VAL A 257 -18.74 -31.01 -10.23
N TYR A 258 -17.74 -31.90 -10.40
CA TYR A 258 -17.83 -33.30 -10.03
C TYR A 258 -16.72 -33.64 -9.05
N LEU A 259 -17.06 -34.28 -7.94
CA LEU A 259 -16.12 -34.48 -6.84
C LEU A 259 -15.64 -35.93 -6.82
N GLN A 260 -14.77 -36.25 -7.77
CA GLN A 260 -14.16 -37.58 -7.84
C GLN A 260 -13.17 -37.78 -6.70
N SER A 261 -13.35 -38.86 -5.92
CA SER A 261 -12.53 -39.05 -4.72
C SER A 261 -11.28 -39.88 -4.98
N SER A 262 -11.36 -40.88 -5.86
CA SER A 262 -10.22 -41.75 -6.11
C SER A 262 -9.44 -41.27 -7.32
N GLN A 263 -8.12 -41.41 -7.24
CA GLN A 263 -7.20 -41.03 -8.30
C GLN A 263 -6.71 -42.23 -9.09
N ARG A 264 -7.43 -43.36 -9.01
CA ARG A 264 -7.24 -44.48 -9.93
C ARG A 264 -7.51 -44.03 -11.35
N GLY A 265 -6.48 -44.09 -12.20
CA GLY A 265 -6.61 -43.73 -13.60
C GLY A 265 -7.92 -44.23 -14.19
N SER A 266 -8.23 -45.49 -13.88
CA SER A 266 -9.50 -46.07 -14.29
C SER A 266 -10.68 -45.26 -13.79
N ASP A 267 -10.74 -45.00 -12.48
CA ASP A 267 -11.90 -44.31 -11.93
C ASP A 267 -12.06 -42.94 -12.55
N VAL A 268 -10.95 -42.18 -12.63
CA VAL A 268 -11.05 -40.83 -13.21
C VAL A 268 -11.55 -40.92 -14.65
N LEU A 269 -11.13 -41.96 -15.36
CA LEU A 269 -11.56 -42.17 -16.73
C LEU A 269 -13.06 -42.47 -16.81
N ASP A 270 -13.56 -43.36 -15.95
CA ASP A 270 -15.01 -43.57 -15.87
C ASP A 270 -15.73 -42.26 -15.60
N ALA A 271 -15.10 -41.39 -14.82
CA ALA A 271 -15.67 -40.08 -14.56
C ALA A 271 -15.70 -39.22 -15.82
N ILE A 272 -14.61 -39.23 -16.60
CA ILE A 272 -14.60 -38.47 -17.85
C ILE A 272 -15.74 -38.91 -18.75
N GLU A 273 -16.11 -40.20 -18.72
CA GLU A 273 -17.17 -40.68 -19.58
C GLU A 273 -18.56 -40.39 -19.02
N LYS A 274 -18.73 -40.44 -17.69
CA LYS A 274 -20.02 -40.12 -17.11
C LYS A 274 -20.27 -38.60 -17.10
N PHE A 275 -19.30 -37.84 -16.59
CA PHE A 275 -19.54 -36.42 -16.34
C PHE A 275 -19.36 -35.57 -17.58
N LYS A 276 -18.55 -36.05 -18.55
CA LYS A 276 -18.20 -35.31 -19.75
C LYS A 276 -17.66 -33.93 -19.36
N PRO A 277 -16.48 -33.83 -18.77
CA PRO A 277 -15.98 -32.54 -18.30
C PRO A 277 -15.20 -31.79 -19.37
N THR A 278 -15.32 -30.45 -19.32
CA THR A 278 -14.51 -29.59 -20.18
C THR A 278 -13.12 -29.37 -19.61
N THR A 279 -12.99 -29.28 -18.29
CA THR A 279 -11.71 -29.10 -17.64
C THR A 279 -11.52 -30.20 -16.60
N VAL A 280 -10.30 -30.72 -16.50
CA VAL A 280 -9.98 -31.80 -15.58
C VAL A 280 -8.82 -31.40 -14.69
N PHE A 281 -8.96 -31.64 -13.38
CA PHE A 281 -7.97 -31.24 -12.38
C PHE A 281 -7.50 -32.47 -11.62
N GLY A 282 -6.18 -32.68 -11.57
CA GLY A 282 -5.68 -33.80 -10.82
C GLY A 282 -4.22 -33.62 -10.46
N PHE A 283 -3.68 -34.62 -9.78
CA PHE A 283 -2.27 -34.75 -9.44
C PHE A 283 -1.58 -35.60 -10.49
N SER A 284 -0.24 -35.48 -10.55
CA SER A 284 0.53 -36.05 -11.64
C SER A 284 0.36 -37.55 -11.77
N GLY A 285 0.26 -38.25 -10.64
CA GLY A 285 0.12 -39.70 -10.70
C GLY A 285 -1.08 -40.14 -11.51
N THR A 286 -2.21 -39.47 -11.32
CA THR A 286 -3.41 -39.79 -12.08
C THR A 286 -3.14 -39.67 -13.58
N TYR A 287 -2.66 -38.52 -14.03
CA TYR A 287 -2.35 -38.35 -15.45
C TYR A 287 -1.36 -39.39 -15.93
N GLY A 288 -0.33 -39.69 -15.12
CA GLY A 288 0.64 -40.71 -15.49
C GLY A 288 0.02 -42.07 -15.77
N GLN A 289 -1.04 -42.43 -15.03
CA GLN A 289 -1.73 -43.69 -15.28
C GLN A 289 -2.69 -43.60 -16.44
N ILE A 290 -3.42 -42.48 -16.55
CA ILE A 290 -4.43 -42.37 -17.60
C ILE A 290 -3.76 -42.33 -18.96
N ALA A 291 -2.59 -41.68 -19.05
CA ALA A 291 -1.90 -41.59 -20.33
C ALA A 291 -1.49 -42.97 -20.83
N THR A 292 -1.06 -43.84 -19.91
CA THR A 292 -0.58 -45.18 -20.24
C THR A 292 -1.69 -46.21 -20.30
N SER A 293 -2.91 -45.80 -20.59
CA SER A 293 -4.03 -46.73 -20.71
C SER A 293 -4.26 -47.04 -22.19
N ASP A 294 -5.31 -47.81 -22.47
CA ASP A 294 -5.82 -47.92 -23.84
C ASP A 294 -6.82 -46.78 -24.01
N LEU A 295 -6.33 -45.66 -24.52
CA LEU A 295 -7.21 -44.51 -24.71
C LEU A 295 -8.18 -44.71 -25.88
N SER A 296 -8.05 -45.80 -26.64
CA SER A 296 -8.95 -46.06 -27.76
C SER A 296 -10.34 -46.45 -27.31
N THR A 297 -10.45 -47.07 -26.13
CA THR A 297 -11.76 -47.49 -25.64
C THR A 297 -12.58 -46.33 -25.07
N ARG A 298 -11.93 -45.19 -24.78
CA ARG A 298 -12.46 -44.15 -23.92
C ARG A 298 -13.11 -43.01 -24.72
N ASP A 299 -14.07 -42.32 -24.11
CA ASP A 299 -14.81 -41.22 -24.73
C ASP A 299 -14.42 -39.90 -24.09
N MET A 300 -13.50 -39.19 -24.73
CA MET A 300 -12.98 -37.93 -24.20
C MET A 300 -13.30 -36.75 -25.11
N SER A 301 -14.35 -36.88 -25.93
CA SER A 301 -14.72 -35.79 -26.82
C SER A 301 -15.10 -34.53 -26.07
N SER A 302 -15.06 -34.51 -24.74
CA SER A 302 -15.37 -33.33 -23.93
C SER A 302 -14.12 -32.54 -23.54
N ILE A 303 -13.01 -33.23 -23.25
CA ILE A 303 -11.86 -32.59 -22.63
C ILE A 303 -11.27 -31.52 -23.53
N GLU A 304 -11.17 -30.30 -23.01
CA GLU A 304 -10.47 -29.19 -23.64
C GLU A 304 -9.18 -28.82 -22.92
N ALA A 305 -9.11 -29.08 -21.61
CA ALA A 305 -8.04 -28.57 -20.79
C ALA A 305 -7.80 -29.50 -19.61
N TYR A 306 -6.53 -29.58 -19.20
CA TYR A 306 -6.07 -30.27 -18.02
C TYR A 306 -5.34 -29.30 -17.09
N TYR A 307 -5.42 -29.58 -15.78
CA TYR A 307 -4.65 -28.88 -14.75
C TYR A 307 -4.01 -29.89 -13.83
N ASN A 308 -2.72 -29.70 -13.58
CA ASN A 308 -1.90 -30.64 -12.87
C ASN A 308 -1.05 -29.90 -11.84
N THR A 309 -1.06 -30.36 -10.60
CA THR A 309 -0.27 -29.76 -9.53
C THR A 309 0.39 -30.86 -8.71
N GLY A 310 1.23 -30.46 -7.76
CA GLY A 310 1.92 -31.41 -6.91
C GLY A 310 3.25 -31.89 -7.45
N ASP A 311 3.22 -32.93 -8.29
CA ASP A 311 4.38 -33.41 -9.05
C ASP A 311 4.29 -32.86 -10.45
N ALA A 312 5.44 -32.55 -11.04
CA ALA A 312 5.44 -32.24 -12.46
C ALA A 312 5.01 -33.47 -13.23
N ALA A 313 4.21 -33.27 -14.27
CA ALA A 313 3.80 -34.38 -15.12
C ALA A 313 4.84 -34.57 -16.22
N HIS A 314 5.26 -35.82 -16.40
CA HIS A 314 6.36 -36.10 -17.29
C HIS A 314 5.93 -35.91 -18.74
N GLU A 315 6.76 -35.22 -19.52
CA GLU A 315 6.35 -34.75 -20.84
C GLU A 315 5.88 -35.91 -21.73
N ALA A 316 6.49 -37.09 -21.58
CA ALA A 316 6.07 -38.24 -22.38
C ALA A 316 4.59 -38.51 -22.22
N HIS A 317 4.04 -38.28 -21.01
CA HIS A 317 2.61 -38.44 -20.78
C HIS A 317 1.81 -37.29 -21.41
N ILE A 318 2.23 -36.05 -21.13
CA ILE A 318 1.48 -34.87 -21.55
C ILE A 318 1.16 -34.93 -23.04
N ARG A 319 2.09 -35.50 -23.83
CA ARG A 319 1.88 -35.58 -25.28
C ARG A 319 0.79 -36.59 -25.62
N VAL A 320 0.73 -37.71 -24.90
CA VAL A 320 -0.38 -38.63 -25.09
C VAL A 320 -1.71 -37.95 -24.81
N LEU A 321 -1.72 -36.93 -23.94
CA LEU A 321 -2.96 -36.43 -23.39
C LEU A 321 -3.50 -35.23 -24.15
N VAL A 322 -2.62 -34.35 -24.65
CA VAL A 322 -3.06 -33.19 -25.43
C VAL A 322 -3.68 -33.67 -26.74
N ALA A 323 -3.63 -34.99 -26.99
CA ALA A 323 -4.19 -35.53 -28.23
C ALA A 323 -5.72 -35.54 -28.22
N GLN A 324 -6.35 -35.63 -27.05
CA GLN A 324 -7.78 -35.82 -26.98
C GLN A 324 -8.52 -34.49 -26.99
N GLY A 325 -9.82 -34.58 -27.30
CA GLY A 325 -10.77 -33.49 -27.40
C GLY A 325 -10.28 -32.33 -28.26
N SER A 326 -11.00 -31.22 -28.14
CA SER A 326 -10.70 -30.03 -28.92
C SER A 326 -10.64 -28.83 -27.99
N HIS A 327 -10.11 -27.72 -28.51
CA HIS A 327 -10.10 -26.43 -27.85
C HIS A 327 -10.19 -25.33 -28.90
N GLU A 328 -10.73 -24.17 -28.50
CA GLU A 328 -10.80 -23.03 -29.40
C GLU A 328 -9.48 -22.27 -29.44
N GLU A 329 -9.27 -21.55 -30.54
CA GLU A 329 -8.08 -20.74 -30.73
C GLU A 329 -8.48 -19.50 -31.50
N ILE A 330 -7.53 -18.57 -31.63
CA ILE A 330 -7.73 -17.39 -32.46
C ILE A 330 -7.16 -17.70 -33.84
N GLY A 331 -8.05 -17.86 -34.83
CA GLY A 331 -7.63 -18.04 -36.20
C GLY A 331 -7.18 -16.74 -36.82
N PRO A 332 -6.62 -16.85 -38.04
CA PRO A 332 -6.06 -15.65 -38.69
C PRO A 332 -7.02 -14.49 -38.87
N ASP A 333 -8.32 -14.73 -38.91
CA ASP A 333 -9.26 -13.63 -38.98
C ASP A 333 -9.51 -12.95 -37.63
N PHE A 334 -8.83 -13.39 -36.58
CA PHE A 334 -9.05 -12.89 -35.21
C PHE A 334 -10.45 -13.24 -34.70
N LYS A 335 -10.91 -14.44 -35.05
CA LYS A 335 -12.16 -15.03 -34.61
C LYS A 335 -11.86 -16.40 -34.00
N PRO A 336 -12.67 -16.85 -33.05
CA PRO A 336 -12.45 -18.17 -32.48
C PRO A 336 -12.64 -19.29 -33.51
N VAL A 337 -11.72 -20.26 -33.48
CA VAL A 337 -11.87 -21.46 -34.31
C VAL A 337 -11.49 -22.69 -33.48
N ARG A 338 -12.29 -23.75 -33.61
CA ARG A 338 -12.03 -24.97 -32.85
C ARG A 338 -10.98 -25.83 -33.53
N VAL A 339 -9.93 -26.19 -32.80
CA VAL A 339 -8.86 -27.02 -33.34
C VAL A 339 -8.78 -28.31 -32.53
N PRO A 340 -8.51 -29.45 -33.15
CA PRO A 340 -8.40 -30.69 -32.37
C PRO A 340 -7.17 -30.66 -31.48
N GLY A 341 -7.34 -31.21 -30.27
CA GLY A 341 -6.32 -31.18 -29.25
C GLY A 341 -6.82 -30.50 -27.97
N SER A 342 -6.00 -30.62 -26.93
CA SER A 342 -6.36 -30.13 -25.60
C SER A 342 -5.14 -29.46 -24.98
N VAL A 343 -5.39 -28.56 -24.03
CA VAL A 343 -4.32 -27.83 -23.34
C VAL A 343 -4.07 -28.47 -21.98
N PHE A 344 -2.80 -28.63 -21.63
CA PHE A 344 -2.36 -29.25 -20.38
C PHE A 344 -1.59 -28.20 -19.59
N THR A 345 -2.29 -27.46 -18.72
CA THR A 345 -1.61 -26.51 -17.85
C THR A 345 -0.92 -27.23 -16.71
N ASP A 346 0.39 -27.14 -16.64
CA ASP A 346 1.12 -27.61 -15.48
C ASP A 346 1.53 -26.38 -14.68
N GLY A 347 0.91 -26.19 -13.52
CA GLY A 347 1.23 -25.08 -12.64
C GLY A 347 1.88 -25.61 -11.37
N LEU A 348 3.03 -25.01 -11.02
CA LEU A 348 3.76 -25.34 -9.79
C LEU A 348 2.91 -24.95 -8.59
N GLY A 349 3.47 -24.23 -7.65
CA GLY A 349 2.77 -24.03 -6.40
C GLY A 349 2.81 -25.25 -5.50
N SER A 350 2.24 -25.07 -4.32
CA SER A 350 2.24 -26.05 -3.26
C SER A 350 1.07 -25.70 -2.36
N SER A 351 0.81 -26.54 -1.37
CA SER A 351 -0.31 -26.28 -0.46
C SER A 351 -0.26 -24.87 0.10
N GLU A 352 0.97 -24.36 0.35
CA GLU A 352 1.20 -23.05 0.96
C GLU A 352 0.83 -21.88 0.06
N THR A 353 0.84 -22.07 -1.26
CA THR A 353 0.58 -20.96 -2.16
C THR A 353 -0.88 -20.81 -2.54
N GLY A 354 -1.74 -21.73 -2.14
CA GLY A 354 -3.17 -21.57 -2.41
C GLY A 354 -3.59 -21.84 -3.83
N TYR A 355 -2.84 -21.27 -4.79
CA TYR A 355 -3.00 -21.48 -6.23
C TYR A 355 -1.59 -21.72 -6.76
N SER A 356 -1.53 -22.29 -7.96
CA SER A 356 -0.25 -22.43 -8.64
C SER A 356 0.37 -21.04 -8.92
N ILE A 357 1.69 -20.98 -8.83
CA ILE A 357 2.41 -19.74 -9.03
C ILE A 357 3.00 -19.65 -10.43
N PHE A 358 3.81 -20.63 -10.82
CA PHE A 358 4.28 -20.72 -12.18
C PHE A 358 3.30 -21.55 -13.00
N HIS A 359 3.48 -21.51 -14.32
CA HIS A 359 2.52 -22.17 -15.21
C HIS A 359 3.21 -22.55 -16.50
N ASN A 360 2.60 -23.49 -17.21
CA ASN A 360 3.23 -24.15 -18.35
C ASN A 360 2.18 -24.84 -19.19
N GLY A 361 1.42 -24.07 -19.97
CA GLY A 361 0.48 -24.68 -20.90
C GLY A 361 1.19 -25.55 -21.92
N HIS A 362 0.50 -26.59 -22.37
CA HIS A 362 1.01 -27.48 -23.40
C HIS A 362 -0.11 -27.79 -24.40
N LYS A 363 0.17 -27.61 -25.70
CA LYS A 363 -0.77 -27.82 -26.80
C LYS A 363 -0.39 -29.10 -27.55
N PRO A 364 -1.14 -29.48 -28.62
CA PRO A 364 -0.67 -30.56 -29.49
C PRO A 364 0.77 -30.39 -29.98
N GLY A 365 1.07 -29.29 -30.67
CA GLY A 365 2.45 -29.05 -31.03
C GLY A 365 3.13 -28.23 -29.94
N SER A 366 4.06 -28.84 -29.20
CA SER A 366 4.58 -28.20 -28.00
C SER A 366 6.10 -28.10 -28.05
N ALA A 367 6.63 -27.07 -27.39
CA ALA A 367 8.06 -26.86 -27.28
C ALA A 367 8.52 -26.48 -25.87
N SER A 368 7.60 -26.33 -24.91
CA SER A 368 7.92 -25.95 -23.53
C SER A 368 8.63 -27.05 -22.74
N PHE A 369 9.69 -27.63 -23.32
CA PHE A 369 10.40 -28.73 -22.70
C PHE A 369 11.19 -28.26 -21.47
N GLY A 370 11.78 -29.24 -20.79
CA GLY A 370 13.04 -29.04 -20.13
C GLY A 370 13.02 -28.39 -18.76
N ARG A 371 12.05 -28.76 -17.92
CA ARG A 371 11.92 -28.27 -16.55
C ARG A 371 11.52 -26.79 -16.51
N CYS A 372 11.58 -26.11 -17.66
CA CYS A 372 11.16 -24.72 -17.76
C CYS A 372 9.72 -24.57 -17.31
N ILE A 373 9.51 -23.85 -16.21
CA ILE A 373 8.18 -23.64 -15.67
C ILE A 373 7.64 -22.24 -16.01
N GLY A 374 8.29 -21.55 -16.94
CA GLY A 374 7.71 -20.30 -17.40
C GLY A 374 8.05 -19.15 -16.46
N LYS A 375 7.08 -18.28 -16.28
CA LYS A 375 7.19 -17.09 -15.44
C LYS A 375 6.06 -17.12 -14.42
N PRO A 376 6.22 -16.44 -13.28
CA PRO A 376 5.19 -16.49 -12.24
C PRO A 376 3.96 -15.67 -12.62
N MET A 377 2.87 -15.94 -11.92
CA MET A 377 1.66 -15.13 -12.06
C MET A 377 1.96 -13.66 -11.76
N SER A 378 1.16 -12.78 -12.36
CA SER A 378 1.37 -11.34 -12.20
C SER A 378 1.21 -10.89 -10.75
N PHE A 379 0.28 -11.51 -10.00
CA PHE A 379 0.06 -11.13 -8.62
C PHE A 379 1.16 -11.62 -7.70
N ALA A 380 1.92 -12.62 -8.14
CA ALA A 380 2.98 -13.24 -7.37
C ALA A 380 4.31 -12.70 -7.84
N GLN A 381 5.37 -13.12 -7.17
CA GLN A 381 6.69 -12.61 -7.54
C GLN A 381 7.76 -13.58 -7.05
N ALA A 382 8.59 -14.08 -7.96
CA ALA A 382 9.55 -15.11 -7.60
C ALA A 382 10.98 -14.60 -7.78
N ALA A 383 11.93 -15.44 -7.38
CA ALA A 383 13.35 -15.09 -7.42
C ALA A 383 14.16 -16.37 -7.27
N VAL A 384 15.41 -16.32 -7.70
CA VAL A 384 16.37 -17.39 -7.45
C VAL A 384 17.36 -16.83 -6.46
N LEU A 385 17.40 -17.39 -5.26
CA LEU A 385 18.01 -16.73 -4.11
C LEU A 385 19.39 -17.32 -3.82
N SER A 386 20.28 -16.47 -3.32
CA SER A 386 21.60 -16.89 -2.84
C SER A 386 21.49 -17.47 -1.44
N GLU A 387 22.62 -17.79 -0.83
CA GLU A 387 22.56 -18.09 0.59
C GLU A 387 22.35 -16.83 1.41
N ASP A 388 22.94 -15.72 0.98
CA ASP A 388 22.69 -14.43 1.63
C ASP A 388 21.24 -13.98 1.49
N GLY A 389 20.42 -14.68 0.69
CA GLY A 389 19.05 -14.29 0.46
C GLY A 389 18.86 -13.20 -0.57
N ARG A 390 19.78 -13.04 -1.51
CA ARG A 390 19.59 -12.02 -2.52
C ARG A 390 19.38 -12.64 -3.90
N PRO A 391 18.59 -11.99 -4.76
CA PRO A 391 18.36 -12.53 -6.11
C PRO A 391 19.65 -12.55 -6.91
N LEU A 392 19.88 -13.67 -7.58
CA LEU A 392 21.08 -13.85 -8.39
C LEU A 392 20.92 -13.20 -9.76
N PRO A 393 22.03 -12.98 -10.46
CA PRO A 393 21.95 -12.72 -11.90
C PRO A 393 21.67 -14.03 -12.63
N ALA A 394 21.03 -13.89 -13.79
CA ALA A 394 20.62 -15.07 -14.53
C ALA A 394 21.82 -15.96 -14.81
N GLY A 395 21.55 -17.26 -14.92
CA GLY A 395 22.59 -18.25 -15.09
C GLY A 395 23.14 -18.85 -13.81
N GLU A 396 22.85 -18.25 -12.66
CA GLU A 396 23.32 -18.74 -11.38
C GLU A 396 22.24 -19.58 -10.71
N VAL A 397 22.66 -20.62 -9.98
CA VAL A 397 21.73 -21.52 -9.31
C VAL A 397 21.53 -21.09 -7.86
N GLY A 398 20.30 -21.16 -7.41
CA GLY A 398 19.99 -20.87 -6.04
C GLY A 398 18.71 -21.54 -5.63
N ARG A 399 18.17 -21.07 -4.51
CA ARG A 399 16.90 -21.57 -4.01
C ARG A 399 15.77 -20.69 -4.55
N LEU A 400 14.73 -21.35 -5.03
CA LEU A 400 13.56 -20.65 -5.54
C LEU A 400 12.67 -20.21 -4.39
N GLY A 401 12.53 -18.90 -4.20
CA GLY A 401 11.56 -18.37 -3.26
C GLY A 401 10.47 -17.60 -3.97
N VAL A 402 9.30 -17.48 -3.31
CA VAL A 402 8.17 -16.74 -3.89
C VAL A 402 7.54 -15.82 -2.85
N ARG A 403 6.75 -14.87 -3.37
CA ARG A 403 5.95 -13.93 -2.62
C ARG A 403 4.61 -13.84 -3.30
N SER A 404 3.54 -13.83 -2.53
CA SER A 404 2.25 -13.75 -3.17
C SER A 404 1.16 -13.41 -2.14
N PRO A 405 0.10 -12.73 -2.55
CA PRO A 405 -1.06 -12.60 -1.66
C PRO A 405 -1.89 -13.86 -1.58
N THR A 406 -1.54 -14.87 -2.37
CA THR A 406 -2.17 -16.16 -2.19
C THR A 406 -1.49 -16.97 -1.12
N LEU A 407 -0.27 -16.58 -0.73
CA LEU A 407 0.54 -17.29 0.25
C LEU A 407 -0.17 -17.40 1.60
N THR A 408 0.22 -18.39 2.35
CA THR A 408 -0.34 -18.66 3.66
C THR A 408 0.22 -17.68 4.71
N PRO A 409 -0.54 -17.42 5.78
CA PRO A 409 0.04 -16.67 6.92
C PRO A 409 1.17 -17.41 7.62
N GLY A 410 1.29 -18.73 7.47
CA GLY A 410 2.37 -19.49 8.08
C GLY A 410 1.93 -20.76 8.80
N TYR A 411 2.86 -21.71 8.94
CA TYR A 411 2.50 -23.04 9.41
C TYR A 411 1.80 -22.97 10.76
N TRP A 412 0.72 -23.71 10.88
CA TRP A 412 -0.13 -23.66 12.06
C TRP A 412 0.60 -24.24 13.26
N ASN A 413 0.71 -23.45 14.32
CA ASN A 413 1.40 -23.82 15.58
C ASN A 413 2.85 -24.23 15.38
N ASP A 414 3.46 -23.81 14.26
CA ASP A 414 4.83 -24.17 13.96
C ASP A 414 5.50 -22.94 13.34
N SER A 415 5.75 -21.92 14.17
CA SER A 415 6.39 -20.71 13.69
C SER A 415 7.89 -20.91 13.45
N LEU A 416 8.53 -21.72 14.30
CA LEU A 416 9.94 -22.04 14.11
C LEU A 416 10.19 -22.60 12.71
N THR A 417 9.36 -23.55 12.27
CA THR A 417 9.57 -24.14 10.96
C THR A 417 9.22 -23.14 9.85
N TRP A 418 8.15 -22.36 10.07
CA TRP A 418 7.76 -21.33 9.13
C TRP A 418 8.91 -20.40 8.79
N HIS A 419 9.51 -19.78 9.80
CA HIS A 419 10.57 -18.81 9.52
C HIS A 419 11.85 -19.50 9.07
N LYS A 420 11.99 -20.79 9.31
CA LYS A 420 13.15 -21.50 8.79
C LYS A 420 13.01 -21.74 7.29
N LEU A 421 11.79 -21.73 6.77
CA LEU A 421 11.57 -21.89 5.34
C LEU A 421 11.33 -20.55 4.62
N ARG A 422 11.98 -19.49 5.09
CA ARG A 422 11.79 -18.16 4.53
C ARG A 422 13.14 -17.49 4.38
N LEU A 423 13.33 -16.79 3.26
CA LEU A 423 14.63 -16.19 3.00
C LEU A 423 14.45 -14.89 2.22
N GLY A 424 15.05 -13.83 2.74
CA GLY A 424 15.02 -12.54 2.10
C GLY A 424 13.64 -12.05 1.75
N GLY A 425 12.64 -12.47 2.51
CA GLY A 425 11.27 -12.06 2.25
C GLY A 425 10.46 -13.07 1.49
N TYR A 426 11.09 -14.09 0.91
CA TYR A 426 10.40 -15.10 0.13
C TYR A 426 10.11 -16.32 0.98
N TRP A 427 9.07 -17.05 0.61
CA TRP A 427 8.85 -18.39 1.14
C TRP A 427 9.57 -19.37 0.23
N LEU A 428 10.52 -20.13 0.79
CA LEU A 428 11.33 -21.05 0.01
C LEU A 428 10.54 -22.30 -0.32
N THR A 429 10.45 -22.62 -1.60
CA THR A 429 9.77 -23.84 -2.02
C THR A 429 10.65 -25.07 -1.86
N GLY A 430 11.92 -24.89 -1.51
CA GLY A 430 12.82 -26.01 -1.42
C GLY A 430 13.19 -26.58 -2.76
N ASP A 431 13.09 -25.79 -3.83
CA ASP A 431 13.57 -26.18 -5.14
C ASP A 431 14.76 -25.30 -5.51
N LEU A 432 15.70 -25.90 -6.25
CA LEU A 432 16.76 -25.11 -6.87
C LEU A 432 16.32 -24.69 -8.26
N ALA A 433 16.81 -23.54 -8.71
CA ALA A 433 16.34 -23.01 -9.97
C ALA A 433 17.34 -22.01 -10.52
N MET A 434 17.14 -21.69 -11.79
CA MET A 434 17.92 -20.71 -12.50
C MET A 434 16.97 -19.91 -13.38
N GLN A 435 17.43 -18.76 -13.80
CA GLN A 435 16.69 -17.94 -14.74
C GLN A 435 17.49 -17.76 -16.02
N ASP A 436 16.77 -17.69 -17.13
CA ASP A 436 17.33 -17.20 -18.39
C ASP A 436 17.17 -15.68 -18.45
N ALA A 437 17.84 -15.07 -19.42
CA ALA A 437 17.87 -13.61 -19.49
C ALA A 437 16.49 -13.00 -19.72
N GLU A 438 15.52 -13.78 -20.21
CA GLU A 438 14.17 -13.28 -20.40
C GLU A 438 13.30 -13.51 -19.17
N GLY A 439 13.88 -13.94 -18.05
CA GLY A 439 13.14 -14.10 -16.82
C GLY A 439 12.29 -15.34 -16.70
N ASN A 440 12.61 -16.39 -17.43
CA ASN A 440 11.94 -17.66 -17.23
C ASN A 440 12.61 -18.43 -16.10
N PHE A 441 11.84 -19.34 -15.50
CA PHE A 441 12.31 -20.13 -14.37
C PHE A 441 12.44 -21.59 -14.82
N TYR A 442 13.57 -22.20 -14.44
CA TYR A 442 13.83 -23.61 -14.72
C TYR A 442 14.00 -24.37 -13.41
N HIS A 443 13.22 -25.45 -13.25
CA HIS A 443 13.19 -26.25 -12.01
C HIS A 443 14.24 -27.36 -12.05
N LEU A 444 15.47 -27.03 -11.64
CA LEU A 444 16.52 -28.03 -11.50
C LEU A 444 16.08 -29.20 -10.59
N ASP A 445 15.97 -29.01 -9.28
CA ASP A 445 15.65 -30.14 -8.42
C ASP A 445 15.31 -29.71 -7.00
N ARG A 446 14.69 -30.65 -6.25
CA ARG A 446 14.43 -30.50 -4.82
C ARG A 446 15.74 -30.54 -4.04
N ALA A 447 15.97 -29.52 -3.20
CA ALA A 447 17.30 -29.32 -2.63
C ALA A 447 17.83 -30.48 -1.79
N PRO A 448 17.00 -31.25 -1.08
CA PRO A 448 17.50 -32.54 -0.53
C PRO A 448 18.22 -33.41 -1.54
N ASP A 449 17.70 -33.53 -2.78
CA ASP A 449 18.33 -34.32 -3.83
C ASP A 449 19.53 -33.62 -4.46
N ALA A 450 20.33 -32.89 -3.68
CA ALA A 450 21.53 -32.22 -4.17
C ALA A 450 22.76 -32.78 -3.45
N ILE A 451 23.78 -33.14 -4.24
CA ILE A 451 25.00 -33.79 -3.76
C ILE A 451 26.20 -33.09 -4.41
N ARG A 452 27.00 -32.41 -3.59
CA ARG A 452 28.17 -31.68 -4.08
C ARG A 452 29.39 -32.60 -4.05
N THR A 453 29.86 -33.02 -5.23
CA THR A 453 31.10 -33.82 -5.31
C THR A 453 32.32 -32.92 -5.38
N GLU A 454 33.22 -33.19 -6.34
CA GLU A 454 34.44 -32.42 -6.53
C GLU A 454 34.34 -31.49 -7.73
N ALA A 455 34.14 -32.05 -8.93
CA ALA A 455 34.03 -31.26 -10.15
C ALA A 455 33.03 -30.13 -9.98
N GLY A 456 31.79 -30.47 -9.69
CA GLY A 456 30.80 -29.48 -9.36
C GLY A 456 29.67 -30.12 -8.61
N ILE A 457 28.55 -29.43 -8.59
CA ILE A 457 27.34 -29.99 -8.03
C ILE A 457 26.69 -30.90 -9.07
N VAL A 458 26.29 -32.10 -8.65
CA VAL A 458 25.52 -33.00 -9.50
C VAL A 458 24.09 -33.00 -8.99
N PHE A 459 23.15 -32.66 -9.87
CA PHE A 459 21.75 -32.70 -9.48
C PHE A 459 21.26 -34.13 -9.62
N SER A 460 20.65 -34.64 -8.55
CA SER A 460 20.33 -36.06 -8.48
C SER A 460 19.19 -36.42 -9.44
N THR A 461 18.00 -35.81 -9.27
CA THR A 461 16.90 -36.13 -10.18
C THR A 461 17.22 -35.76 -11.61
N ARG A 462 18.16 -34.84 -11.82
CA ARG A 462 18.63 -34.59 -13.18
C ARG A 462 19.60 -35.69 -13.63
N THR A 463 20.40 -36.22 -12.70
CA THR A 463 21.24 -37.38 -13.01
C THR A 463 20.44 -38.67 -13.15
N GLU A 464 19.24 -38.74 -12.55
CA GLU A 464 18.36 -39.89 -12.78
C GLU A 464 17.56 -39.74 -14.08
N GLU A 465 17.30 -38.51 -14.52
CA GLU A 465 16.55 -38.35 -15.75
C GLU A 465 17.44 -38.35 -16.99
N LEU A 466 18.76 -38.24 -16.82
CA LEU A 466 19.67 -38.31 -17.95
C LEU A 466 19.95 -39.74 -18.40
N LEU A 467 19.44 -40.72 -17.67
CA LEU A 467 19.50 -42.10 -18.11
C LEU A 467 18.15 -42.60 -18.64
N LEU A 468 17.21 -41.68 -18.91
CA LEU A 468 15.95 -41.94 -19.60
C LEU A 468 16.16 -42.09 -21.10
N ALA A 469 16.18 -40.95 -21.81
CA ALA A 469 16.37 -40.90 -23.26
C ALA A 469 17.85 -40.79 -23.64
N SER A 470 18.66 -41.70 -23.10
CA SER A 470 20.08 -41.79 -23.41
C SER A 470 20.66 -43.13 -22.95
N LEU A 471 19.94 -43.85 -22.08
CA LEU A 471 20.39 -45.16 -21.57
C LEU A 471 19.16 -46.03 -21.30
N PRO A 472 18.53 -46.57 -22.37
CA PRO A 472 17.10 -46.92 -22.26
C PRO A 472 16.78 -48.33 -21.80
N GLU A 473 17.65 -49.00 -21.02
CA GLU A 473 17.42 -50.38 -20.62
C GLU A 473 17.10 -50.53 -19.13
N LEU A 474 16.40 -49.53 -18.56
CA LEU A 474 16.04 -49.54 -17.14
C LEU A 474 14.66 -48.94 -16.93
N ALA A 475 13.84 -49.59 -16.08
CA ALA A 475 12.55 -49.07 -15.66
C ALA A 475 12.62 -48.18 -14.43
N ASP A 476 13.83 -48.01 -13.86
CA ASP A 476 14.10 -47.01 -12.82
C ASP A 476 15.58 -47.01 -12.42
N CYS A 477 16.07 -45.87 -11.98
CA CYS A 477 17.38 -45.73 -11.35
C CYS A 477 17.25 -44.71 -10.23
N THR A 478 18.19 -44.74 -9.28
CA THR A 478 18.17 -43.76 -8.21
C THR A 478 19.58 -43.27 -7.90
N VAL A 479 19.65 -42.04 -7.41
CA VAL A 479 20.87 -41.41 -6.94
C VAL A 479 20.73 -41.19 -5.44
N THR A 480 21.72 -41.68 -4.69
CA THR A 480 21.64 -41.68 -3.24
C THR A 480 22.85 -40.94 -2.66
N ALA A 481 22.69 -40.52 -1.40
CA ALA A 481 23.59 -39.57 -0.74
C ALA A 481 24.37 -40.20 0.41
N ILE A 482 24.74 -41.48 0.28
CA ILE A 482 25.52 -42.13 1.34
C ILE A 482 26.89 -41.45 1.37
N ALA A 483 27.11 -40.60 2.37
CA ALA A 483 28.44 -40.21 2.79
C ALA A 483 28.77 -41.01 4.02
N GLU A 484 29.29 -40.34 5.05
CA GLU A 484 29.39 -41.00 6.35
C GLU A 484 27.99 -41.38 6.84
N GLU A 485 27.96 -42.20 7.88
CA GLU A 485 26.68 -42.71 8.36
C GLU A 485 25.78 -41.60 8.90
N GLY A 486 25.68 -40.48 8.18
CA GLY A 486 24.86 -39.37 8.62
C GLY A 486 25.47 -38.00 8.38
N VAL A 487 26.70 -37.95 7.86
CA VAL A 487 27.33 -36.68 7.52
C VAL A 487 26.71 -36.19 6.21
N ARG A 488 25.97 -35.09 6.28
CA ARG A 488 25.29 -34.51 5.13
C ARG A 488 26.28 -33.74 4.25
N ALA A 489 25.93 -33.65 2.98
CA ALA A 489 26.70 -32.87 2.01
C ALA A 489 25.76 -32.12 1.07
N ASP A 490 24.53 -31.87 1.52
CA ASP A 490 23.46 -31.36 0.68
C ASP A 490 23.76 -29.98 0.14
N TRP A 491 22.77 -29.35 -0.49
CA TRP A 491 22.92 -27.95 -0.83
C TRP A 491 23.22 -27.12 0.41
N ASP A 492 22.42 -27.32 1.46
CA ASP A 492 22.54 -26.59 2.71
C ASP A 492 23.69 -27.11 3.56
N GLY A 493 23.99 -28.40 3.48
CA GLY A 493 25.19 -28.94 4.08
C GLY A 493 26.44 -28.46 3.36
N ASP A 494 27.57 -28.49 4.09
CA ASP A 494 28.83 -27.95 3.59
C ASP A 494 29.86 -29.02 3.27
N GLY A 495 29.45 -30.28 3.18
CA GLY A 495 30.38 -31.37 2.92
C GLY A 495 30.30 -31.89 1.49
N VAL A 496 31.06 -32.96 1.26
CA VAL A 496 31.16 -33.63 -0.04
C VAL A 496 30.65 -35.06 0.12
N ALA A 497 29.60 -35.41 -0.62
CA ALA A 497 29.05 -36.77 -0.60
C ALA A 497 29.38 -37.47 -1.91
N GLU A 498 29.14 -38.77 -1.93
CA GLU A 498 29.28 -39.56 -3.14
C GLU A 498 27.90 -39.76 -3.73
N ALA A 499 27.68 -39.19 -4.91
CA ALA A 499 26.48 -39.46 -5.67
C ALA A 499 26.59 -40.84 -6.32
N TYR A 500 25.45 -41.50 -6.49
CA TYR A 500 25.50 -42.87 -6.98
C TYR A 500 24.45 -43.16 -8.03
N VAL A 501 24.76 -44.14 -8.87
CA VAL A 501 23.85 -44.67 -9.88
C VAL A 501 23.47 -46.08 -9.44
N LEU A 502 22.18 -46.28 -9.13
CA LEU A 502 21.65 -47.57 -8.68
C LEU A 502 20.56 -47.97 -9.67
N LEU A 503 20.78 -49.08 -10.38
CA LEU A 503 20.06 -49.44 -11.59
C LEU A 503 18.92 -50.43 -11.33
N GLN A 504 18.08 -50.64 -12.35
CA GLN A 504 17.03 -51.66 -12.33
C GLN A 504 16.84 -52.19 -13.74
N PHE A 505 17.35 -53.39 -14.01
CA PHE A 505 17.24 -54.05 -15.31
C PHE A 505 16.06 -55.02 -15.29
N THR A 506 15.13 -54.86 -16.25
CA THR A 506 14.05 -55.83 -16.42
C THR A 506 14.54 -57.02 -17.25
N ASP A 507 13.67 -58.02 -17.42
CA ASP A 507 14.09 -59.31 -17.96
C ASP A 507 14.33 -59.25 -19.47
N GLY A 508 15.30 -60.04 -19.93
CA GLY A 508 15.70 -60.11 -21.33
C GLY A 508 17.19 -60.28 -21.52
N ALA A 509 17.89 -59.15 -21.72
CA ALA A 509 19.35 -59.11 -21.84
C ALA A 509 19.85 -57.69 -21.57
N ARG A 510 20.39 -57.03 -22.61
CA ARG A 510 20.80 -55.61 -22.56
C ARG A 510 21.98 -55.33 -21.65
N GLU A 511 22.26 -56.22 -20.70
CA GLU A 511 23.23 -55.96 -19.63
C GLU A 511 24.66 -56.09 -20.15
N PRO A 512 25.51 -55.07 -20.01
CA PRO A 512 26.93 -55.24 -20.36
C PRO A 512 27.78 -55.63 -19.16
N GLY A 513 29.09 -55.71 -19.35
CA GLY A 513 29.99 -56.11 -18.29
C GLY A 513 30.39 -55.01 -17.34
N ASP A 514 30.66 -53.81 -17.87
CA ASP A 514 31.20 -52.73 -17.05
C ASP A 514 30.10 -52.14 -16.16
N LEU A 515 30.33 -52.20 -14.85
CA LEU A 515 29.39 -51.74 -13.83
C LEU A 515 29.66 -50.30 -13.36
N THR A 516 30.20 -49.44 -14.23
CA THR A 516 30.48 -48.06 -13.84
C THR A 516 30.57 -47.11 -15.02
N GLY A 517 31.21 -47.56 -16.12
CA GLY A 517 31.40 -46.68 -17.26
C GLY A 517 30.19 -46.55 -18.16
N TRP A 518 29.25 -47.50 -18.11
CA TRP A 518 28.06 -47.44 -18.96
C TRP A 518 27.18 -46.23 -18.63
N VAL A 519 27.24 -45.74 -17.38
CA VAL A 519 26.43 -44.61 -16.95
C VAL A 519 27.16 -43.28 -17.02
N ASN A 520 28.49 -43.30 -17.23
CA ASN A 520 29.31 -42.11 -17.18
C ASN A 520 29.43 -41.41 -18.52
N GLU A 521 29.30 -42.14 -19.64
CA GLU A 521 29.46 -41.53 -20.95
C GLU A 521 28.28 -40.62 -21.30
N VAL A 522 27.05 -41.07 -21.02
CA VAL A 522 25.88 -40.26 -21.33
C VAL A 522 25.89 -38.99 -20.48
N LEU A 523 26.38 -39.09 -19.24
CA LEU A 523 26.48 -37.91 -18.38
C LEU A 523 27.50 -36.90 -18.92
N ALA A 524 28.65 -37.38 -19.40
CA ALA A 524 29.65 -36.47 -19.95
C ALA A 524 29.21 -35.87 -21.29
N GLY A 525 28.32 -36.54 -22.01
CA GLY A 525 27.80 -36.05 -23.26
C GLY A 525 26.66 -35.07 -23.15
N GLN A 526 26.15 -34.85 -21.94
CA GLN A 526 25.16 -33.82 -21.66
C GLN A 526 25.63 -32.91 -20.54
N GLY A 527 26.95 -32.79 -20.37
CA GLY A 527 27.55 -31.81 -19.50
C GLY A 527 27.61 -32.14 -18.02
N PHE A 528 27.20 -33.35 -17.62
CA PHE A 528 27.00 -33.69 -16.20
C PHE A 528 28.32 -33.96 -15.47
N PRO A 529 28.32 -33.81 -14.13
CA PRO A 529 29.55 -34.04 -13.35
C PRO A 529 29.63 -35.50 -12.90
N PRO A 530 30.62 -35.89 -12.08
CA PRO A 530 30.91 -37.33 -11.94
C PRO A 530 29.98 -38.09 -11.02
N VAL A 531 29.57 -39.27 -11.50
CA VAL A 531 29.13 -40.38 -10.65
C VAL A 531 30.39 -41.06 -10.12
N THR A 532 30.25 -42.15 -9.37
CA THR A 532 31.44 -42.88 -8.89
C THR A 532 31.32 -44.41 -8.89
N ARG A 533 30.13 -45.01 -9.00
CA ARG A 533 30.01 -46.47 -9.16
C ARG A 533 28.58 -46.80 -9.57
N ALA A 534 28.23 -48.09 -9.46
CA ALA A 534 26.93 -48.65 -9.84
C ALA A 534 26.91 -50.13 -9.48
N LEU A 535 25.75 -50.63 -9.07
CA LEU A 535 25.57 -52.02 -8.66
C LEU A 535 24.21 -52.51 -9.15
N ARG A 536 23.80 -53.70 -8.68
CA ARG A 536 22.48 -54.27 -9.00
C ARG A 536 21.90 -54.98 -7.77
N MET A 537 21.04 -54.26 -7.05
CA MET A 537 20.19 -54.88 -6.04
C MET A 537 19.18 -55.82 -6.71
N ASP A 538 18.53 -56.64 -5.90
CA ASP A 538 17.28 -57.29 -6.28
C ASP A 538 16.18 -56.23 -6.44
N SER A 539 14.92 -56.61 -6.27
CA SER A 539 13.81 -55.67 -6.22
C SER A 539 13.22 -55.62 -4.82
N THR A 540 14.08 -55.46 -3.82
CA THR A 540 13.68 -55.54 -2.42
C THR A 540 14.35 -54.45 -1.59
N MET B 17 32.15 -3.11 -15.74
CA MET B 17 31.03 -3.96 -15.30
C MET B 17 30.64 -3.66 -13.84
N ILE B 18 29.42 -4.01 -13.48
CA ILE B 18 28.89 -3.77 -12.15
C ILE B 18 29.18 -4.99 -11.26
N THR B 19 29.71 -4.76 -10.07
CA THR B 19 29.90 -5.85 -9.11
C THR B 19 28.60 -6.12 -8.37
N LYS B 20 28.61 -7.11 -7.48
CA LYS B 20 27.44 -7.34 -6.64
C LYS B 20 27.32 -6.27 -5.56
N GLU B 21 28.44 -5.81 -5.02
CA GLU B 21 28.43 -4.73 -4.04
C GLU B 21 27.80 -3.47 -4.64
N GLU B 22 28.22 -3.10 -5.84
CA GLU B 22 27.63 -1.95 -6.51
C GLU B 22 26.15 -2.19 -6.78
N ARG B 23 25.78 -3.39 -7.23
CA ARG B 23 24.39 -3.69 -7.50
C ARG B 23 23.54 -3.52 -6.24
N ALA B 24 24.02 -4.02 -5.11
CA ALA B 24 23.33 -3.77 -3.86
C ALA B 24 23.29 -2.28 -3.55
N GLN B 25 24.40 -1.59 -3.84
CA GLN B 25 24.50 -0.17 -3.54
C GLN B 25 23.42 0.63 -4.26
N ILE B 26 23.14 0.27 -5.52
CA ILE B 26 22.09 0.91 -6.29
C ILE B 26 20.73 0.61 -5.64
N ASN B 27 20.44 -0.67 -5.39
CA ASN B 27 19.15 -1.03 -4.83
C ASN B 27 18.95 -0.46 -3.43
N ALA B 28 20.01 -0.07 -2.75
CA ALA B 28 19.92 0.44 -1.39
C ALA B 28 19.74 1.93 -1.34
N ASP B 29 19.62 2.57 -2.50
CA ASP B 29 19.68 4.02 -2.60
C ASP B 29 18.28 4.56 -2.82
N PRO B 30 17.54 4.88 -1.77
CA PRO B 30 16.15 5.31 -1.97
C PRO B 30 16.01 6.68 -2.60
N GLU B 31 17.09 7.47 -2.73
CA GLU B 31 17.03 8.79 -3.36
C GLU B 31 17.24 8.75 -4.87
N LEU B 32 17.75 7.64 -5.41
CA LEU B 32 18.07 7.54 -6.83
C LEU B 32 16.81 7.58 -7.69
N GLY B 33 16.90 8.29 -8.81
CA GLY B 33 15.79 8.38 -9.74
C GLY B 33 16.19 9.24 -10.92
N ALA B 34 15.22 9.53 -11.76
CA ALA B 34 15.53 10.09 -13.08
C ALA B 34 16.11 11.50 -12.99
N GLY B 35 15.91 12.20 -11.87
CA GLY B 35 16.48 13.50 -11.63
C GLY B 35 17.87 13.58 -11.02
N ASN B 36 18.53 12.45 -10.68
CA ASN B 36 19.84 12.58 -10.04
C ASN B 36 20.77 11.40 -10.26
N VAL B 37 20.58 10.60 -11.32
CA VAL B 37 21.50 9.51 -11.63
C VAL B 37 22.95 9.98 -11.62
N LEU B 38 23.23 11.11 -12.26
CA LEU B 38 24.60 11.59 -12.28
C LEU B 38 25.12 11.86 -10.87
N HIS B 39 24.27 12.41 -10.00
CA HIS B 39 24.72 12.82 -8.69
C HIS B 39 24.86 11.63 -7.74
N ARG B 40 24.03 10.60 -7.91
CA ARG B 40 24.22 9.39 -7.12
C ARG B 40 25.48 8.65 -7.53
N LEU B 41 25.81 8.62 -8.84
CA LEU B 41 27.09 8.06 -9.27
C LEU B 41 28.24 8.75 -8.54
N ARG B 42 28.18 10.07 -8.42
CA ARG B 42 29.21 10.77 -7.66
C ARG B 42 29.16 10.38 -6.19
N ALA B 43 27.97 10.12 -5.65
CA ALA B 43 27.88 9.72 -4.26
C ALA B 43 28.41 8.31 -4.04
N TYR B 44 28.25 7.41 -5.03
CA TYR B 44 28.89 6.10 -4.94
C TYR B 44 30.40 6.18 -5.08
N GLY B 45 30.94 7.37 -5.33
CA GLY B 45 32.36 7.50 -5.56
C GLY B 45 32.82 6.68 -6.74
N ARG B 46 32.15 6.82 -7.89
CA ARG B 46 32.61 6.14 -9.08
C ARG B 46 33.88 6.80 -9.62
N PRO B 47 34.78 6.00 -10.21
CA PRO B 47 36.00 6.55 -10.80
C PRO B 47 35.69 7.57 -11.88
N THR B 48 36.29 8.76 -11.74
CA THR B 48 35.96 9.90 -12.59
C THR B 48 36.79 9.96 -13.87
N ASP B 49 37.88 9.22 -13.96
CA ASP B 49 38.61 9.12 -15.22
C ASP B 49 38.00 8.11 -16.18
N ARG B 50 37.03 7.33 -15.72
CA ARG B 50 36.34 6.37 -16.57
C ARG B 50 35.63 7.09 -17.71
N PRO B 51 35.85 6.69 -18.97
CA PRO B 51 34.99 7.18 -20.05
C PRO B 51 33.62 6.54 -19.96
N VAL B 52 32.58 7.37 -19.89
CA VAL B 52 31.22 6.91 -19.62
C VAL B 52 30.32 7.04 -20.84
N LEU B 53 30.32 8.18 -21.53
CA LEU B 53 29.58 8.11 -22.79
C LEU B 53 30.33 8.64 -23.99
N TRP B 54 30.08 7.98 -25.12
CA TRP B 54 30.63 8.27 -26.43
C TRP B 54 29.59 9.07 -27.22
N THR B 55 30.06 9.94 -28.10
CA THR B 55 29.16 10.79 -28.87
C THR B 55 29.47 10.71 -30.37
N ASP B 56 28.60 11.31 -31.17
CA ASP B 56 28.88 11.54 -32.57
C ASP B 56 29.41 12.95 -32.81
N GLY B 57 30.00 13.54 -31.77
CA GLY B 57 30.58 14.86 -31.86
C GLY B 57 29.67 15.95 -32.36
N THR B 58 28.36 15.78 -32.22
CA THR B 58 27.43 16.77 -32.72
C THR B 58 27.09 17.86 -31.69
N TRP B 59 27.69 17.84 -30.51
CA TRP B 59 27.35 18.78 -29.44
C TRP B 59 28.59 19.57 -29.04
N ARG B 60 28.45 20.89 -28.97
CA ARG B 60 29.55 21.78 -28.60
C ARG B 60 29.60 21.95 -27.08
N ALA B 61 30.69 21.48 -26.47
CA ALA B 61 30.91 21.63 -25.04
C ALA B 61 31.16 23.11 -24.75
N PRO B 62 31.18 23.53 -23.49
CA PRO B 62 31.50 24.95 -23.20
C PRO B 62 32.85 25.40 -23.74
N ASP B 63 33.92 24.59 -23.62
CA ASP B 63 35.24 25.01 -24.09
C ASP B 63 35.30 25.25 -25.59
N GLY B 64 34.26 24.93 -26.34
CA GLY B 64 34.28 25.05 -27.77
C GLY B 64 34.53 23.75 -28.50
N SER B 65 35.12 22.76 -27.85
CA SER B 65 35.39 21.49 -28.51
C SER B 65 34.08 20.72 -28.72
N HIS B 66 34.18 19.61 -29.47
CA HIS B 66 33.06 18.71 -29.70
C HIS B 66 33.45 17.32 -29.22
N PRO B 67 33.40 17.09 -27.90
CA PRO B 67 33.88 15.81 -27.33
C PRO B 67 33.22 14.58 -27.92
N GLU B 68 34.05 13.58 -28.24
CA GLU B 68 33.59 12.32 -28.81
C GLU B 68 33.61 11.18 -27.81
N VAL B 69 34.35 11.32 -26.71
CA VAL B 69 34.28 10.42 -25.55
C VAL B 69 34.38 11.30 -24.31
N ILE B 70 33.54 11.04 -23.32
CA ILE B 70 33.36 11.96 -22.19
C ILE B 70 33.53 11.17 -20.90
N THR B 71 34.37 11.65 -20.00
CA THR B 71 34.55 10.94 -18.75
C THR B 71 33.58 11.42 -17.68
N LEU B 72 33.33 10.53 -16.71
CA LEU B 72 32.47 10.87 -15.59
C LEU B 72 32.87 12.20 -14.97
N GLY B 73 34.18 12.44 -14.83
CA GLY B 73 34.64 13.72 -14.32
C GLY B 73 34.20 14.86 -15.22
N GLU B 74 34.44 14.72 -16.52
CA GLU B 74 34.05 15.76 -17.47
C GLU B 74 32.54 15.91 -17.52
N LEU B 75 31.80 14.81 -17.36
CA LEU B 75 30.35 14.92 -17.32
C LEU B 75 29.90 15.77 -16.14
N TYR B 76 30.53 15.60 -14.97
CA TYR B 76 30.22 16.51 -13.87
C TYR B 76 30.53 17.94 -14.26
N GLU B 77 31.68 18.14 -14.92
CA GLU B 77 32.10 19.49 -15.27
C GLU B 77 31.10 20.13 -16.22
N TYR B 78 30.72 19.42 -17.29
CA TYR B 78 29.81 19.98 -18.28
C TYR B 78 28.44 20.28 -17.67
N VAL B 79 27.91 19.34 -16.88
CA VAL B 79 26.59 19.54 -16.29
C VAL B 79 26.60 20.70 -15.30
N GLU B 80 27.69 20.83 -14.54
CA GLU B 80 27.73 21.93 -13.57
C GLU B 80 27.74 23.27 -14.28
N THR B 81 28.47 23.36 -15.39
CA THR B 81 28.53 24.59 -16.17
C THR B 81 27.15 24.98 -16.68
N TYR B 82 26.50 24.08 -17.41
CA TYR B 82 25.15 24.32 -17.89
C TYR B 82 24.22 24.73 -16.76
N ALA B 83 24.17 23.92 -15.69
CA ALA B 83 23.34 24.29 -14.54
C ALA B 83 23.65 25.70 -14.08
N GLY B 84 24.94 26.06 -14.02
CA GLY B 84 25.29 27.42 -13.62
C GLY B 84 24.69 28.47 -14.54
N PHE B 85 24.85 28.27 -15.85
CA PHE B 85 24.26 29.14 -16.85
C PHE B 85 22.76 29.32 -16.64
N TYR B 86 22.02 28.23 -16.50
CA TYR B 86 20.56 28.35 -16.45
C TYR B 86 20.12 29.08 -15.18
N HIS B 87 20.77 28.78 -14.06
CA HIS B 87 20.54 29.56 -12.85
C HIS B 87 20.82 31.03 -13.09
N GLY B 88 22.00 31.34 -13.64
CA GLY B 88 22.26 32.60 -14.30
C GLY B 88 21.05 33.19 -14.98
N LYS B 89 20.49 32.53 -15.99
CA LYS B 89 19.38 33.12 -16.74
C LYS B 89 18.07 33.19 -15.94
N GLY B 90 18.06 32.79 -14.67
CA GLY B 90 16.86 32.88 -13.86
C GLY B 90 16.05 31.62 -13.67
N ILE B 91 16.58 30.45 -14.04
CA ILE B 91 15.80 29.22 -14.04
C ILE B 91 15.68 28.69 -12.60
N ARG B 92 14.45 28.53 -12.13
CA ARG B 92 14.18 28.08 -10.78
C ARG B 92 13.54 26.70 -10.79
N PRO B 93 13.43 26.05 -9.63
CA PRO B 93 12.71 24.78 -9.59
C PRO B 93 11.29 24.96 -10.09
N ARG B 94 10.85 24.01 -10.92
CA ARG B 94 9.55 23.87 -11.56
C ARG B 94 9.36 24.83 -12.73
N ASP B 95 10.39 25.54 -13.15
CA ASP B 95 10.34 26.22 -14.43
C ASP B 95 10.46 25.21 -15.57
N VAL B 96 9.93 25.58 -16.75
CA VAL B 96 10.05 24.75 -17.96
C VAL B 96 11.03 25.41 -18.92
N VAL B 97 11.92 24.60 -19.50
CA VAL B 97 12.94 25.06 -20.44
C VAL B 97 12.88 24.16 -21.66
N GLY B 98 12.62 24.73 -22.83
CA GLY B 98 12.55 23.93 -24.03
C GLY B 98 13.94 23.56 -24.55
N VAL B 99 14.06 22.33 -25.02
CA VAL B 99 15.28 21.86 -25.68
C VAL B 99 14.88 21.40 -27.07
N LEU B 100 15.30 22.16 -28.10
CA LEU B 100 14.92 21.93 -29.49
C LEU B 100 16.20 21.68 -30.29
N THR B 101 16.59 20.43 -30.39
CA THR B 101 17.84 20.09 -31.05
C THR B 101 17.75 18.74 -31.75
N ALA B 102 18.64 18.53 -32.71
CA ALA B 102 18.78 17.25 -33.36
C ALA B 102 19.85 16.35 -32.73
N SER B 103 20.68 16.87 -31.85
CA SER B 103 21.82 16.14 -31.31
C SER B 103 21.47 15.40 -30.01
N SER B 104 21.63 14.06 -30.02
CA SER B 104 21.32 13.28 -28.83
C SER B 104 22.15 13.70 -27.62
N THR B 105 23.44 14.02 -27.82
CA THR B 105 24.27 14.43 -26.71
C THR B 105 23.80 15.75 -26.12
N GLU B 106 23.29 16.63 -26.97
CA GLU B 106 22.79 17.92 -26.51
C GLU B 106 21.53 17.72 -25.68
N PHE B 107 20.64 16.85 -26.14
CA PHE B 107 19.47 16.51 -25.35
C PHE B 107 19.90 16.05 -23.96
N ALA B 108 20.92 15.21 -23.90
CA ALA B 108 21.23 14.53 -22.64
C ALA B 108 21.90 15.47 -21.63
N ILE B 109 22.77 16.37 -22.09
CA ILE B 109 23.44 17.29 -21.16
C ILE B 109 22.46 18.31 -20.62
N ASN B 110 21.63 18.89 -21.50
CA ASN B 110 20.65 19.87 -21.05
C ASN B 110 19.60 19.23 -20.16
N PHE B 111 19.27 17.97 -20.45
CA PHE B 111 18.40 17.16 -19.61
C PHE B 111 18.90 17.07 -18.17
N MET B 112 20.16 16.64 -18.00
CA MET B 112 20.64 16.46 -16.65
C MET B 112 20.85 17.79 -15.94
N ALA B 113 21.40 18.78 -16.65
CA ALA B 113 21.65 20.07 -16.03
C ALA B 113 20.36 20.75 -15.59
N ILE B 114 19.36 20.80 -16.49
CA ILE B 114 18.09 21.44 -16.12
C ILE B 114 17.42 20.69 -14.95
N ASN B 115 17.36 19.35 -15.03
CA ASN B 115 17.00 18.45 -13.92
C ASN B 115 17.55 18.90 -12.57
N SER B 116 18.86 19.13 -12.54
CA SER B 116 19.62 19.31 -11.32
C SER B 116 19.28 20.62 -10.59
N LEU B 117 18.71 21.59 -11.29
CA LEU B 117 18.15 22.80 -10.69
C LEU B 117 16.68 22.63 -10.31
N GLY B 118 16.08 21.47 -10.58
CA GLY B 118 14.68 21.27 -10.29
C GLY B 118 13.73 21.76 -11.36
N ALA B 119 14.24 22.28 -12.46
CA ALA B 119 13.37 22.72 -13.54
C ALA B 119 13.08 21.55 -14.48
N ILE B 120 12.24 21.80 -15.48
CA ILE B 120 11.73 20.70 -16.30
C ILE B 120 12.21 20.82 -17.75
N PRO B 121 13.14 19.98 -18.19
CA PRO B 121 13.57 20.02 -19.60
C PRO B 121 12.46 19.50 -20.50
N SER B 122 12.16 20.26 -21.56
CA SER B 122 11.08 19.90 -22.49
C SER B 122 11.67 19.66 -23.87
N PHE B 123 11.79 18.40 -24.25
CA PHE B 123 12.32 17.99 -25.54
C PHE B 123 11.29 18.19 -26.64
N ALA B 124 11.71 18.79 -27.74
CA ALA B 124 10.90 18.89 -28.95
C ALA B 124 11.69 18.30 -30.08
N ASN B 125 11.02 17.60 -30.98
CA ASN B 125 11.73 17.08 -32.15
C ASN B 125 12.16 18.25 -33.04
N ALA B 126 13.41 18.21 -33.49
CA ALA B 126 13.94 19.31 -34.29
C ALA B 126 13.14 19.56 -35.56
N LYS B 127 12.40 18.57 -36.04
CA LYS B 127 11.76 18.64 -37.34
C LYS B 127 10.25 18.83 -37.27
N LEU B 128 9.70 19.26 -36.13
CA LEU B 128 8.33 19.77 -36.15
C LEU B 128 8.24 20.95 -37.09
N ARG B 129 7.07 21.10 -37.72
CA ARG B 129 6.78 22.35 -38.40
C ARG B 129 7.07 23.50 -37.45
N PRO B 130 7.82 24.52 -37.87
CA PRO B 130 8.23 25.57 -36.92
C PRO B 130 7.09 26.23 -36.16
N GLU B 131 5.97 26.54 -36.81
CA GLU B 131 4.85 27.10 -36.07
C GLU B 131 4.33 26.10 -35.03
N ILE B 132 4.32 24.81 -35.38
CA ILE B 132 3.90 23.81 -34.40
C ILE B 132 4.84 23.83 -33.20
N ALA B 133 6.15 23.76 -33.44
CA ALA B 133 7.13 23.79 -32.35
C ALA B 133 6.95 25.01 -31.46
N ARG B 134 6.96 26.19 -32.07
CA ARG B 134 6.79 27.44 -31.35
C ARG B 134 5.57 27.41 -30.42
N GLU B 135 4.42 27.01 -30.95
CA GLU B 135 3.19 27.03 -30.17
C GLU B 135 3.10 25.83 -29.22
N TYR B 136 3.65 24.70 -29.63
CA TYR B 136 3.76 23.57 -28.72
C TYR B 136 4.48 23.97 -27.44
N ILE B 137 5.47 24.84 -27.52
CA ILE B 137 6.22 25.22 -26.33
C ILE B 137 5.57 26.39 -25.60
N ARG B 138 4.97 27.33 -26.32
CA ARG B 138 4.26 28.39 -25.61
C ARG B 138 3.15 27.84 -24.73
N ARG B 139 2.49 26.78 -25.17
CA ARG B 139 1.40 26.22 -24.40
C ARG B 139 1.89 25.60 -23.08
N GLN B 140 3.16 25.25 -22.98
CA GLN B 140 3.67 24.70 -21.74
C GLN B 140 3.96 25.78 -20.72
N GLY B 141 4.06 27.02 -21.18
CA GLY B 141 4.45 28.11 -20.32
C GLY B 141 5.94 28.12 -20.00
N ALA B 142 6.79 27.87 -20.99
CA ALA B 142 8.20 27.70 -20.71
C ALA B 142 8.88 29.05 -20.47
N SER B 143 9.90 29.06 -19.63
CA SER B 143 10.62 30.30 -19.35
C SER B 143 11.58 30.67 -20.47
N GLY B 144 11.92 29.75 -21.37
CA GLY B 144 13.01 29.93 -22.31
C GLY B 144 13.37 28.61 -22.95
N ALA B 145 14.38 28.65 -23.81
CA ALA B 145 14.70 27.42 -24.53
C ALA B 145 16.12 27.46 -25.07
N VAL B 146 16.65 26.27 -25.32
CA VAL B 146 17.93 26.10 -25.98
C VAL B 146 17.67 25.36 -27.27
N THR B 147 18.31 25.81 -28.36
CA THR B 147 18.23 25.11 -29.63
C THR B 147 19.61 24.81 -30.15
N ASP B 148 19.68 23.95 -31.15
CA ASP B 148 20.84 23.95 -32.01
C ASP B 148 20.71 25.09 -33.01
N THR B 149 21.74 25.29 -33.82
CA THR B 149 21.79 26.47 -34.68
C THR B 149 20.66 26.47 -35.71
N GLU B 150 20.45 25.33 -36.40
CA GLU B 150 19.46 25.28 -37.47
C GLU B 150 18.06 25.55 -36.93
N ARG B 151 17.80 25.22 -35.67
CA ARG B 151 16.50 25.46 -35.06
C ARG B 151 16.42 26.76 -34.28
N HIS B 152 17.53 27.51 -34.18
CA HIS B 152 17.48 28.69 -33.34
C HIS B 152 16.44 29.67 -33.82
N GLU B 153 16.32 29.86 -35.14
CA GLU B 153 15.36 30.80 -35.70
C GLU B 153 13.92 30.37 -35.44
N VAL B 154 13.67 29.11 -35.09
CA VAL B 154 12.30 28.67 -34.88
C VAL B 154 11.73 29.27 -33.59
N LEU B 155 12.58 29.56 -32.60
CA LEU B 155 12.09 30.07 -31.32
C LEU B 155 12.51 31.51 -31.05
N ALA B 156 13.54 32.02 -31.70
CA ALA B 156 14.01 33.35 -31.36
C ALA B 156 13.13 34.40 -32.02
N GLY B 157 12.97 35.51 -31.33
CA GLY B 157 12.08 36.54 -31.82
C GLY B 157 10.68 36.46 -31.28
N GLY B 158 10.36 35.41 -30.54
CA GLY B 158 9.04 35.23 -29.96
C GLY B 158 8.97 35.70 -28.51
N GLU B 159 7.99 35.14 -27.80
CA GLU B 159 7.74 35.57 -26.43
C GLU B 159 8.69 34.95 -25.40
N LEU B 160 9.51 33.96 -25.77
CA LEU B 160 10.30 33.31 -24.74
C LEU B 160 11.31 34.28 -24.13
N GLY B 161 11.60 34.09 -22.85
CA GLY B 161 12.50 34.98 -22.13
C GLY B 161 13.95 34.83 -22.52
N PHE B 162 14.33 33.68 -23.02
CA PHE B 162 15.65 33.55 -23.62
C PHE B 162 15.60 32.41 -24.61
N VAL B 163 16.37 32.56 -25.68
CA VAL B 163 16.48 31.53 -26.68
C VAL B 163 17.96 31.50 -27.06
N VAL B 164 18.71 30.59 -26.44
CA VAL B 164 20.15 30.53 -26.59
C VAL B 164 20.54 29.23 -27.28
N THR B 165 21.82 29.12 -27.62
CA THR B 165 22.38 27.91 -28.18
C THR B 165 23.62 27.55 -27.38
N ALA B 166 24.21 26.41 -27.75
CA ALA B 166 25.37 25.89 -27.05
C ALA B 166 26.53 26.87 -27.03
N GLU B 167 26.66 27.67 -28.09
CA GLU B 167 27.71 28.67 -28.14
C GLU B 167 27.59 29.67 -27.00
N ASP B 168 26.37 29.88 -26.50
CA ASP B 168 26.16 30.83 -25.44
C ASP B 168 26.58 30.34 -24.07
N ILE B 169 26.79 29.03 -23.88
CA ILE B 169 27.09 28.49 -22.56
C ILE B 169 28.59 28.24 -22.48
N ARG B 170 29.22 28.89 -21.53
CA ARG B 170 30.67 28.99 -21.52
C ARG B 170 31.20 28.66 -20.13
N PRO B 171 32.48 28.27 -20.02
CA PRO B 171 32.99 27.77 -18.74
C PRO B 171 32.82 28.74 -17.58
N GLU B 172 32.91 30.04 -17.80
CA GLU B 172 32.78 30.95 -16.69
C GLU B 172 31.46 30.76 -15.95
N HIS B 173 30.44 30.24 -16.63
CA HIS B 173 29.12 30.14 -16.00
C HIS B 173 29.09 29.12 -14.87
N ARG B 174 30.07 28.21 -14.83
CA ARG B 174 30.10 27.18 -13.80
C ARG B 174 30.24 27.79 -12.40
N ALA B 175 30.87 28.95 -12.31
CA ALA B 175 30.93 29.70 -11.05
C ALA B 175 29.57 30.12 -10.52
N GLN B 176 28.53 30.17 -11.35
CA GLN B 176 27.21 30.61 -10.89
C GLN B 176 26.38 29.47 -10.31
N LEU B 177 26.99 28.32 -10.04
CA LEU B 177 26.26 27.17 -9.54
C LEU B 177 25.67 27.50 -8.18
N PRO B 178 24.35 27.37 -8.00
CA PRO B 178 23.71 27.82 -6.75
C PRO B 178 24.15 27.02 -5.54
N GLN B 179 24.07 27.66 -4.37
CA GLN B 179 24.26 26.94 -3.12
C GLN B 179 23.25 25.82 -3.02
N GLY B 180 23.67 24.68 -2.50
CA GLY B 180 22.78 23.56 -2.31
C GLY B 180 22.59 22.65 -3.51
N TRP B 181 23.18 23.00 -4.63
CA TRP B 181 23.09 22.16 -5.82
C TRP B 181 23.69 20.78 -5.53
N PRO B 182 23.12 19.69 -6.08
CA PRO B 182 21.92 19.60 -6.93
C PRO B 182 20.61 19.51 -6.19
N TYR B 183 19.53 19.64 -6.96
CA TYR B 183 18.18 19.62 -6.42
C TYR B 183 17.92 18.25 -5.81
N ARG B 184 17.02 18.20 -4.84
CA ARG B 184 16.66 16.95 -4.19
C ARG B 184 15.23 16.61 -4.58
N HIS B 185 15.08 15.81 -5.65
CA HIS B 185 13.76 15.48 -6.15
C HIS B 185 13.04 14.59 -5.18
N ASP B 186 11.77 14.93 -4.91
CA ASP B 186 10.80 13.94 -4.47
C ASP B 186 10.48 13.03 -5.66
N PRO B 187 10.15 11.76 -5.39
CA PRO B 187 9.72 10.85 -6.46
C PRO B 187 8.73 11.44 -7.47
N THR B 188 7.81 12.25 -6.98
CA THR B 188 6.73 12.75 -7.81
C THR B 188 7.11 14.02 -8.54
N ASP B 189 8.37 14.44 -8.49
CA ASP B 189 8.68 15.71 -9.11
C ASP B 189 9.00 15.53 -10.60
N PRO B 190 8.36 16.32 -11.46
CA PRO B 190 8.65 16.25 -12.91
C PRO B 190 10.12 16.50 -13.22
N ILE B 191 10.66 15.68 -14.11
CA ILE B 191 12.06 15.81 -14.53
C ILE B 191 12.23 15.81 -16.04
N ILE B 192 11.13 15.75 -16.81
CA ILE B 192 11.19 15.84 -18.27
C ILE B 192 9.78 16.04 -18.81
N ILE B 193 9.67 16.73 -19.93
CA ILE B 193 8.49 16.68 -20.78
C ILE B 193 8.96 16.29 -22.17
N SER B 194 8.30 15.31 -22.78
CA SER B 194 8.59 14.95 -24.15
C SER B 194 7.30 14.54 -24.87
N HIS B 195 7.38 14.44 -26.18
CA HIS B 195 6.25 14.12 -27.02
C HIS B 195 6.59 12.94 -27.91
N SER B 196 5.57 12.17 -28.29
CA SER B 196 5.75 11.03 -29.17
C SER B 196 5.96 11.48 -30.61
N SER B 197 6.78 10.73 -31.34
CA SER B 197 7.03 11.05 -32.73
C SER B 197 5.98 10.38 -33.61
N GLY B 198 5.80 10.93 -34.81
CA GLY B 198 4.88 10.38 -35.79
C GLY B 198 3.47 10.91 -35.74
N THR B 199 3.21 11.90 -34.88
CA THR B 199 1.86 12.40 -34.66
C THR B 199 1.45 13.37 -35.76
N THR B 200 0.16 13.69 -35.77
CA THR B 200 -0.33 14.80 -36.58
C THR B 200 -0.95 15.83 -35.65
N GLY B 201 -0.82 17.09 -36.05
CA GLY B 201 -1.39 18.17 -35.25
C GLY B 201 -0.47 18.63 -34.15
N MET B 202 -1.07 19.04 -33.04
CA MET B 202 -0.27 19.42 -31.88
C MET B 202 0.12 18.16 -31.13
N PRO B 203 1.41 17.83 -31.03
CA PRO B 203 1.80 16.72 -30.15
C PRO B 203 1.32 16.92 -28.71
N LYS B 204 0.89 15.83 -28.07
CA LYS B 204 0.60 15.88 -26.64
C LYS B 204 1.91 15.89 -25.88
N ALA B 205 2.04 16.77 -24.89
CA ALA B 205 3.26 16.89 -24.11
C ALA B 205 3.19 15.98 -22.89
N VAL B 206 4.11 15.02 -22.78
CA VAL B 206 4.01 13.98 -21.77
C VAL B 206 5.09 14.21 -20.71
N PRO B 207 4.73 14.49 -19.46
CA PRO B 207 5.74 14.65 -18.40
C PRO B 207 6.06 13.32 -17.73
N HIS B 208 7.29 13.20 -17.22
CA HIS B 208 7.70 12.08 -16.39
C HIS B 208 8.44 12.54 -15.16
N THR B 209 8.26 11.80 -14.09
CA THR B 209 8.77 12.19 -12.78
C THR B 209 10.06 11.47 -12.45
N HIS B 210 10.71 11.97 -11.41
CA HIS B 210 11.89 11.36 -10.83
C HIS B 210 11.74 9.85 -10.68
N GLN B 211 10.59 9.41 -10.21
CA GLN B 211 10.34 7.99 -10.04
C GLN B 211 10.02 7.28 -11.35
N THR B 212 9.10 7.83 -12.16
CA THR B 212 8.48 7.03 -13.22
C THR B 212 9.43 6.78 -14.39
N LEU B 213 10.23 7.77 -14.79
CA LEU B 213 11.08 7.60 -15.98
C LEU B 213 12.05 6.43 -15.83
N LEU B 214 12.32 6.00 -14.60
CA LEU B 214 13.33 4.99 -14.34
C LEU B 214 12.79 3.76 -13.64
N TYR B 215 11.48 3.69 -13.41
CA TYR B 215 10.88 2.62 -12.62
C TYR B 215 11.25 1.25 -13.17
N ALA B 216 10.94 1.01 -14.45
CA ALA B 216 11.16 -0.30 -15.04
C ALA B 216 12.62 -0.71 -14.92
N GLN B 217 13.53 0.20 -15.30
CA GLN B 217 14.96 -0.06 -15.17
C GLN B 217 15.35 -0.51 -13.76
N LEU B 218 15.03 0.32 -12.76
CA LEU B 218 15.35 -0.03 -11.39
C LEU B 218 14.61 -1.29 -10.92
N HIS B 219 13.51 -1.67 -11.56
CA HIS B 219 12.90 -2.96 -11.25
C HIS B 219 13.78 -4.11 -11.70
N ARG B 220 14.22 -4.08 -12.97
CA ARG B 220 15.22 -5.03 -13.47
C ARG B 220 16.37 -5.22 -12.48
N LEU B 221 17.00 -4.11 -12.06
CA LEU B 221 18.20 -4.21 -11.24
C LEU B 221 17.92 -4.81 -9.88
N LYS B 222 16.69 -4.70 -9.38
CA LYS B 222 16.33 -5.37 -8.13
C LYS B 222 16.40 -6.88 -8.24
N LEU B 223 16.34 -7.45 -9.45
CA LEU B 223 16.53 -8.88 -9.63
C LEU B 223 17.69 -9.07 -10.61
N SER B 224 17.42 -9.43 -11.86
CA SER B 224 18.47 -9.61 -12.85
C SER B 224 18.12 -8.86 -14.13
N VAL B 225 19.17 -8.43 -14.82
CA VAL B 225 19.06 -7.87 -16.16
C VAL B 225 19.39 -8.96 -17.17
N GLY B 226 18.78 -8.86 -18.35
CA GLY B 226 18.98 -9.83 -19.41
C GLY B 226 19.99 -9.34 -20.43
N GLY B 227 20.81 -10.26 -20.95
CA GLY B 227 21.83 -9.95 -21.94
C GLY B 227 22.97 -9.09 -21.42
N SER B 228 23.25 -9.15 -20.12
CA SER B 228 24.08 -8.16 -19.43
C SER B 228 23.55 -6.78 -19.79
N MET B 229 24.26 -6.09 -20.68
CA MET B 229 23.87 -4.88 -21.38
C MET B 229 25.10 -4.48 -22.19
N GLY B 230 26.26 -4.43 -21.54
CA GLY B 230 27.52 -4.35 -22.23
C GLY B 230 27.89 -2.97 -22.72
N ARG B 231 28.06 -2.83 -24.03
CA ARG B 231 28.20 -1.52 -24.65
C ARG B 231 26.87 -1.17 -25.31
N LEU B 232 26.26 -0.07 -24.89
CA LEU B 232 24.93 0.32 -25.36
C LEU B 232 25.05 1.35 -26.47
N LEU B 233 24.44 1.07 -27.63
CA LEU B 233 24.36 2.04 -28.72
C LEU B 233 22.94 2.57 -28.80
N VAL B 234 22.75 3.79 -28.31
CA VAL B 234 21.42 4.41 -28.24
C VAL B 234 21.23 5.18 -29.55
N ALA B 235 20.45 4.59 -30.46
CA ALA B 235 20.11 5.19 -31.74
C ALA B 235 18.65 5.59 -31.78
N LEU B 236 18.01 5.66 -30.63
CA LEU B 236 16.67 6.21 -30.55
C LEU B 236 16.72 7.71 -30.82
N PRO B 237 15.66 8.27 -31.41
CA PRO B 237 15.60 9.75 -31.54
C PRO B 237 15.73 10.42 -30.18
N GLY B 238 16.69 11.33 -30.07
CA GLY B 238 17.02 11.92 -28.78
C GLY B 238 15.89 12.70 -28.13
N ASN B 239 14.91 13.14 -28.91
CA ASN B 239 13.79 13.84 -28.29
C ASN B 239 12.86 12.89 -27.56
N HIS B 240 12.92 11.59 -27.88
CA HIS B 240 12.10 10.60 -27.21
C HIS B 240 12.69 10.30 -25.82
N ASN B 241 11.82 10.24 -24.80
CA ASN B 241 12.30 10.04 -23.43
C ASN B 241 13.03 8.70 -23.26
N ALA B 242 12.78 7.74 -24.15
CA ALA B 242 13.48 6.46 -24.04
C ALA B 242 14.97 6.64 -24.21
N ALA B 243 15.39 7.56 -25.07
CA ALA B 243 16.81 7.81 -25.20
C ALA B 243 17.41 8.14 -23.84
N MET B 244 16.76 9.01 -23.07
CA MET B 244 17.28 9.32 -21.75
C MET B 244 17.13 8.14 -20.80
N SER B 245 16.01 7.43 -20.91
CA SER B 245 15.77 6.26 -20.07
C SER B 245 16.91 5.27 -20.21
N VAL B 246 17.22 4.89 -21.45
CA VAL B 246 18.28 3.91 -21.70
C VAL B 246 19.63 4.47 -21.26
N MET B 247 19.93 5.69 -21.69
CA MET B 247 21.22 6.28 -21.39
C MET B 247 21.51 6.28 -19.90
N MET B 248 20.55 6.67 -19.09
CA MET B 248 20.80 6.67 -17.65
C MET B 248 20.95 5.26 -17.10
N PHE B 249 20.10 4.33 -17.55
CA PHE B 249 20.30 2.93 -17.18
C PHE B 249 21.74 2.49 -17.45
N GLY B 250 22.23 2.77 -18.66
CA GLY B 250 23.59 2.42 -18.99
C GLY B 250 24.60 3.07 -18.07
N LEU B 251 24.40 4.36 -17.75
CA LEU B 251 25.33 5.02 -16.83
C LEU B 251 25.35 4.29 -15.49
N LEU B 252 24.18 3.88 -15.00
CA LEU B 252 24.11 3.15 -13.73
C LEU B 252 24.87 1.83 -13.81
N LEU B 253 24.61 1.03 -14.85
CA LEU B 253 25.31 -0.24 -14.99
C LEU B 253 26.83 -0.10 -15.20
N ASP B 254 27.38 1.11 -15.30
CA ASP B 254 28.76 1.30 -15.78
C ASP B 254 28.97 0.67 -17.16
N SER B 255 27.91 0.56 -17.95
CA SER B 255 28.03 0.21 -19.35
C SER B 255 28.32 1.44 -20.19
N PRO B 256 29.32 1.40 -21.06
CA PRO B 256 29.54 2.52 -21.99
C PRO B 256 28.31 2.79 -22.83
N VAL B 257 28.06 4.05 -23.12
CA VAL B 257 26.85 4.44 -23.84
C VAL B 257 27.25 5.37 -24.98
N TYR B 258 26.90 4.98 -26.20
CA TYR B 258 27.11 5.81 -27.38
C TYR B 258 25.80 6.49 -27.77
N LEU B 259 25.83 7.82 -27.92
CA LEU B 259 24.65 8.62 -28.22
C LEU B 259 24.68 8.98 -29.70
N GLN B 260 24.13 8.09 -30.51
CA GLN B 260 23.99 8.29 -31.95
C GLN B 260 22.76 9.16 -32.27
N SER B 261 22.95 10.17 -33.12
CA SER B 261 21.84 11.05 -33.46
C SER B 261 21.07 10.57 -34.68
N SER B 262 21.75 10.41 -35.82
CA SER B 262 21.05 10.04 -37.05
C SER B 262 20.44 8.66 -36.95
N GLN B 263 19.12 8.58 -37.23
CA GLN B 263 18.39 7.33 -37.36
C GLN B 263 18.55 6.68 -38.72
N ARG B 264 19.60 7.01 -39.46
CA ARG B 264 19.77 6.52 -40.81
C ARG B 264 20.63 5.28 -40.78
N GLY B 265 20.07 4.16 -41.24
CA GLY B 265 20.72 2.87 -41.29
C GLY B 265 22.22 2.93 -41.45
N SER B 266 22.68 3.60 -42.50
CA SER B 266 24.11 3.61 -42.79
C SER B 266 24.92 4.23 -41.66
N ASP B 267 24.47 5.39 -41.16
CA ASP B 267 25.18 6.07 -40.07
C ASP B 267 25.24 5.19 -38.82
N VAL B 268 24.11 4.58 -38.47
CA VAL B 268 24.08 3.65 -37.34
C VAL B 268 25.06 2.49 -37.59
N LEU B 269 25.08 1.97 -38.81
CA LEU B 269 26.02 0.90 -39.13
C LEU B 269 27.46 1.37 -38.93
N ASP B 270 27.79 2.59 -39.37
CA ASP B 270 29.11 3.11 -39.07
C ASP B 270 29.32 3.16 -37.57
N ALA B 271 28.26 3.47 -36.83
CA ALA B 271 28.40 3.51 -35.38
C ALA B 271 28.68 2.11 -34.82
N ILE B 272 27.91 1.11 -35.26
CA ILE B 272 28.15 -0.26 -34.78
C ILE B 272 29.59 -0.68 -35.04
N GLU B 273 30.11 -0.36 -36.23
CA GLU B 273 31.46 -0.83 -36.56
C GLU B 273 32.52 -0.12 -35.71
N LYS B 274 32.35 1.17 -35.46
CA LYS B 274 33.35 1.87 -34.64
C LYS B 274 33.15 1.63 -33.15
N PHE B 275 31.90 1.57 -32.67
CA PHE B 275 31.67 1.46 -31.25
C PHE B 275 31.56 0.03 -30.78
N LYS B 276 31.24 -0.90 -31.68
CA LYS B 276 31.11 -2.31 -31.35
C LYS B 276 30.17 -2.52 -30.16
N PRO B 277 28.91 -2.14 -30.29
CA PRO B 277 27.98 -2.29 -29.17
C PRO B 277 27.50 -3.72 -29.04
N THR B 278 27.23 -4.12 -27.81
CA THR B 278 26.65 -5.43 -27.61
C THR B 278 25.12 -5.38 -27.61
N THR B 279 24.54 -4.21 -27.32
CA THR B 279 23.10 -4.00 -27.42
C THR B 279 22.85 -2.70 -28.17
N VAL B 280 21.93 -2.76 -29.14
CA VAL B 280 21.52 -1.60 -29.93
C VAL B 280 20.09 -1.25 -29.60
N PHE B 281 19.80 0.04 -29.52
CA PHE B 281 18.44 0.55 -29.26
C PHE B 281 17.97 1.42 -30.44
N GLY B 282 16.79 1.11 -30.98
CA GLY B 282 16.33 1.86 -32.14
C GLY B 282 14.87 1.69 -32.46
N PHE B 283 14.42 2.48 -33.44
CA PHE B 283 13.08 2.47 -34.03
C PHE B 283 13.04 1.57 -35.25
N SER B 284 11.83 1.07 -35.57
CA SER B 284 11.62 0.24 -36.76
C SER B 284 12.34 0.77 -38.00
N GLY B 285 12.02 2.01 -38.38
CA GLY B 285 12.52 2.54 -39.63
C GLY B 285 14.03 2.41 -39.75
N THR B 286 14.73 2.52 -38.62
CA THR B 286 16.17 2.36 -38.67
C THR B 286 16.54 0.92 -38.90
N TYR B 287 15.88 0.01 -38.17
CA TYR B 287 16.18 -1.40 -38.34
C TYR B 287 15.89 -1.85 -39.77
N GLY B 288 14.89 -1.25 -40.41
CA GLY B 288 14.58 -1.61 -41.79
C GLY B 288 15.68 -1.22 -42.75
N GLN B 289 16.12 0.03 -42.68
CA GLN B 289 17.27 0.47 -43.48
C GLN B 289 18.49 -0.44 -43.27
N ILE B 290 18.70 -0.88 -42.04
CA ILE B 290 19.88 -1.71 -41.75
C ILE B 290 19.74 -3.06 -42.41
N ALA B 291 18.56 -3.67 -42.29
CA ALA B 291 18.34 -5.03 -42.76
C ALA B 291 18.31 -5.11 -44.28
N THR B 292 18.19 -3.98 -44.97
CA THR B 292 18.24 -3.93 -46.42
C THR B 292 19.57 -3.41 -46.93
N SER B 293 20.52 -3.12 -46.03
CA SER B 293 21.86 -2.75 -46.42
C SER B 293 22.67 -3.99 -46.79
N ASP B 294 23.83 -3.75 -47.38
CA ASP B 294 24.73 -4.84 -47.74
C ASP B 294 25.58 -5.14 -46.52
N LEU B 295 25.07 -6.03 -45.67
CA LEU B 295 25.70 -6.26 -44.37
C LEU B 295 27.02 -7.02 -44.49
N SER B 296 27.24 -7.71 -45.61
CA SER B 296 28.41 -8.55 -45.80
C SER B 296 29.73 -7.79 -45.72
N THR B 297 29.70 -6.46 -45.61
CA THR B 297 30.91 -5.67 -45.45
C THR B 297 30.96 -4.98 -44.10
N ARG B 298 30.12 -5.40 -43.16
CA ARG B 298 29.92 -4.72 -41.89
C ARG B 298 30.30 -5.64 -40.75
N ASP B 299 31.19 -5.17 -39.86
CA ASP B 299 31.55 -5.94 -38.68
C ASP B 299 30.46 -5.79 -37.63
N MET B 300 29.44 -6.62 -37.71
CA MET B 300 28.39 -6.65 -36.70
C MET B 300 28.68 -7.67 -35.62
N SER B 301 29.91 -8.17 -35.53
CA SER B 301 30.15 -9.34 -34.70
C SER B 301 29.90 -9.03 -33.23
N SER B 302 30.08 -7.78 -32.82
CA SER B 302 29.95 -7.41 -31.41
C SER B 302 28.51 -7.53 -30.91
N ILE B 303 27.53 -7.38 -31.82
CA ILE B 303 26.13 -7.25 -31.44
C ILE B 303 25.60 -8.56 -30.85
N GLU B 304 24.86 -8.46 -29.73
CA GLU B 304 24.18 -9.61 -29.14
C GLU B 304 22.70 -9.44 -28.94
N ALA B 305 22.18 -8.21 -28.91
CA ALA B 305 20.74 -7.98 -28.85
C ALA B 305 20.41 -6.61 -29.41
N TYR B 306 19.24 -6.51 -30.04
CA TYR B 306 18.63 -5.23 -30.35
C TYR B 306 17.37 -5.06 -29.52
N TYR B 307 17.08 -3.82 -29.09
CA TYR B 307 15.73 -3.50 -28.65
C TYR B 307 15.11 -2.52 -29.63
N ASN B 308 13.81 -2.70 -29.89
CA ASN B 308 13.02 -1.83 -30.75
C ASN B 308 11.86 -1.27 -29.94
N THR B 309 11.62 0.04 -30.04
CA THR B 309 10.55 0.68 -29.31
C THR B 309 9.61 1.42 -30.26
N GLY B 310 8.37 1.60 -29.83
CA GLY B 310 7.36 2.17 -30.70
C GLY B 310 6.68 1.09 -31.49
N ASP B 311 6.52 1.30 -32.80
CA ASP B 311 5.82 0.35 -33.65
C ASP B 311 6.68 -0.87 -33.91
N ALA B 312 6.04 -2.05 -33.99
CA ALA B 312 6.80 -3.29 -34.12
C ALA B 312 7.62 -3.29 -35.41
N ALA B 313 8.74 -4.00 -35.37
CA ALA B 313 9.61 -4.10 -36.53
C ALA B 313 9.12 -5.19 -37.46
N HIS B 314 9.58 -5.15 -38.70
CA HIS B 314 9.05 -6.04 -39.72
C HIS B 314 9.80 -7.37 -39.71
N GLU B 315 9.02 -8.46 -39.69
CA GLU B 315 9.54 -9.79 -39.40
C GLU B 315 10.66 -10.20 -40.35
N ALA B 316 10.67 -9.67 -41.59
CA ALA B 316 11.74 -10.02 -42.51
C ALA B 316 13.03 -9.25 -42.20
N HIS B 317 12.90 -8.01 -41.75
CA HIS B 317 14.07 -7.30 -41.22
C HIS B 317 14.63 -8.01 -40.00
N ILE B 318 13.75 -8.36 -39.06
CA ILE B 318 14.18 -9.04 -37.85
C ILE B 318 14.96 -10.30 -38.20
N ARG B 319 14.48 -11.07 -39.18
CA ARG B 319 15.18 -12.30 -39.51
C ARG B 319 16.58 -12.00 -40.04
N VAL B 320 16.73 -10.92 -40.81
CA VAL B 320 18.06 -10.55 -41.30
C VAL B 320 18.97 -10.14 -40.15
N LEU B 321 18.41 -9.49 -39.13
CA LEU B 321 19.26 -8.92 -38.09
C LEU B 321 19.72 -9.97 -37.07
N VAL B 322 18.80 -10.85 -36.61
CA VAL B 322 19.15 -11.85 -35.59
C VAL B 322 20.25 -12.80 -36.06
N ALA B 323 20.53 -12.83 -37.36
CA ALA B 323 21.61 -13.66 -37.88
C ALA B 323 22.99 -13.08 -37.56
N GLN B 324 23.07 -11.81 -37.22
CA GLN B 324 24.38 -11.21 -36.96
C GLN B 324 24.81 -11.45 -35.52
N GLY B 325 26.12 -11.38 -35.29
CA GLY B 325 26.71 -11.51 -33.98
C GLY B 325 26.34 -12.83 -33.31
N SER B 326 26.19 -12.76 -31.99
CA SER B 326 26.09 -13.95 -31.16
C SER B 326 25.56 -13.57 -29.79
N HIS B 327 24.88 -14.52 -29.14
CA HIS B 327 24.40 -14.35 -27.77
C HIS B 327 24.71 -15.59 -26.97
N GLU B 328 24.69 -15.46 -25.64
CA GLU B 328 24.89 -16.60 -24.76
C GLU B 328 23.55 -17.21 -24.38
N GLU B 329 23.51 -18.53 -24.31
CA GLU B 329 22.33 -19.24 -23.84
C GLU B 329 22.73 -20.12 -22.67
N ILE B 330 21.74 -20.51 -21.88
CA ILE B 330 21.99 -21.43 -20.78
C ILE B 330 22.25 -22.81 -21.34
N GLY B 331 23.45 -23.34 -21.07
CA GLY B 331 23.85 -24.61 -21.60
C GLY B 331 23.15 -25.76 -20.91
N PRO B 332 23.42 -26.98 -21.37
CA PRO B 332 22.81 -28.16 -20.74
C PRO B 332 23.40 -28.50 -19.37
N ASP B 333 24.68 -28.19 -19.17
CA ASP B 333 25.33 -28.18 -17.87
C ASP B 333 25.08 -26.88 -17.08
N PHE B 334 24.08 -26.09 -17.50
CA PHE B 334 23.59 -24.95 -16.71
C PHE B 334 24.63 -23.85 -16.56
N LYS B 335 25.43 -23.65 -17.60
CA LYS B 335 26.45 -22.62 -17.68
C LYS B 335 26.33 -21.96 -19.05
N PRO B 336 26.79 -20.72 -19.19
CA PRO B 336 26.50 -19.98 -20.41
C PRO B 336 27.27 -20.57 -21.57
N VAL B 337 26.57 -20.85 -22.66
CA VAL B 337 27.21 -21.22 -23.92
C VAL B 337 26.93 -20.12 -24.93
N ARG B 338 27.98 -19.63 -25.56
CA ARG B 338 27.80 -18.73 -26.70
C ARG B 338 27.24 -19.49 -27.88
N VAL B 339 26.33 -18.86 -28.63
CA VAL B 339 25.76 -19.45 -29.83
C VAL B 339 25.64 -18.38 -30.89
N PRO B 340 25.72 -18.78 -32.16
CA PRO B 340 25.52 -17.81 -33.24
C PRO B 340 24.16 -17.16 -33.15
N GLY B 341 24.11 -15.89 -33.57
CA GLY B 341 22.88 -15.13 -33.69
C GLY B 341 22.60 -14.24 -32.47
N SER B 342 21.78 -13.22 -32.71
CA SER B 342 21.46 -12.20 -31.73
C SER B 342 19.99 -12.33 -31.32
N VAL B 343 19.54 -11.45 -30.44
CA VAL B 343 18.16 -11.45 -29.98
C VAL B 343 17.55 -10.07 -30.19
N PHE B 344 16.57 -9.99 -31.08
CA PHE B 344 15.85 -8.76 -31.34
C PHE B 344 14.58 -8.76 -30.51
N THR B 345 14.41 -7.74 -29.67
CA THR B 345 13.24 -7.61 -28.81
C THR B 345 12.35 -6.44 -29.23
N ASP B 346 11.12 -6.73 -29.62
CA ASP B 346 10.11 -5.69 -29.85
C ASP B 346 9.47 -5.33 -28.53
N GLY B 347 9.22 -4.05 -28.33
CA GLY B 347 8.62 -3.62 -27.08
C GLY B 347 7.51 -2.62 -27.26
N LEU B 348 6.26 -3.09 -27.36
CA LEU B 348 5.13 -2.18 -27.47
C LEU B 348 5.11 -1.24 -26.27
N GLY B 349 4.92 0.05 -26.54
CA GLY B 349 4.98 1.05 -25.49
C GLY B 349 4.72 2.43 -26.05
N SER B 350 4.93 3.45 -25.22
CA SER B 350 4.62 4.80 -25.64
C SER B 350 5.46 5.77 -24.83
N SER B 351 5.48 7.03 -25.26
CA SER B 351 6.00 8.08 -24.39
C SER B 351 5.27 8.08 -23.06
N GLU B 352 3.99 7.75 -23.08
CA GLU B 352 3.18 7.84 -21.89
C GLU B 352 3.57 6.78 -20.85
N THR B 353 4.18 5.66 -21.26
CA THR B 353 4.53 4.58 -20.33
C THR B 353 6.01 4.51 -19.97
N GLY B 354 6.89 5.31 -20.60
CA GLY B 354 8.25 5.51 -20.14
C GLY B 354 9.18 4.33 -20.30
N TYR B 355 8.69 3.25 -20.92
CA TYR B 355 9.35 1.96 -21.08
C TYR B 355 8.34 1.13 -21.83
N SER B 356 8.77 -0.04 -22.27
CA SER B 356 7.87 -0.99 -22.91
C SER B 356 7.09 -1.81 -21.88
N ILE B 357 5.84 -2.08 -22.19
CA ILE B 357 4.91 -2.75 -21.29
C ILE B 357 4.82 -4.22 -21.68
N PHE B 358 4.98 -4.50 -22.98
CA PHE B 358 4.99 -5.86 -23.51
C PHE B 358 6.33 -6.10 -24.20
N HIS B 359 6.76 -7.37 -24.19
CA HIS B 359 8.03 -7.76 -24.77
C HIS B 359 7.88 -9.01 -25.63
N ASN B 360 8.58 -9.01 -26.76
CA ASN B 360 8.52 -10.06 -27.78
C ASN B 360 9.92 -10.30 -28.29
N GLY B 361 10.54 -11.40 -27.89
CA GLY B 361 11.91 -11.69 -28.30
C GLY B 361 11.95 -12.55 -29.55
N HIS B 362 12.94 -12.31 -30.40
CA HIS B 362 13.16 -13.12 -31.58
C HIS B 362 14.61 -13.59 -31.58
N LYS B 363 14.82 -14.90 -31.41
CA LYS B 363 16.14 -15.52 -31.57
C LYS B 363 16.28 -15.94 -33.03
N PRO B 364 17.44 -16.45 -33.48
CA PRO B 364 17.52 -16.93 -34.86
C PRO B 364 16.51 -18.00 -35.22
N GLY B 365 16.30 -18.98 -34.34
CA GLY B 365 15.32 -20.00 -34.70
C GLY B 365 13.88 -19.59 -34.54
N SER B 366 13.62 -18.52 -33.78
CA SER B 366 12.31 -18.30 -33.17
C SER B 366 11.19 -18.33 -34.20
N ALA B 367 10.00 -18.63 -33.69
CA ALA B 367 8.81 -18.79 -34.49
C ALA B 367 8.05 -17.47 -34.61
N SER B 368 7.13 -17.42 -35.58
CA SER B 368 6.35 -16.21 -35.80
C SER B 368 5.42 -15.95 -34.62
N PHE B 369 5.53 -14.75 -34.03
CA PHE B 369 4.59 -14.33 -33.00
C PHE B 369 3.23 -13.99 -33.57
N GLY B 370 3.08 -13.94 -34.89
CA GLY B 370 1.82 -13.51 -35.45
C GLY B 370 1.50 -12.15 -34.89
N ARG B 371 0.33 -12.02 -34.28
CA ARG B 371 -0.11 -10.76 -33.69
C ARG B 371 -0.04 -10.78 -32.18
N CYS B 372 0.60 -11.77 -31.61
CA CYS B 372 0.59 -11.93 -30.17
C CYS B 372 1.69 -11.08 -29.55
N ILE B 373 1.32 -10.22 -28.61
CA ILE B 373 2.33 -9.46 -27.88
C ILE B 373 2.49 -9.97 -26.45
N GLY B 374 1.91 -11.12 -26.15
CA GLY B 374 2.19 -11.79 -24.90
C GLY B 374 1.46 -11.14 -23.73
N LYS B 375 2.12 -11.19 -22.58
CA LYS B 375 1.59 -10.67 -21.34
C LYS B 375 2.34 -9.42 -20.92
N PRO B 376 1.74 -8.55 -20.13
CA PRO B 376 2.47 -7.36 -19.70
C PRO B 376 3.48 -7.72 -18.63
N MET B 377 4.61 -7.00 -18.65
CA MET B 377 5.54 -6.92 -17.53
C MET B 377 4.81 -6.97 -16.20
N SER B 378 5.45 -7.62 -15.22
CA SER B 378 4.85 -7.88 -13.92
C SER B 378 4.33 -6.62 -13.27
N PHE B 379 5.09 -5.52 -13.36
CA PHE B 379 4.69 -4.30 -12.66
C PHE B 379 3.51 -3.60 -13.32
N ALA B 380 3.21 -3.93 -14.57
CA ALA B 380 2.11 -3.31 -15.28
C ALA B 380 0.88 -4.19 -15.18
N GLN B 381 -0.23 -3.66 -15.65
CA GLN B 381 -1.52 -4.34 -15.55
C GLN B 381 -2.36 -3.84 -16.71
N ALA B 382 -2.60 -4.69 -17.70
CA ALA B 382 -3.32 -4.30 -18.91
C ALA B 382 -4.68 -5.02 -18.98
N ALA B 383 -5.47 -4.65 -19.97
CA ALA B 383 -6.82 -5.17 -20.10
C ALA B 383 -7.30 -4.85 -21.50
N VAL B 384 -8.34 -5.54 -21.93
CA VAL B 384 -9.05 -5.21 -23.17
C VAL B 384 -10.41 -4.70 -22.74
N LEU B 385 -10.69 -3.42 -23.02
CA LEU B 385 -11.81 -2.70 -22.39
C LEU B 385 -12.96 -2.52 -23.35
N SER B 386 -14.18 -2.76 -22.86
CA SER B 386 -15.42 -2.42 -23.57
C SER B 386 -15.54 -0.92 -23.76
N GLU B 387 -16.57 -0.45 -24.46
CA GLU B 387 -16.72 1.00 -24.61
C GLU B 387 -17.07 1.69 -23.31
N ASP B 388 -17.65 0.98 -22.34
CA ASP B 388 -17.89 1.53 -21.01
C ASP B 388 -16.83 1.09 -19.99
N GLY B 389 -15.70 0.56 -20.46
CA GLY B 389 -14.57 0.33 -19.58
C GLY B 389 -14.62 -0.91 -18.75
N ARG B 390 -15.39 -1.89 -19.14
CA ARG B 390 -15.22 -3.15 -18.45
C ARG B 390 -14.29 -4.06 -19.25
N PRO B 391 -13.54 -4.95 -18.60
CA PRO B 391 -12.72 -5.90 -19.35
C PRO B 391 -13.57 -6.89 -20.14
N LEU B 392 -13.17 -7.13 -21.35
CA LEU B 392 -13.97 -8.10 -22.10
C LEU B 392 -13.41 -9.51 -21.93
N PRO B 393 -14.22 -10.54 -22.07
CA PRO B 393 -13.70 -11.90 -21.97
C PRO B 393 -12.86 -12.23 -23.19
N ALA B 394 -12.03 -13.24 -23.03
CA ALA B 394 -11.11 -13.63 -24.08
C ALA B 394 -11.84 -13.85 -25.38
N GLY B 395 -11.28 -13.31 -26.46
CA GLY B 395 -11.83 -13.50 -27.78
C GLY B 395 -12.59 -12.32 -28.33
N GLU B 396 -12.70 -11.22 -27.60
CA GLU B 396 -13.44 -10.05 -28.06
C GLU B 396 -12.51 -8.87 -28.28
N VAL B 397 -12.86 -8.02 -29.27
CA VAL B 397 -12.07 -6.84 -29.63
C VAL B 397 -12.47 -5.67 -28.74
N GLY B 398 -11.48 -4.99 -28.18
CA GLY B 398 -11.74 -3.75 -27.48
C GLY B 398 -10.51 -2.86 -27.45
N ARG B 399 -10.56 -1.86 -26.57
CA ARG B 399 -9.48 -0.88 -26.41
C ARG B 399 -8.44 -1.41 -25.44
N LEU B 400 -7.19 -1.41 -25.87
CA LEU B 400 -6.11 -1.82 -25.00
C LEU B 400 -5.85 -0.71 -23.98
N GLY B 401 -5.87 -1.06 -22.71
CA GLY B 401 -5.62 -0.10 -21.66
C GLY B 401 -4.61 -0.63 -20.66
N VAL B 402 -3.71 0.26 -20.24
CA VAL B 402 -2.65 -0.19 -19.34
C VAL B 402 -2.73 0.61 -18.07
N ARG B 403 -2.25 0.00 -16.98
CA ARG B 403 -1.95 0.61 -15.70
C ARG B 403 -0.51 0.31 -15.36
N SER B 404 0.23 1.29 -14.82
CA SER B 404 1.64 1.07 -14.51
C SER B 404 2.27 2.14 -13.63
N PRO B 405 3.12 1.77 -12.68
CA PRO B 405 3.97 2.76 -12.01
C PRO B 405 4.92 3.50 -12.94
N THR B 406 5.04 3.10 -14.20
CA THR B 406 5.82 3.85 -15.16
C THR B 406 4.97 4.86 -15.94
N LEU B 407 3.66 4.92 -15.70
CA LEU B 407 2.79 5.78 -16.47
C LEU B 407 2.96 7.25 -16.07
N THR B 408 2.93 8.13 -17.08
CA THR B 408 2.95 9.56 -16.86
C THR B 408 1.81 9.98 -15.93
N PRO B 409 1.98 11.04 -15.15
CA PRO B 409 0.85 11.57 -14.37
C PRO B 409 -0.15 12.40 -15.18
N GLY B 410 0.06 12.55 -16.50
CA GLY B 410 -0.91 13.28 -17.28
C GLY B 410 -0.35 14.37 -18.17
N TYR B 411 -0.94 14.52 -19.37
CA TYR B 411 -0.43 15.44 -20.37
C TYR B 411 -0.29 16.84 -19.79
N TRP B 412 0.84 17.48 -20.13
CA TRP B 412 1.23 18.73 -19.49
C TRP B 412 0.30 19.85 -19.91
N ASN B 413 -0.31 20.48 -18.94
CA ASN B 413 -1.25 21.56 -19.15
C ASN B 413 -2.48 21.15 -19.94
N ASP B 414 -2.72 19.86 -20.16
CA ASP B 414 -3.94 19.44 -20.85
C ASP B 414 -4.62 18.33 -20.05
N SER B 415 -5.31 18.73 -18.98
CA SER B 415 -6.13 17.81 -18.20
C SER B 415 -7.24 17.19 -19.04
N LEU B 416 -7.92 18.00 -19.85
CA LEU B 416 -9.09 17.55 -20.60
C LEU B 416 -8.78 16.37 -21.52
N THR B 417 -7.63 16.40 -22.20
CA THR B 417 -7.31 15.30 -23.10
C THR B 417 -6.84 14.09 -22.31
N TRP B 418 -6.10 14.34 -21.24
CA TRP B 418 -5.69 13.25 -20.37
C TRP B 418 -6.87 12.36 -20.03
N HIS B 419 -7.91 12.95 -19.43
CA HIS B 419 -9.04 12.17 -18.95
C HIS B 419 -9.93 11.67 -20.08
N LYS B 420 -9.90 12.28 -21.25
CA LYS B 420 -10.61 11.71 -22.38
C LYS B 420 -9.99 10.37 -22.74
N LEU B 421 -8.66 10.27 -22.64
CA LEU B 421 -7.91 9.05 -22.92
C LEU B 421 -7.69 8.18 -21.69
N ARG B 422 -8.61 8.22 -20.71
CA ARG B 422 -8.64 7.32 -19.57
C ARG B 422 -10.01 6.64 -19.51
N LEU B 423 -10.02 5.34 -19.17
CA LEU B 423 -11.23 4.55 -19.17
C LEU B 423 -11.11 3.44 -18.13
N GLY B 424 -11.94 3.51 -17.09
CA GLY B 424 -11.93 2.50 -16.05
C GLY B 424 -10.66 2.40 -15.22
N GLY B 425 -9.98 3.52 -14.99
CA GLY B 425 -8.71 3.48 -14.32
C GLY B 425 -7.52 3.19 -15.22
N TYR B 426 -7.76 2.90 -16.49
CA TYR B 426 -6.67 2.62 -17.41
C TYR B 426 -6.42 3.82 -18.32
N TRP B 427 -5.15 4.01 -18.67
CA TRP B 427 -4.85 4.85 -19.81
C TRP B 427 -5.14 4.05 -21.07
N LEU B 428 -5.60 4.75 -22.12
CA LEU B 428 -5.91 4.12 -23.39
C LEU B 428 -4.72 4.22 -24.34
N THR B 429 -4.15 3.10 -24.75
CA THR B 429 -3.01 3.22 -25.65
C THR B 429 -3.41 3.67 -27.04
N GLY B 430 -4.68 3.51 -27.40
CA GLY B 430 -5.14 3.83 -28.73
C GLY B 430 -5.03 2.70 -29.70
N ASP B 431 -4.75 1.49 -29.22
CA ASP B 431 -4.75 0.27 -30.01
C ASP B 431 -6.02 -0.51 -29.75
N LEU B 432 -6.40 -1.30 -30.74
CA LEU B 432 -7.43 -2.31 -30.55
C LEU B 432 -6.74 -3.64 -30.31
N ALA B 433 -7.38 -4.50 -29.51
CA ALA B 433 -6.73 -5.73 -29.09
C ALA B 433 -7.79 -6.72 -28.65
N MET B 434 -7.33 -7.95 -28.42
CA MET B 434 -8.11 -9.00 -27.79
C MET B 434 -7.19 -9.86 -26.95
N GLN B 435 -7.80 -10.62 -26.06
CA GLN B 435 -7.09 -11.59 -25.24
C GLN B 435 -7.46 -12.99 -25.71
N ASP B 436 -6.54 -13.93 -25.56
CA ASP B 436 -6.92 -15.32 -25.68
C ASP B 436 -7.23 -15.84 -24.29
N ALA B 437 -7.48 -17.15 -24.17
CA ALA B 437 -7.93 -17.68 -22.90
C ALA B 437 -6.81 -17.72 -21.87
N GLU B 438 -5.56 -17.93 -22.30
CA GLU B 438 -4.44 -17.96 -21.37
C GLU B 438 -4.06 -16.58 -20.86
N GLY B 439 -4.64 -15.51 -21.41
CA GLY B 439 -4.35 -14.18 -20.96
C GLY B 439 -3.27 -13.45 -21.71
N ASN B 440 -2.93 -13.87 -22.92
CA ASN B 440 -2.05 -13.10 -23.80
C ASN B 440 -2.86 -12.11 -24.61
N PHE B 441 -2.28 -10.92 -24.80
CA PHE B 441 -2.90 -9.87 -25.57
C PHE B 441 -2.48 -9.98 -27.03
N TYR B 442 -3.35 -9.49 -27.92
CA TYR B 442 -3.08 -9.50 -29.35
C TYR B 442 -3.30 -8.10 -29.87
N HIS B 443 -2.29 -7.54 -30.53
CA HIS B 443 -2.42 -6.21 -31.11
C HIS B 443 -3.10 -6.31 -32.48
N LEU B 444 -4.32 -5.77 -32.61
CA LEU B 444 -4.99 -5.81 -33.91
C LEU B 444 -4.59 -4.64 -34.79
N ASP B 445 -4.76 -3.41 -34.31
CA ASP B 445 -4.43 -2.24 -35.11
C ASP B 445 -4.52 -1.00 -34.23
N ARG B 446 -4.05 0.13 -34.76
CA ARG B 446 -4.38 1.42 -34.20
C ARG B 446 -5.88 1.66 -34.39
N ALA B 447 -6.55 2.13 -33.34
CA ALA B 447 -7.98 2.44 -33.44
C ALA B 447 -8.33 3.32 -34.65
N PRO B 448 -7.68 4.47 -34.87
CA PRO B 448 -8.01 5.25 -36.08
C PRO B 448 -7.63 4.57 -37.38
N ASP B 449 -7.09 3.37 -37.37
CA ASP B 449 -6.78 2.67 -38.61
C ASP B 449 -7.78 1.55 -38.87
N ALA B 450 -8.72 1.33 -37.95
CA ALA B 450 -9.86 0.48 -38.20
C ALA B 450 -10.89 1.22 -39.06
N ILE B 451 -11.42 0.53 -40.07
CA ILE B 451 -12.48 1.06 -40.94
C ILE B 451 -13.72 0.19 -40.78
N ARG B 452 -14.84 0.79 -40.41
CA ARG B 452 -16.08 0.03 -40.35
C ARG B 452 -16.69 -0.04 -41.74
N THR B 453 -16.64 -1.22 -42.37
CA THR B 453 -17.20 -1.44 -43.69
C THR B 453 -18.33 -2.46 -43.55
N GLU B 454 -19.08 -2.66 -44.63
CA GLU B 454 -20.21 -3.58 -44.52
C GLU B 454 -19.76 -5.02 -44.46
N ALA B 455 -18.59 -5.34 -45.00
CA ALA B 455 -18.07 -6.68 -44.85
C ALA B 455 -17.60 -6.95 -43.43
N GLY B 456 -17.37 -5.90 -42.64
CA GLY B 456 -16.87 -6.02 -41.28
C GLY B 456 -15.87 -4.92 -41.01
N ILE B 457 -15.06 -5.09 -39.96
CA ILE B 457 -14.02 -4.13 -39.68
C ILE B 457 -12.76 -4.50 -40.43
N VAL B 458 -12.43 -3.71 -41.44
CA VAL B 458 -11.12 -3.78 -42.05
C VAL B 458 -10.12 -3.14 -41.10
N PHE B 459 -9.10 -3.90 -40.70
CA PHE B 459 -7.94 -3.35 -40.01
C PHE B 459 -6.93 -2.98 -41.08
N SER B 460 -6.72 -1.69 -41.29
CA SER B 460 -6.01 -1.25 -42.49
C SER B 460 -4.56 -1.71 -42.49
N THR B 461 -3.89 -1.68 -41.33
CA THR B 461 -2.47 -2.04 -41.29
C THR B 461 -2.30 -3.53 -41.44
N ARG B 462 -3.21 -4.32 -40.87
CA ARG B 462 -3.16 -5.76 -41.04
C ARG B 462 -3.39 -6.13 -42.50
N THR B 463 -4.32 -5.42 -43.16
CA THR B 463 -4.62 -5.67 -44.56
C THR B 463 -3.43 -5.30 -45.44
N GLU B 464 -2.92 -4.09 -45.28
CA GLU B 464 -1.79 -3.65 -46.10
C GLU B 464 -0.64 -4.63 -46.00
N GLU B 465 -0.41 -5.16 -44.79
CA GLU B 465 0.75 -6.01 -44.55
C GLU B 465 0.53 -7.42 -45.08
N LEU B 466 -0.66 -7.97 -44.87
CA LEU B 466 -0.98 -9.27 -45.47
C LEU B 466 -0.85 -9.22 -46.98
N LEU B 467 -1.40 -8.17 -47.61
CA LEU B 467 -1.28 -8.02 -49.06
C LEU B 467 0.18 -7.96 -49.48
N LEU B 468 0.97 -7.05 -48.88
CA LEU B 468 2.36 -6.87 -49.32
C LEU B 468 3.16 -8.15 -49.13
N ALA B 469 2.77 -8.97 -48.14
CA ALA B 469 3.49 -10.19 -47.85
C ALA B 469 3.07 -11.35 -48.74
N SER B 470 1.92 -11.25 -49.40
CA SER B 470 1.43 -12.31 -50.26
C SER B 470 1.66 -12.03 -51.74
N LEU B 471 1.66 -10.76 -52.15
CA LEU B 471 1.84 -10.38 -53.55
C LEU B 471 3.20 -9.75 -53.74
N PRO B 472 4.22 -10.52 -54.16
CA PRO B 472 5.58 -9.95 -54.29
C PRO B 472 5.73 -8.97 -55.43
N GLU B 473 4.75 -8.89 -56.33
CA GLU B 473 4.78 -7.92 -57.41
C GLU B 473 4.41 -6.53 -56.94
N LEU B 474 3.96 -6.39 -55.68
CA LEU B 474 3.59 -5.10 -55.11
C LEU B 474 4.79 -4.50 -54.41
N ALA B 475 5.05 -3.22 -54.66
CA ALA B 475 6.12 -2.49 -53.98
C ALA B 475 5.61 -1.68 -52.81
N ASP B 476 4.38 -1.19 -52.89
CA ASP B 476 3.68 -0.66 -51.74
C ASP B 476 2.20 -0.85 -52.01
N CYS B 477 1.39 -0.73 -50.95
CA CYS B 477 -0.05 -0.62 -51.12
C CYS B 477 -0.63 -0.02 -49.86
N THR B 478 -1.87 0.46 -49.96
CA THR B 478 -2.40 1.38 -48.97
C THR B 478 -3.92 1.24 -48.92
N VAL B 479 -4.45 1.00 -47.74
CA VAL B 479 -5.88 1.03 -47.54
C VAL B 479 -6.28 2.44 -47.14
N THR B 480 -7.32 2.97 -47.79
CA THR B 480 -7.86 4.29 -47.46
C THR B 480 -9.37 4.18 -47.43
N ALA B 481 -10.00 4.82 -46.44
CA ALA B 481 -11.45 4.79 -46.34
C ALA B 481 -12.09 5.87 -47.21
N ILE B 482 -13.33 5.61 -47.63
CA ILE B 482 -14.14 6.54 -48.42
C ILE B 482 -15.56 6.43 -47.89
N ALA B 483 -16.00 7.44 -47.13
CA ALA B 483 -17.37 7.44 -46.63
C ALA B 483 -18.17 8.52 -47.31
N GLU B 484 -19.45 8.57 -47.00
CA GLU B 484 -20.29 9.67 -47.46
C GLU B 484 -19.80 10.96 -46.79
N GLU B 485 -20.54 12.06 -46.98
CA GLU B 485 -20.05 13.34 -46.50
C GLU B 485 -20.11 13.39 -44.98
N GLY B 486 -18.98 13.79 -44.38
CA GLY B 486 -18.90 14.01 -42.95
C GLY B 486 -18.92 12.75 -42.11
N VAL B 487 -19.41 11.64 -42.67
CA VAL B 487 -19.50 10.37 -41.95
C VAL B 487 -18.13 10.02 -41.38
N ARG B 488 -18.11 9.61 -40.12
CA ARG B 488 -16.90 9.08 -39.51
C ARG B 488 -17.09 7.58 -39.26
N ALA B 489 -16.17 6.77 -39.81
CA ALA B 489 -16.30 5.31 -39.77
C ALA B 489 -14.98 4.65 -39.38
N ASP B 490 -14.32 5.18 -38.35
CA ASP B 490 -13.20 4.51 -37.71
C ASP B 490 -13.73 3.76 -36.47
N TRP B 491 -12.84 3.36 -35.56
CA TRP B 491 -13.34 2.67 -34.37
C TRP B 491 -14.16 3.61 -33.49
N ASP B 492 -13.58 4.77 -33.14
CA ASP B 492 -14.28 5.71 -32.29
C ASP B 492 -15.62 6.11 -32.89
N GLY B 493 -15.83 5.81 -34.17
CA GLY B 493 -16.90 6.40 -34.94
C GLY B 493 -18.14 5.52 -35.05
N ASP B 494 -19.08 6.02 -35.84
CA ASP B 494 -20.40 5.43 -35.92
C ASP B 494 -20.74 4.87 -37.29
N GLY B 495 -20.26 5.50 -38.37
CA GLY B 495 -20.76 5.25 -39.70
C GLY B 495 -20.28 3.98 -40.36
N VAL B 496 -20.29 4.01 -41.70
CA VAL B 496 -19.70 2.97 -42.52
C VAL B 496 -18.95 3.67 -43.66
N ALA B 497 -18.01 2.94 -44.26
CA ALA B 497 -17.31 3.46 -45.43
C ALA B 497 -16.87 2.26 -46.24
N GLU B 498 -16.57 2.50 -47.51
CA GLU B 498 -15.87 1.52 -48.33
C GLU B 498 -14.36 1.70 -48.16
N ALA B 499 -13.62 0.61 -48.29
CA ALA B 499 -12.17 0.63 -48.16
C ALA B 499 -11.55 0.33 -49.51
N TYR B 500 -10.94 1.34 -50.12
CA TYR B 500 -10.23 1.19 -51.38
C TYR B 500 -8.74 0.97 -51.10
N VAL B 501 -8.11 0.16 -51.96
CA VAL B 501 -6.68 -0.15 -51.86
C VAL B 501 -5.96 0.48 -53.03
N LEU B 502 -4.84 1.14 -52.75
CA LEU B 502 -3.98 1.73 -53.76
C LEU B 502 -2.72 0.89 -53.91
N LEU B 503 -2.56 0.24 -55.07
CA LEU B 503 -1.42 -0.62 -55.33
C LEU B 503 -0.30 0.14 -56.04
N GLN B 504 0.91 -0.40 -55.94
CA GLN B 504 2.09 0.21 -56.53
C GLN B 504 3.03 -0.93 -56.90
N PHE B 505 3.09 -1.26 -58.18
CA PHE B 505 3.80 -2.47 -58.55
C PHE B 505 5.31 -2.24 -58.55
N THR B 506 6.04 -3.35 -58.74
CA THR B 506 7.49 -3.28 -58.80
C THR B 506 7.91 -2.92 -60.21
N ASP B 507 8.33 -3.91 -61.00
CA ASP B 507 8.75 -3.65 -62.36
C ASP B 507 7.78 -4.17 -63.41
N GLY B 508 6.79 -4.94 -63.01
CA GLY B 508 5.85 -5.53 -63.94
C GLY B 508 5.14 -6.69 -63.28
N ALA B 509 4.79 -7.69 -64.10
CA ALA B 509 4.04 -8.87 -63.64
C ALA B 509 2.69 -8.47 -63.06
N ARG B 510 2.06 -7.49 -63.70
CA ARG B 510 0.75 -7.03 -63.25
C ARG B 510 -0.27 -8.14 -63.37
N GLU B 511 -1.16 -8.22 -62.39
CA GLU B 511 -2.32 -9.06 -62.59
C GLU B 511 -3.52 -8.19 -62.91
N PRO B 512 -3.81 -7.96 -64.21
CA PRO B 512 -5.07 -7.28 -64.56
C PRO B 512 -6.29 -8.08 -64.15
N GLY B 513 -6.11 -9.34 -63.78
CA GLY B 513 -7.16 -10.16 -63.23
C GLY B 513 -7.87 -9.47 -62.09
N ASP B 514 -8.81 -8.58 -62.44
CA ASP B 514 -9.72 -7.92 -61.52
C ASP B 514 -9.00 -6.89 -60.66
N LEU B 515 -7.73 -7.12 -60.35
CA LEU B 515 -7.02 -6.42 -59.27
C LEU B 515 -7.78 -6.58 -57.95
N THR B 516 -9.04 -6.11 -57.92
CA THR B 516 -9.87 -6.24 -56.73
C THR B 516 -10.13 -7.70 -56.35
N GLY B 517 -10.31 -8.57 -57.34
CA GLY B 517 -10.44 -9.98 -57.03
C GLY B 517 -9.10 -10.60 -56.68
N TRP B 518 -8.05 -10.15 -57.35
CA TRP B 518 -6.69 -10.57 -56.99
C TRP B 518 -6.42 -10.37 -55.51
N VAL B 519 -6.77 -9.20 -54.99
CA VAL B 519 -6.44 -8.88 -53.60
C VAL B 519 -7.49 -9.41 -52.63
N ASN B 520 -8.75 -9.49 -53.05
CA ASN B 520 -9.76 -10.08 -52.19
C ASN B 520 -9.65 -11.60 -52.14
N GLU B 521 -8.90 -12.20 -53.06
CA GLU B 521 -8.60 -13.62 -52.94
C GLU B 521 -7.68 -13.87 -51.76
N VAL B 522 -6.63 -13.06 -51.62
CA VAL B 522 -5.75 -13.13 -50.46
C VAL B 522 -6.53 -12.85 -49.19
N LEU B 523 -7.22 -11.71 -49.14
CA LEU B 523 -7.96 -11.34 -47.95
C LEU B 523 -8.93 -12.46 -47.55
N ALA B 524 -9.60 -13.07 -48.54
CA ALA B 524 -10.50 -14.19 -48.24
C ALA B 524 -9.76 -15.38 -47.67
N GLY B 525 -8.55 -15.65 -48.19
CA GLY B 525 -7.75 -16.76 -47.67
C GLY B 525 -7.53 -16.70 -46.18
N GLN B 526 -7.34 -15.49 -45.64
CA GLN B 526 -7.11 -15.31 -44.20
C GLN B 526 -8.39 -15.02 -43.41
N GLY B 527 -9.55 -15.00 -44.05
CA GLY B 527 -10.75 -14.62 -43.35
C GLY B 527 -10.95 -13.13 -43.21
N PHE B 528 -10.14 -12.32 -43.88
CA PHE B 528 -10.24 -10.88 -43.77
C PHE B 528 -11.47 -10.38 -44.53
N PRO B 529 -12.12 -9.33 -44.04
CA PRO B 529 -13.10 -8.60 -44.85
C PRO B 529 -12.47 -8.15 -46.15
N PRO B 530 -13.22 -8.22 -47.26
CA PRO B 530 -12.69 -7.73 -48.53
C PRO B 530 -12.69 -6.22 -48.59
N VAL B 531 -11.96 -5.71 -49.55
CA VAL B 531 -11.98 -4.30 -49.86
C VAL B 531 -12.88 -4.08 -51.05
N THR B 532 -13.38 -2.85 -51.20
CA THR B 532 -14.31 -2.58 -52.30
C THR B 532 -13.61 -2.69 -53.66
N ARG B 533 -12.41 -2.13 -53.80
CA ARG B 533 -11.75 -2.07 -55.10
C ARG B 533 -10.28 -1.79 -54.89
N ALA B 534 -9.46 -2.27 -55.83
CA ALA B 534 -8.00 -2.20 -55.70
C ALA B 534 -7.43 -1.60 -56.98
N LEU B 535 -6.91 -0.37 -56.89
CA LEU B 535 -6.48 0.39 -58.04
C LEU B 535 -4.96 0.54 -58.09
N ARG B 536 -4.39 0.41 -59.30
CA ARG B 536 -2.96 0.62 -59.51
C ARG B 536 -2.63 2.11 -59.44
N MET B 537 -1.34 2.42 -59.46
CA MET B 537 -0.86 3.78 -59.28
C MET B 537 0.25 4.15 -60.27
N MET C 17 -30.85 8.13 13.33
CA MET C 17 -31.56 8.20 12.05
C MET C 17 -31.32 6.99 11.17
N ILE C 18 -30.10 6.82 10.62
CA ILE C 18 -29.77 5.62 9.88
C ILE C 18 -29.27 4.57 10.86
N THR C 19 -29.39 3.32 10.45
CA THR C 19 -29.30 2.17 11.33
C THR C 19 -27.84 1.72 11.42
N LYS C 20 -27.59 0.51 11.93
CA LYS C 20 -26.28 -0.10 11.81
C LYS C 20 -26.16 -0.85 10.49
N GLU C 21 -27.26 -1.39 10.00
CA GLU C 21 -27.24 -2.22 8.80
C GLU C 21 -27.08 -1.35 7.58
N GLU C 22 -27.81 -0.23 7.55
CA GLU C 22 -27.60 0.79 6.51
C GLU C 22 -26.17 1.31 6.53
N ARG C 23 -25.63 1.59 7.73
CA ARG C 23 -24.27 2.10 7.84
C ARG C 23 -23.24 1.04 7.44
N ALA C 24 -23.49 -0.23 7.68
CA ALA C 24 -22.56 -1.23 7.16
C ALA C 24 -22.67 -1.36 5.65
N GLN C 25 -23.90 -1.24 5.13
CA GLN C 25 -24.11 -1.33 3.69
C GLN C 25 -23.35 -0.24 2.96
N ILE C 26 -23.43 0.99 3.49
CA ILE C 26 -22.64 2.09 2.96
C ILE C 26 -21.15 1.74 3.01
N ASN C 27 -20.66 1.40 4.20
CA ASN C 27 -19.26 1.05 4.41
C ASN C 27 -18.83 -0.19 3.63
N ALA C 28 -19.79 -0.96 3.10
CA ALA C 28 -19.51 -2.10 2.24
C ALA C 28 -19.82 -1.83 0.77
N ASP C 29 -19.94 -0.56 0.37
CA ASP C 29 -20.23 -0.29 -1.04
C ASP C 29 -18.95 0.05 -1.78
N PRO C 30 -18.37 -0.87 -2.55
CA PRO C 30 -17.11 -0.55 -3.25
C PRO C 30 -17.30 0.43 -4.39
N GLU C 31 -18.55 0.77 -4.74
CA GLU C 31 -18.83 1.70 -5.82
C GLU C 31 -19.31 3.07 -5.35
N LEU C 32 -19.60 3.24 -4.05
CA LEU C 32 -20.01 4.53 -3.55
C LEU C 32 -18.91 5.57 -3.78
N GLY C 33 -19.33 6.77 -4.18
CA GLY C 33 -18.39 7.86 -4.32
C GLY C 33 -19.11 9.14 -4.68
N ALA C 34 -18.30 10.19 -4.87
CA ALA C 34 -18.85 11.50 -5.19
C ALA C 34 -19.65 11.53 -6.47
N GLY C 35 -19.60 10.47 -7.29
CA GLY C 35 -20.31 10.40 -8.55
C GLY C 35 -21.61 9.62 -8.58
N ASN C 36 -22.09 9.10 -7.44
CA ASN C 36 -23.31 8.28 -7.52
C ASN C 36 -24.04 8.12 -6.19
N VAL C 37 -23.85 9.01 -5.23
CA VAL C 37 -24.61 8.94 -3.99
C VAL C 37 -26.09 8.75 -4.26
N LEU C 38 -26.64 9.57 -5.17
CA LEU C 38 -28.06 9.47 -5.51
C LEU C 38 -28.41 8.07 -6.03
N HIS C 39 -27.56 7.51 -6.89
CA HIS C 39 -27.85 6.22 -7.47
C HIS C 39 -27.64 5.08 -6.47
N ARG C 40 -26.70 5.25 -5.53
CA ARG C 40 -26.53 4.27 -4.46
C ARG C 40 -27.67 4.35 -3.46
N LEU C 41 -28.17 5.56 -3.18
CA LEU C 41 -29.35 5.66 -2.33
C LEU C 41 -30.47 4.81 -2.86
N ARG C 42 -30.69 4.84 -4.17
CA ARG C 42 -31.75 4.00 -4.74
C ARG C 42 -31.40 2.52 -4.66
N ALA C 43 -30.13 2.18 -4.88
CA ALA C 43 -29.69 0.78 -4.75
C ALA C 43 -29.93 0.28 -3.34
N TYR C 44 -29.75 1.13 -2.34
CA TYR C 44 -30.04 0.80 -0.95
C TYR C 44 -31.54 0.75 -0.67
N GLY C 45 -32.37 1.18 -1.61
CA GLY C 45 -33.81 1.22 -1.39
C GLY C 45 -34.23 2.20 -0.32
N ARG C 46 -33.77 3.42 -0.40
CA ARG C 46 -34.33 4.36 0.56
C ARG C 46 -35.73 4.79 0.12
N PRO C 47 -36.64 4.98 1.07
CA PRO C 47 -37.99 5.45 0.72
C PRO C 47 -37.94 6.73 -0.11
N THR C 48 -38.78 6.77 -1.14
CA THR C 48 -38.72 7.89 -2.08
C THR C 48 -39.70 9.01 -1.75
N ASP C 49 -40.76 8.76 -0.99
CA ASP C 49 -41.69 9.82 -0.62
C ASP C 49 -41.17 10.71 0.50
N ARG C 50 -39.97 10.47 0.98
CA ARG C 50 -39.41 11.16 2.13
C ARG C 50 -38.66 12.42 1.68
N PRO C 51 -38.87 13.55 2.33
CA PRO C 51 -38.07 14.73 2.00
C PRO C 51 -36.61 14.52 2.38
N VAL C 52 -35.71 15.09 1.56
CA VAL C 52 -34.29 15.03 1.87
C VAL C 52 -33.59 16.36 1.59
N LEU C 53 -34.13 17.18 0.70
CA LEU C 53 -33.48 18.44 0.36
C LEU C 53 -34.43 19.61 0.60
N TRP C 54 -34.01 20.53 1.47
CA TRP C 54 -34.71 21.78 1.71
C TRP C 54 -33.98 22.91 0.97
N THR C 55 -34.74 23.78 0.31
CA THR C 55 -34.13 24.88 -0.45
C THR C 55 -34.58 26.24 0.09
N ASP C 56 -33.93 27.28 -0.45
CA ASP C 56 -34.40 28.64 -0.37
C ASP C 56 -35.17 29.05 -1.62
N GLY C 57 -35.56 28.09 -2.45
CA GLY C 57 -36.45 28.38 -3.57
C GLY C 57 -35.88 29.23 -4.67
N THR C 58 -34.55 29.28 -4.80
CA THR C 58 -33.87 30.04 -5.84
C THR C 58 -33.60 29.23 -7.09
N TRP C 59 -34.21 28.06 -7.25
CA TRP C 59 -33.98 27.17 -8.38
C TRP C 59 -35.31 26.79 -9.01
N ARG C 60 -35.40 26.97 -10.32
CA ARG C 60 -36.61 26.65 -11.07
C ARG C 60 -36.57 25.18 -11.49
N ALA C 61 -37.57 24.41 -11.03
CA ALA C 61 -37.72 23.01 -11.38
C ALA C 61 -38.11 22.88 -12.85
N PRO C 62 -37.90 21.71 -13.45
CA PRO C 62 -38.24 21.54 -14.87
C PRO C 62 -39.68 21.92 -15.20
N ASP C 63 -40.64 21.70 -14.28
CA ASP C 63 -42.02 22.09 -14.58
C ASP C 63 -42.29 23.57 -14.31
N GLY C 64 -41.27 24.36 -13.98
CA GLY C 64 -41.47 25.77 -13.74
C GLY C 64 -41.70 26.14 -12.28
N SER C 65 -41.92 25.17 -11.41
CA SER C 65 -42.08 25.46 -10.00
C SER C 65 -40.72 25.77 -9.36
N HIS C 66 -40.74 26.15 -8.09
CA HIS C 66 -39.51 26.39 -7.32
C HIS C 66 -39.64 25.62 -6.02
N PRO C 67 -39.39 24.31 -6.05
CA PRO C 67 -39.58 23.51 -4.85
C PRO C 67 -38.82 24.08 -3.65
N GLU C 68 -39.44 23.98 -2.47
CA GLU C 68 -38.79 24.35 -1.23
C GLU C 68 -38.38 23.13 -0.42
N VAL C 69 -39.01 22.00 -0.66
CA VAL C 69 -38.64 20.74 -0.03
C VAL C 69 -38.81 19.65 -1.09
N ILE C 70 -37.80 18.79 -1.21
CA ILE C 70 -37.66 17.89 -2.36
C ILE C 70 -37.60 16.47 -1.83
N THR C 71 -38.53 15.62 -2.25
CA THR C 71 -38.43 14.24 -1.85
C THR C 71 -37.29 13.55 -2.61
N LEU C 72 -36.80 12.44 -2.05
CA LEU C 72 -35.74 11.71 -2.72
C LEU C 72 -36.19 11.24 -4.11
N GLY C 73 -37.46 10.82 -4.22
CA GLY C 73 -37.97 10.45 -5.53
C GLY C 73 -38.04 11.63 -6.48
N GLU C 74 -38.51 12.79 -5.99
CA GLU C 74 -38.50 14.00 -6.81
C GLU C 74 -37.10 14.35 -7.23
N LEU C 75 -36.11 14.07 -6.37
CA LEU C 75 -34.73 14.32 -6.73
C LEU C 75 -34.31 13.44 -7.90
N TYR C 76 -34.67 12.15 -7.86
CA TYR C 76 -34.37 11.28 -9.01
C TYR C 76 -35.00 11.84 -10.28
N GLU C 77 -36.19 12.43 -10.18
CA GLU C 77 -36.88 12.95 -11.34
C GLU C 77 -36.14 14.15 -11.92
N TYR C 78 -35.68 15.05 -11.04
CA TYR C 78 -34.97 16.24 -11.52
C TYR C 78 -33.67 15.86 -12.18
N VAL C 79 -32.90 14.98 -11.53
CA VAL C 79 -31.57 14.67 -12.05
C VAL C 79 -31.67 13.95 -13.38
N GLU C 80 -32.68 13.07 -13.51
CA GLU C 80 -32.87 12.35 -14.76
C GLU C 80 -33.29 13.27 -15.89
N THR C 81 -34.19 14.21 -15.58
CA THR C 81 -34.57 15.21 -16.58
C THR C 81 -33.37 16.01 -17.03
N TYR C 82 -32.52 16.41 -16.07
CA TYR C 82 -31.33 17.17 -16.42
C TYR C 82 -30.34 16.30 -17.18
N ALA C 83 -30.25 15.02 -16.82
CA ALA C 83 -29.39 14.10 -17.56
C ALA C 83 -29.88 13.90 -18.99
N GLY C 84 -31.18 13.71 -19.15
CA GLY C 84 -31.72 13.56 -20.49
C GLY C 84 -31.49 14.81 -21.31
N PHE C 85 -31.57 15.98 -20.66
CA PHE C 85 -31.36 17.23 -21.38
C PHE C 85 -29.92 17.35 -21.83
N TYR C 86 -28.97 17.22 -20.91
CA TYR C 86 -27.58 17.41 -21.31
C TYR C 86 -27.16 16.34 -22.30
N HIS C 87 -27.84 15.20 -22.28
CA HIS C 87 -27.50 14.16 -23.23
C HIS C 87 -27.91 14.57 -24.64
N GLY C 88 -29.13 15.06 -24.81
CA GLY C 88 -29.55 15.55 -26.12
C GLY C 88 -28.78 16.77 -26.59
N LYS C 89 -28.15 17.49 -25.67
CA LYS C 89 -27.32 18.64 -26.04
C LYS C 89 -25.95 18.23 -26.55
N GLY C 90 -25.63 16.94 -26.53
CA GLY C 90 -24.37 16.45 -27.01
C GLY C 90 -23.32 16.14 -25.97
N ILE C 91 -23.69 16.11 -24.69
CA ILE C 91 -22.69 15.99 -23.63
C ILE C 91 -22.36 14.52 -23.44
N ARG C 92 -21.07 14.22 -23.48
CA ARG C 92 -20.58 12.85 -23.38
C ARG C 92 -19.61 12.72 -22.20
N PRO C 93 -19.27 11.52 -21.76
CA PRO C 93 -18.32 11.39 -20.64
C PRO C 93 -17.04 12.16 -20.92
N ARG C 94 -16.47 12.73 -19.85
CA ARG C 94 -15.27 13.55 -19.83
C ARG C 94 -15.47 14.91 -20.47
N ASP C 95 -16.68 15.25 -20.87
CA ASP C 95 -16.93 16.63 -21.26
C ASP C 95 -16.99 17.53 -20.04
N VAL C 96 -16.81 18.82 -20.28
CA VAL C 96 -16.81 19.82 -19.21
C VAL C 96 -17.96 20.76 -19.47
N VAL C 97 -18.80 20.94 -18.47
CA VAL C 97 -20.02 21.74 -18.55
C VAL C 97 -19.93 22.79 -17.47
N GLY C 98 -19.80 24.06 -17.87
CA GLY C 98 -19.72 25.14 -16.88
C GLY C 98 -21.05 25.33 -16.15
N VAL C 99 -20.97 25.53 -14.84
CA VAL C 99 -22.14 25.88 -14.03
C VAL C 99 -21.87 27.21 -13.36
N LEU C 100 -22.59 28.26 -13.78
CA LEU C 100 -22.42 29.62 -13.28
C LEU C 100 -23.76 30.13 -12.74
N THR C 101 -23.95 30.00 -11.41
CA THR C 101 -25.23 30.34 -10.79
C THR C 101 -24.99 30.82 -9.37
N ALA C 102 -25.95 31.57 -8.85
CA ALA C 102 -25.92 31.96 -7.46
C ALA C 102 -26.74 31.04 -6.56
N SER C 103 -27.46 30.07 -7.14
CA SER C 103 -28.35 29.22 -6.36
C SER C 103 -27.62 27.95 -5.93
N SER C 104 -27.55 27.70 -4.62
CA SER C 104 -26.92 26.47 -4.15
C SER C 104 -27.64 25.26 -4.72
N THR C 105 -28.97 25.28 -4.68
CA THR C 105 -29.73 24.13 -5.14
C THR C 105 -29.52 23.90 -6.63
N GLU C 106 -29.32 24.97 -7.41
CA GLU C 106 -29.05 24.79 -8.84
C GLU C 106 -27.67 24.17 -9.07
N PHE C 107 -26.64 24.67 -8.37
CA PHE C 107 -25.35 24.00 -8.34
C PHE C 107 -25.52 22.51 -8.09
N ALA C 108 -26.40 22.16 -7.15
CA ALA C 108 -26.45 20.77 -6.67
C ALA C 108 -27.12 19.85 -7.69
N ILE C 109 -28.27 20.27 -8.23
CA ILE C 109 -28.94 19.47 -9.26
C ILE C 109 -28.04 19.25 -10.46
N ASN C 110 -27.41 20.32 -10.95
CA ASN C 110 -26.56 20.20 -12.14
C ASN C 110 -25.33 19.32 -11.88
N PHE C 111 -24.75 19.44 -10.68
CA PHE C 111 -23.60 18.64 -10.30
C PHE C 111 -23.92 17.15 -10.38
N MET C 112 -25.10 16.75 -9.92
CA MET C 112 -25.47 15.34 -9.97
C MET C 112 -25.81 14.89 -11.38
N ALA C 113 -26.52 15.73 -12.13
CA ALA C 113 -26.94 15.33 -13.47
C ALA C 113 -25.78 15.25 -14.44
N ILE C 114 -24.84 16.20 -14.37
CA ILE C 114 -23.70 16.18 -15.30
C ILE C 114 -22.74 15.05 -14.93
N ASN C 115 -22.52 14.82 -13.62
CA ASN C 115 -21.93 13.59 -13.08
C ASN C 115 -22.44 12.33 -13.77
N SER C 116 -23.73 12.09 -13.62
CA SER C 116 -24.32 10.83 -14.04
C SER C 116 -24.05 10.54 -15.49
N LEU C 117 -23.73 11.56 -16.29
CA LEU C 117 -23.37 11.31 -17.67
C LEU C 117 -21.90 10.97 -17.80
N GLY C 118 -21.14 11.05 -16.72
CA GLY C 118 -19.71 10.95 -16.82
C GLY C 118 -19.05 12.25 -17.18
N ALA C 119 -19.82 13.31 -17.40
CA ALA C 119 -19.25 14.60 -17.73
C ALA C 119 -18.87 15.30 -16.44
N ILE C 120 -18.18 16.43 -16.58
CA ILE C 120 -17.51 17.09 -15.47
C ILE C 120 -18.13 18.46 -15.28
N PRO C 121 -18.97 18.64 -14.27
CA PRO C 121 -19.50 19.99 -13.99
C PRO C 121 -18.41 20.89 -13.43
N SER C 122 -18.31 22.10 -13.99
CA SER C 122 -17.33 23.08 -13.52
C SER C 122 -18.09 24.26 -12.91
N PHE C 123 -17.97 24.41 -11.58
CA PHE C 123 -18.61 25.50 -10.84
C PHE C 123 -17.78 26.77 -10.94
N ALA C 124 -18.48 27.90 -11.02
CA ALA C 124 -17.82 29.20 -11.03
C ALA C 124 -18.68 30.18 -10.23
N ASN C 125 -18.04 30.94 -9.33
CA ASN C 125 -18.79 31.91 -8.54
C ASN C 125 -19.53 32.88 -9.45
N ALA C 126 -20.79 33.14 -9.11
CA ALA C 126 -21.62 33.99 -9.97
C ALA C 126 -21.11 35.41 -10.02
N LYS C 127 -20.32 35.86 -9.04
CA LYS C 127 -19.85 37.24 -8.98
C LYS C 127 -18.53 37.46 -9.69
N LEU C 128 -18.03 36.47 -10.43
CA LEU C 128 -16.83 36.69 -11.22
C LEU C 128 -17.06 37.77 -12.26
N ARG C 129 -16.05 38.57 -12.53
CA ARG C 129 -16.18 39.57 -13.57
C ARG C 129 -16.41 38.86 -14.90
N PRO C 130 -17.25 39.41 -15.77
CA PRO C 130 -17.55 38.72 -17.03
C PRO C 130 -16.33 38.35 -17.87
N GLU C 131 -15.35 39.25 -18.01
CA GLU C 131 -14.16 38.94 -18.78
C GLU C 131 -13.38 37.79 -18.18
N ILE C 132 -13.54 37.54 -16.88
CA ILE C 132 -12.80 36.48 -16.21
C ILE C 132 -13.59 35.18 -16.19
N ALA C 133 -14.89 35.25 -15.86
CA ALA C 133 -15.76 34.08 -16.00
C ALA C 133 -15.64 33.46 -17.38
N ARG C 134 -15.79 34.28 -18.42
CA ARG C 134 -15.70 33.80 -19.81
C ARG C 134 -14.44 32.99 -20.05
N GLU C 135 -13.30 33.51 -19.57
CA GLU C 135 -11.99 32.94 -19.88
C GLU C 135 -11.63 31.77 -18.97
N TYR C 136 -11.96 31.89 -17.67
CA TYR C 136 -11.80 30.78 -16.74
C TYR C 136 -12.41 29.50 -17.29
N ILE C 137 -13.61 29.61 -17.86
CA ILE C 137 -14.27 28.46 -18.46
C ILE C 137 -13.67 28.12 -19.80
N ARG C 138 -13.36 29.11 -20.63
CA ARG C 138 -12.79 28.78 -21.93
C ARG C 138 -11.50 27.99 -21.78
N ARG C 139 -10.70 28.30 -20.76
CA ARG C 139 -9.41 27.63 -20.57
C ARG C 139 -9.56 26.17 -20.23
N GLN C 140 -10.73 25.77 -19.71
CA GLN C 140 -10.94 24.39 -19.33
C GLN C 140 -11.29 23.54 -20.51
N GLY C 141 -11.89 24.14 -21.54
CA GLY C 141 -12.35 23.39 -22.70
C GLY C 141 -13.79 22.94 -22.61
N ALA C 142 -14.67 23.71 -21.97
CA ALA C 142 -16.03 23.27 -21.75
C ALA C 142 -16.81 23.19 -23.06
N SER C 143 -17.75 22.25 -23.11
CA SER C 143 -18.64 22.16 -24.27
C SER C 143 -19.81 23.09 -24.15
N GLY C 144 -20.06 23.67 -22.99
CA GLY C 144 -21.31 24.33 -22.76
C GLY C 144 -21.39 24.74 -21.32
N ALA C 145 -22.46 25.47 -21.01
CA ALA C 145 -22.62 26.00 -19.66
C ALA C 145 -24.08 26.21 -19.42
N VAL C 146 -24.48 26.09 -18.17
CA VAL C 146 -25.79 26.49 -17.69
C VAL C 146 -25.58 27.62 -16.71
N THR C 147 -26.43 28.64 -16.77
CA THR C 147 -26.31 29.78 -15.87
C THR C 147 -27.67 30.09 -15.27
N ASP C 148 -27.66 30.83 -14.16
CA ASP C 148 -28.90 31.45 -13.75
C ASP C 148 -29.20 32.60 -14.72
N THR C 149 -30.38 33.20 -14.55
CA THR C 149 -30.84 34.24 -15.47
C THR C 149 -29.88 35.41 -15.53
N GLU C 150 -29.42 35.88 -14.35
CA GLU C 150 -28.61 37.09 -14.30
C GLU C 150 -27.29 36.93 -15.04
N ARG C 151 -26.70 35.73 -15.03
CA ARG C 151 -25.37 35.55 -15.60
C ARG C 151 -25.41 34.94 -16.98
N HIS C 152 -26.58 34.79 -17.60
CA HIS C 152 -26.60 34.22 -18.95
C HIS C 152 -25.78 35.07 -19.92
N GLU C 153 -25.94 36.38 -19.88
CA GLU C 153 -25.20 37.23 -20.81
C GLU C 153 -23.70 37.13 -20.63
N VAL C 154 -23.23 36.70 -19.45
CA VAL C 154 -21.78 36.58 -19.23
C VAL C 154 -21.17 35.60 -20.21
N LEU C 155 -21.84 34.47 -20.46
CA LEU C 155 -21.28 33.42 -21.31
C LEU C 155 -21.98 33.29 -22.66
N ALA C 156 -23.09 34.00 -22.88
CA ALA C 156 -23.85 33.86 -24.11
C ALA C 156 -23.15 34.55 -25.27
N GLY C 157 -23.38 34.03 -26.47
CA GLY C 157 -22.72 34.60 -27.64
C GLY C 157 -21.23 34.35 -27.75
N GLY C 158 -20.68 33.41 -26.98
CA GLY C 158 -19.26 33.13 -27.01
C GLY C 158 -18.91 32.00 -27.97
N GLU C 159 -17.71 31.47 -27.78
CA GLU C 159 -17.31 30.29 -28.53
C GLU C 159 -17.93 29.00 -27.98
N LEU C 160 -18.75 29.08 -26.92
CA LEU C 160 -19.28 27.90 -26.25
C LEU C 160 -20.34 27.22 -27.10
N GLY C 161 -20.45 25.90 -26.94
CA GLY C 161 -21.38 25.14 -27.75
C GLY C 161 -22.84 25.43 -27.43
N PHE C 162 -23.15 25.60 -26.14
CA PHE C 162 -24.47 26.05 -25.73
C PHE C 162 -24.34 26.83 -24.43
N VAL C 163 -25.27 27.77 -24.22
CA VAL C 163 -25.46 28.45 -22.95
C VAL C 163 -26.94 28.43 -22.60
N VAL C 164 -27.36 27.55 -21.69
CA VAL C 164 -28.75 27.40 -21.32
C VAL C 164 -28.99 27.89 -19.89
N THR C 165 -30.25 28.02 -19.51
CA THR C 165 -30.66 28.26 -18.13
C THR C 165 -31.71 27.20 -17.81
N ALA C 166 -32.27 27.25 -16.59
CA ALA C 166 -33.27 26.23 -16.21
C ALA C 166 -34.56 26.36 -17.01
N GLU C 167 -34.85 27.52 -17.56
CA GLU C 167 -36.02 27.61 -18.43
C GLU C 167 -35.88 26.71 -19.66
N ASP C 168 -34.67 26.29 -20.00
CA ASP C 168 -34.46 25.44 -21.17
C ASP C 168 -34.68 23.95 -20.92
N ILE C 169 -35.03 23.56 -19.68
CA ILE C 169 -34.98 22.17 -19.25
C ILE C 169 -36.36 21.79 -18.74
N ARG C 170 -37.22 21.33 -19.64
CA ARG C 170 -38.59 20.98 -19.30
C ARG C 170 -38.71 19.47 -19.07
N PRO C 171 -39.84 19.00 -18.51
CA PRO C 171 -39.94 17.56 -18.23
C PRO C 171 -39.78 16.67 -19.43
N GLU C 172 -40.06 17.17 -20.64
CA GLU C 172 -39.95 16.32 -21.82
C GLU C 172 -38.58 15.65 -21.90
N HIS C 173 -37.52 16.41 -21.56
CA HIS C 173 -36.15 15.94 -21.81
C HIS C 173 -35.78 14.73 -20.97
N ARG C 174 -36.60 14.39 -19.97
CA ARG C 174 -36.36 13.17 -19.24
C ARG C 174 -36.45 11.96 -20.16
N ALA C 175 -37.27 12.05 -21.20
CA ALA C 175 -37.35 11.00 -22.21
C ALA C 175 -36.02 10.77 -22.90
N GLN C 176 -35.08 11.70 -22.80
CA GLN C 176 -33.81 11.59 -23.50
C GLN C 176 -32.76 10.87 -22.66
N LEU C 177 -33.11 10.48 -21.45
CA LEU C 177 -32.19 9.76 -20.59
C LEU C 177 -31.60 8.58 -21.34
N PRO C 178 -30.29 8.44 -21.40
CA PRO C 178 -29.67 7.52 -22.35
C PRO C 178 -29.66 6.08 -21.86
N GLN C 179 -29.25 5.20 -22.77
CA GLN C 179 -29.14 3.78 -22.45
C GLN C 179 -27.92 3.54 -21.54
N GLY C 180 -28.12 2.82 -20.45
CA GLY C 180 -27.00 2.56 -19.58
C GLY C 180 -26.76 3.59 -18.50
N TRP C 181 -27.58 4.61 -18.44
CA TRP C 181 -27.50 5.58 -17.37
C TRP C 181 -27.85 4.89 -16.06
N PRO C 182 -27.19 5.24 -14.95
CA PRO C 182 -26.19 6.30 -14.76
C PRO C 182 -24.76 5.84 -14.98
N TYR C 183 -23.84 6.80 -15.15
CA TYR C 183 -22.46 6.47 -15.46
C TYR C 183 -21.84 5.68 -14.31
N ARG C 184 -20.90 4.81 -14.65
CA ARG C 184 -20.17 3.98 -13.69
C ARG C 184 -18.75 4.53 -13.59
N HIS C 185 -18.50 5.35 -12.58
CA HIS C 185 -17.22 6.04 -12.41
C HIS C 185 -16.13 5.12 -11.87
N ASP C 186 -14.96 5.18 -12.50
CA ASP C 186 -13.77 4.70 -11.84
C ASP C 186 -13.41 5.63 -10.68
N PRO C 187 -12.82 5.11 -9.59
CA PRO C 187 -12.43 5.99 -8.48
C PRO C 187 -11.62 7.22 -8.88
N THR C 188 -10.85 7.15 -9.95
CA THR C 188 -10.01 8.25 -10.36
C THR C 188 -10.68 9.19 -11.36
N ASP C 189 -11.94 8.95 -11.71
CA ASP C 189 -12.59 9.75 -12.74
C ASP C 189 -12.98 11.10 -12.17
N PRO C 190 -12.76 12.18 -12.93
CA PRO C 190 -13.18 13.50 -12.44
C PRO C 190 -14.70 13.59 -12.34
N ILE C 191 -15.17 14.32 -11.33
CA ILE C 191 -16.61 14.46 -11.16
C ILE C 191 -16.99 15.90 -10.79
N ILE C 192 -16.01 16.77 -10.58
CA ILE C 192 -16.30 18.17 -10.31
C ILE C 192 -15.05 18.97 -10.59
N ILE C 193 -15.26 20.22 -11.01
CA ILE C 193 -14.26 21.26 -11.00
C ILE C 193 -14.90 22.46 -10.31
N SER C 194 -14.20 23.04 -9.33
CA SER C 194 -14.60 24.29 -8.68
C SER C 194 -13.36 25.11 -8.38
N HIS C 195 -13.54 26.32 -7.84
CA HIS C 195 -12.41 27.13 -7.44
C HIS C 195 -12.68 27.75 -6.07
N SER C 196 -11.69 28.48 -5.60
CA SER C 196 -11.66 29.04 -4.26
C SER C 196 -12.12 30.50 -4.24
N SER C 197 -12.44 30.96 -3.04
CA SER C 197 -12.86 32.34 -2.81
C SER C 197 -11.66 33.17 -2.34
N GLY C 198 -11.82 34.49 -2.40
CA GLY C 198 -10.79 35.35 -1.85
C GLY C 198 -9.51 35.40 -2.65
N THR C 199 -9.58 35.09 -3.93
CA THR C 199 -8.46 35.17 -4.83
C THR C 199 -8.61 36.43 -5.70
N THR C 200 -7.48 36.96 -6.14
CA THR C 200 -7.49 37.98 -7.16
C THR C 200 -6.88 37.38 -8.43
N GLY C 201 -7.43 37.75 -9.57
CA GLY C 201 -6.83 37.30 -10.81
C GLY C 201 -7.61 36.11 -11.32
N MET C 202 -6.97 35.29 -12.12
CA MET C 202 -7.59 34.10 -12.69
C MET C 202 -7.63 33.01 -11.62
N PRO C 203 -8.80 32.67 -11.08
CA PRO C 203 -8.84 31.60 -10.08
C PRO C 203 -8.31 30.30 -10.65
N LYS C 204 -7.86 29.44 -9.75
CA LYS C 204 -7.30 28.14 -10.15
C LYS C 204 -8.40 27.09 -10.08
N ALA C 205 -8.58 26.37 -11.19
CA ALA C 205 -9.61 25.34 -11.25
C ALA C 205 -9.11 24.07 -10.55
N VAL C 206 -9.81 23.67 -9.49
CA VAL C 206 -9.49 22.46 -8.73
C VAL C 206 -10.42 21.34 -9.17
N PRO C 207 -9.91 20.26 -9.74
CA PRO C 207 -10.74 19.07 -10.02
C PRO C 207 -10.72 18.07 -8.88
N HIS C 208 -11.84 17.38 -8.70
CA HIS C 208 -11.90 16.27 -7.76
C HIS C 208 -12.57 15.08 -8.42
N THR C 209 -12.18 13.89 -7.96
CA THR C 209 -12.58 12.63 -8.55
C THR C 209 -13.67 11.98 -7.69
N HIS C 210 -14.23 10.91 -8.25
CA HIS C 210 -15.16 10.01 -7.59
C HIS C 210 -14.75 9.60 -6.17
N GLN C 211 -13.45 9.47 -5.90
CA GLN C 211 -13.03 8.98 -4.59
C GLN C 211 -12.40 10.04 -3.70
N THR C 212 -12.04 11.22 -4.21
CA THR C 212 -11.42 12.20 -3.32
C THR C 212 -12.42 13.15 -2.69
N LEU C 213 -13.53 13.47 -3.37
CA LEU C 213 -14.42 14.49 -2.83
C LEU C 213 -15.19 14.00 -1.62
N LEU C 214 -15.33 12.69 -1.47
CA LEU C 214 -16.09 12.13 -0.37
C LEU C 214 -15.24 11.33 0.58
N TYR C 215 -13.91 11.39 0.46
CA TYR C 215 -13.08 10.40 1.14
C TYR C 215 -13.07 10.63 2.65
N ALA C 216 -12.96 11.88 3.09
CA ALA C 216 -13.00 12.15 4.51
C ALA C 216 -14.35 11.80 5.09
N GLN C 217 -15.43 12.07 4.35
CA GLN C 217 -16.77 11.76 4.84
C GLN C 217 -16.95 10.25 5.01
N LEU C 218 -16.72 9.48 3.94
CA LEU C 218 -16.83 8.02 4.03
C LEU C 218 -15.94 7.46 5.11
N HIS C 219 -14.76 8.06 5.32
CA HIS C 219 -13.84 7.61 6.35
C HIS C 219 -14.39 7.93 7.75
N ARG C 220 -14.84 9.16 7.98
CA ARG C 220 -15.44 9.45 9.27
C ARG C 220 -16.70 8.62 9.50
N LEU C 221 -17.21 7.97 8.47
CA LEU C 221 -18.37 7.10 8.59
C LEU C 221 -18.01 5.69 9.04
N LYS C 222 -16.73 5.41 9.19
CA LYS C 222 -16.28 4.24 9.94
C LYS C 222 -16.21 4.50 11.43
N LEU C 223 -16.60 5.71 11.85
CA LEU C 223 -16.81 6.07 13.25
C LEU C 223 -18.28 6.39 13.43
N SER C 224 -18.77 6.22 14.66
CA SER C 224 -20.12 6.65 14.99
C SER C 224 -20.26 8.16 14.78
N VAL C 225 -21.19 8.56 13.92
CA VAL C 225 -21.50 9.99 13.84
C VAL C 225 -22.30 10.42 15.07
N GLY C 226 -23.04 9.51 15.68
CA GLY C 226 -23.70 9.73 16.95
C GLY C 226 -24.92 10.63 16.93
N GLY C 227 -25.19 11.33 15.83
CA GLY C 227 -26.31 12.23 15.76
C GLY C 227 -25.99 13.69 15.95
N SER C 228 -24.70 14.08 15.94
CA SER C 228 -24.35 15.50 15.92
C SER C 228 -24.60 16.14 14.55
N MET C 229 -24.84 15.32 13.51
CA MET C 229 -25.13 15.80 12.17
C MET C 229 -26.63 15.62 11.85
N GLY C 230 -27.50 16.04 12.76
CA GLY C 230 -28.91 15.73 12.63
C GLY C 230 -29.65 16.46 11.53
N ARG C 231 -29.46 17.77 11.42
CA ARG C 231 -30.04 18.56 10.33
C ARG C 231 -28.98 19.57 9.90
N LEU C 232 -28.42 19.37 8.72
CA LEU C 232 -27.33 20.22 8.25
C LEU C 232 -27.91 21.45 7.56
N LEU C 233 -27.51 22.64 8.01
CA LEU C 233 -27.73 23.88 7.26
C LEU C 233 -26.44 24.19 6.48
N VAL C 234 -26.44 23.88 5.19
CA VAL C 234 -25.30 24.19 4.35
C VAL C 234 -25.45 25.63 3.89
N ALA C 235 -24.68 26.54 4.48
CA ALA C 235 -24.63 27.94 4.05
C ALA C 235 -23.27 28.30 3.43
N LEU C 236 -22.44 27.30 3.11
CA LEU C 236 -21.23 27.55 2.36
C LEU C 236 -21.59 28.08 0.97
N PRO C 237 -20.72 28.88 0.35
CA PRO C 237 -21.03 29.38 -0.99
C PRO C 237 -21.22 28.22 -1.96
N GLY C 238 -22.22 28.35 -2.83
CA GLY C 238 -22.61 27.24 -3.66
C GLY C 238 -21.53 26.75 -4.61
N ASN C 239 -20.73 27.69 -5.16
CA ASN C 239 -19.68 27.31 -6.11
C ASN C 239 -18.58 26.48 -5.45
N HIS C 240 -18.55 26.42 -4.13
CA HIS C 240 -17.46 25.78 -3.40
C HIS C 240 -17.69 24.28 -3.27
N ASN C 241 -16.65 23.48 -3.50
CA ASN C 241 -16.87 22.03 -3.47
C ASN C 241 -17.23 21.52 -2.07
N ALA C 242 -16.86 22.23 -1.01
CA ALA C 242 -17.27 21.81 0.32
C ALA C 242 -18.79 21.75 0.42
N ALA C 243 -19.50 22.63 -0.31
CA ALA C 243 -20.94 22.65 -0.26
C ALA C 243 -21.56 21.38 -0.87
N MET C 244 -20.95 20.85 -1.92
CA MET C 244 -21.42 19.56 -2.45
C MET C 244 -21.01 18.43 -1.52
N SER C 245 -19.81 18.50 -0.96
CA SER C 245 -19.37 17.52 0.01
C SER C 245 -20.39 17.38 1.13
N VAL C 246 -20.71 18.47 1.81
CA VAL C 246 -21.61 18.38 2.95
C VAL C 246 -22.97 17.87 2.50
N MET C 247 -23.46 18.39 1.37
CA MET C 247 -24.75 17.94 0.87
C MET C 247 -24.79 16.43 0.71
N MET C 248 -23.80 15.85 0.02
CA MET C 248 -23.86 14.42 -0.25
C MET C 248 -23.71 13.60 1.02
N PHE C 249 -22.80 14.00 1.91
CA PHE C 249 -22.68 13.37 3.22
C PHE C 249 -24.01 13.36 3.96
N GLY C 250 -24.70 14.50 3.96
CA GLY C 250 -26.00 14.59 4.61
C GLY C 250 -26.99 13.62 4.01
N LEU C 251 -27.04 13.55 2.68
CA LEU C 251 -27.91 12.60 2.00
C LEU C 251 -27.65 11.18 2.47
N LEU C 252 -26.38 10.80 2.58
CA LEU C 252 -26.02 9.45 2.99
C LEU C 252 -26.48 9.15 4.41
N LEU C 253 -26.45 10.15 5.28
CA LEU C 253 -26.84 9.99 6.67
C LEU C 253 -28.34 9.95 6.86
N ASP C 254 -29.12 10.14 5.81
CA ASP C 254 -30.53 10.48 5.92
C ASP C 254 -30.71 11.60 6.94
N SER C 255 -29.88 12.64 6.81
CA SER C 255 -30.10 13.90 7.51
C SER C 255 -30.68 14.94 6.54
N PRO C 256 -31.83 15.54 6.84
CA PRO C 256 -32.23 16.76 6.12
C PRO C 256 -31.08 17.68 5.82
N VAL C 257 -31.11 18.31 4.65
CA VAL C 257 -30.08 19.24 4.20
C VAL C 257 -30.77 20.45 3.61
N TYR C 258 -30.54 21.61 4.21
CA TYR C 258 -31.04 22.88 3.69
C TYR C 258 -29.92 23.58 2.95
N LEU C 259 -30.23 24.13 1.78
CA LEU C 259 -29.24 24.75 0.89
C LEU C 259 -29.48 26.26 0.84
N GLN C 260 -28.93 26.95 1.83
CA GLN C 260 -29.01 28.40 1.91
C GLN C 260 -28.02 29.02 0.94
N SER C 261 -28.51 29.89 0.06
CA SER C 261 -27.61 30.47 -0.93
C SER C 261 -26.86 31.65 -0.36
N SER C 262 -27.55 32.56 0.31
CA SER C 262 -26.89 33.77 0.77
C SER C 262 -25.95 33.49 1.94
N GLN C 263 -24.82 34.19 1.96
CA GLN C 263 -23.96 34.17 3.12
C GLN C 263 -24.22 35.31 4.11
N ARG C 264 -25.10 36.26 3.77
CA ARG C 264 -25.44 37.31 4.70
C ARG C 264 -25.94 36.70 6.01
N GLY C 265 -25.35 37.15 7.12
CA GLY C 265 -25.70 36.60 8.42
C GLY C 265 -27.19 36.64 8.71
N SER C 266 -27.86 37.70 8.26
CA SER C 266 -29.30 37.84 8.50
C SER C 266 -30.10 36.82 7.69
N ASP C 267 -29.62 36.47 6.49
CA ASP C 267 -30.32 35.47 5.68
C ASP C 267 -30.11 34.08 6.27
N VAL C 268 -28.87 33.77 6.68
CA VAL C 268 -28.57 32.50 7.34
C VAL C 268 -29.28 32.40 8.68
N LEU C 269 -29.52 33.54 9.34
CA LEU C 269 -30.29 33.54 10.57
C LEU C 269 -31.76 33.25 10.30
N ASP C 270 -32.33 33.90 9.28
CA ASP C 270 -33.69 33.52 8.88
C ASP C 270 -33.76 32.04 8.55
N ALA C 271 -32.71 31.51 7.93
CA ALA C 271 -32.68 30.09 7.64
C ALA C 271 -32.64 29.28 8.92
N ILE C 272 -31.77 29.66 9.86
CA ILE C 272 -31.65 28.90 11.11
C ILE C 272 -33.00 28.82 11.82
N GLU C 273 -33.71 29.94 11.89
CA GLU C 273 -35.02 29.96 12.53
C GLU C 273 -36.03 29.10 11.75
N LYS C 274 -35.94 29.07 10.42
CA LYS C 274 -36.88 28.29 9.62
C LYS C 274 -36.56 26.80 9.68
N PHE C 275 -35.35 26.44 9.27
CA PHE C 275 -35.03 25.03 9.12
C PHE C 275 -34.73 24.36 10.47
N LYS C 276 -34.30 25.14 11.47
CA LYS C 276 -33.93 24.69 12.81
C LYS C 276 -32.79 23.68 12.73
N PRO C 277 -31.65 24.06 12.15
CA PRO C 277 -30.59 23.08 11.94
C PRO C 277 -29.95 22.65 13.24
N THR C 278 -29.41 21.43 13.26
CA THR C 278 -28.56 21.01 14.38
C THR C 278 -27.08 21.24 14.09
N THR C 279 -26.67 21.32 12.84
CA THR C 279 -25.29 21.65 12.50
C THR C 279 -25.28 22.68 11.38
N VAL C 280 -24.46 23.71 11.52
CA VAL C 280 -24.34 24.78 10.54
C VAL C 280 -22.96 24.70 9.89
N PHE C 281 -22.91 25.07 8.61
CA PHE C 281 -21.69 25.03 7.82
C PHE C 281 -21.57 26.36 7.10
N GLY C 282 -20.51 27.11 7.38
CA GLY C 282 -20.37 28.42 6.79
C GLY C 282 -18.91 28.80 6.67
N PHE C 283 -18.70 29.99 6.12
CA PHE C 283 -17.42 30.65 6.06
C PHE C 283 -17.37 31.68 7.19
N SER C 284 -16.15 32.01 7.65
CA SER C 284 -16.04 32.84 8.84
C SER C 284 -16.77 34.17 8.70
N GLY C 285 -16.81 34.74 7.50
CA GLY C 285 -17.52 36.01 7.32
C GLY C 285 -18.99 35.91 7.70
N THR C 286 -19.66 34.87 7.23
CA THR C 286 -21.03 34.60 7.69
C THR C 286 -21.08 34.54 9.21
N TYR C 287 -20.16 33.77 9.81
CA TYR C 287 -20.21 33.57 11.26
C TYR C 287 -20.01 34.88 12.00
N GLY C 288 -19.00 35.64 11.60
CA GLY C 288 -18.81 36.96 12.19
C GLY C 288 -20.05 37.82 12.09
N GLN C 289 -20.63 37.89 10.90
CA GLN C 289 -21.83 38.70 10.71
C GLN C 289 -22.98 38.24 11.60
N ILE C 290 -23.06 36.94 11.90
CA ILE C 290 -24.08 36.46 12.83
C ILE C 290 -23.71 36.85 14.26
N ALA C 291 -22.47 36.57 14.66
CA ALA C 291 -22.05 36.78 16.05
C ALA C 291 -22.19 38.22 16.50
N THR C 292 -22.20 39.18 15.56
CA THR C 292 -22.38 40.58 15.90
C THR C 292 -23.83 41.03 15.83
N SER C 293 -24.77 40.11 15.86
CA SER C 293 -26.18 40.44 15.69
C SER C 293 -26.94 40.32 17.01
N ASP C 294 -27.99 41.13 17.12
CA ASP C 294 -28.92 41.08 18.24
C ASP C 294 -29.56 39.70 18.35
N LEU C 295 -28.84 38.74 18.93
CA LEU C 295 -29.34 37.36 18.94
C LEU C 295 -30.60 37.20 19.77
N SER C 296 -30.97 38.20 20.57
CA SER C 296 -32.12 38.08 21.47
C SER C 296 -33.38 37.68 20.72
N THR C 297 -33.72 38.42 19.67
CA THR C 297 -34.92 38.18 18.88
C THR C 297 -34.89 36.82 18.15
N ARG C 298 -33.80 36.07 18.27
CA ARG C 298 -33.55 34.92 17.42
C ARG C 298 -33.68 33.63 18.21
N ASP C 299 -34.48 32.69 17.70
CA ASP C 299 -34.39 31.32 18.19
C ASP C 299 -33.21 30.62 17.51
N MET C 300 -32.25 30.17 18.31
CA MET C 300 -31.18 29.29 17.85
C MET C 300 -31.08 28.08 18.76
N SER C 301 -32.21 27.68 19.34
CA SER C 301 -32.20 26.63 20.36
C SER C 301 -31.80 25.26 19.82
N SER C 302 -31.80 25.07 18.50
CA SER C 302 -31.57 23.76 17.91
C SER C 302 -30.11 23.46 17.63
N ILE C 303 -29.22 24.44 17.76
CA ILE C 303 -27.85 24.26 17.32
C ILE C 303 -27.06 23.47 18.35
N GLU C 304 -26.48 22.36 17.92
CA GLU C 304 -25.52 21.60 18.71
C GLU C 304 -24.10 21.69 18.18
N ALA C 305 -23.91 22.21 16.96
CA ALA C 305 -22.61 22.27 16.32
C ALA C 305 -22.65 23.35 15.26
N TYR C 306 -21.58 24.13 15.17
CA TYR C 306 -21.25 24.89 13.98
C TYR C 306 -20.02 24.26 13.36
N TYR C 307 -19.82 24.53 12.08
CA TYR C 307 -18.65 24.04 11.40
C TYR C 307 -18.20 25.13 10.44
N ASN C 308 -16.90 25.41 10.41
CA ASN C 308 -16.41 26.56 9.67
C ASN C 308 -15.23 26.11 8.81
N THR C 309 -15.27 26.43 7.52
CA THR C 309 -14.23 25.92 6.64
C THR C 309 -13.32 27.04 6.14
N GLY C 310 -12.12 26.61 5.78
CA GLY C 310 -11.13 27.50 5.21
C GLY C 310 -10.37 28.32 6.25
N ASP C 311 -10.83 29.53 6.49
CA ASP C 311 -10.11 30.47 7.35
C ASP C 311 -10.76 30.46 8.70
N ALA C 312 -9.93 30.39 9.74
CA ALA C 312 -10.40 30.34 11.11
C ALA C 312 -11.25 31.57 11.42
N ALA C 313 -12.26 31.38 12.28
CA ALA C 313 -13.15 32.46 12.66
C ALA C 313 -12.59 33.19 13.88
N HIS C 314 -12.88 34.49 13.95
CA HIS C 314 -12.41 35.33 15.05
C HIS C 314 -12.95 34.77 16.36
N GLU C 315 -12.02 34.40 17.25
CA GLU C 315 -12.41 33.75 18.51
C GLU C 315 -13.40 34.60 19.31
N ALA C 316 -13.33 35.91 19.19
CA ALA C 316 -14.36 36.77 19.73
C ALA C 316 -15.75 36.28 19.35
N HIS C 317 -15.96 36.07 18.04
CA HIS C 317 -17.27 35.61 17.57
C HIS C 317 -17.57 34.21 18.08
N ILE C 318 -16.60 33.30 17.96
CA ILE C 318 -16.77 31.92 18.37
C ILE C 318 -17.40 31.83 19.76
N ARG C 319 -16.88 32.63 20.70
CA ARG C 319 -17.44 32.63 22.06
C ARG C 319 -18.92 32.97 22.06
N VAL C 320 -19.34 33.95 21.24
CA VAL C 320 -20.75 34.32 21.21
C VAL C 320 -21.59 33.17 20.67
N LEU C 321 -21.07 32.43 19.69
CA LEU C 321 -21.88 31.40 19.03
C LEU C 321 -22.04 30.16 19.91
N VAL C 322 -20.93 29.59 20.40
CA VAL C 322 -21.02 28.38 21.23
C VAL C 322 -21.91 28.60 22.45
N ALA C 323 -22.27 29.85 22.73
CA ALA C 323 -23.26 30.14 23.75
C ALA C 323 -24.63 29.55 23.40
N GLN C 324 -24.93 29.36 22.11
CA GLN C 324 -26.29 29.01 21.75
C GLN C 324 -26.49 27.51 21.72
N GLY C 325 -27.75 27.10 21.91
CA GLY C 325 -28.13 25.69 21.86
C GLY C 325 -27.42 24.78 22.85
N SER C 326 -27.78 23.52 22.84
CA SER C 326 -27.21 22.53 23.75
C SER C 326 -26.60 21.39 22.95
N HIS C 327 -25.67 20.67 23.57
CA HIS C 327 -25.14 19.48 22.92
C HIS C 327 -25.21 18.26 23.84
N GLU C 328 -24.49 17.20 23.49
CA GLU C 328 -24.51 15.94 24.22
C GLU C 328 -23.10 15.52 24.59
N GLU C 329 -22.82 15.43 25.88
CA GLU C 329 -21.61 14.82 26.41
C GLU C 329 -21.97 13.46 27.01
N ILE C 330 -20.96 12.60 27.19
CA ILE C 330 -21.20 11.23 27.63
C ILE C 330 -21.35 11.19 29.14
N GLY C 331 -22.29 10.38 29.63
CA GLY C 331 -22.64 10.34 31.03
C GLY C 331 -21.98 9.21 31.80
N PRO C 332 -21.97 9.30 33.15
CA PRO C 332 -21.36 8.23 33.97
C PRO C 332 -21.98 6.87 33.76
N ASP C 333 -23.27 6.78 33.46
CA ASP C 333 -23.85 5.51 33.03
C ASP C 333 -23.56 5.17 31.57
N PHE C 334 -22.79 6.03 30.87
CA PHE C 334 -22.35 5.84 29.49
C PHE C 334 -23.48 6.00 28.49
N LYS C 335 -24.53 6.70 28.87
CA LYS C 335 -25.47 7.18 27.89
C LYS C 335 -25.43 8.70 27.85
N PRO C 336 -25.73 9.32 26.70
CA PRO C 336 -25.49 10.76 26.55
C PRO C 336 -26.38 11.61 27.46
N VAL C 337 -25.76 12.61 28.09
CA VAL C 337 -26.46 13.63 28.87
C VAL C 337 -26.31 14.96 28.15
N ARG C 338 -27.40 15.73 28.14
CA ARG C 338 -27.47 16.94 27.35
C ARG C 338 -27.03 18.13 28.19
N VAL C 339 -26.09 18.89 27.67
CA VAL C 339 -25.53 20.03 28.40
C VAL C 339 -25.66 21.30 27.56
N PRO C 340 -25.85 22.46 28.19
CA PRO C 340 -25.99 23.71 27.42
C PRO C 340 -24.72 24.10 26.68
N GLY C 341 -24.90 24.95 25.65
CA GLY C 341 -23.81 25.36 24.79
C GLY C 341 -23.69 24.49 23.55
N SER C 342 -22.85 24.94 22.62
CA SER C 342 -22.65 24.21 21.36
C SER C 342 -21.16 24.12 21.05
N VAL C 343 -20.83 23.47 19.94
CA VAL C 343 -19.45 23.22 19.53
C VAL C 343 -19.20 23.85 18.16
N PHE C 344 -18.21 24.74 18.10
CA PHE C 344 -17.80 25.45 16.89
C PHE C 344 -16.46 24.86 16.46
N THR C 345 -16.42 24.24 15.28
CA THR C 345 -15.17 23.66 14.79
C THR C 345 -14.60 24.49 13.66
N ASP C 346 -13.52 25.20 13.96
CA ASP C 346 -12.62 25.70 12.93
C ASP C 346 -11.94 24.53 12.25
N GLY C 347 -11.82 24.62 10.94
CA GLY C 347 -11.04 23.62 10.25
C GLY C 347 -10.28 24.20 9.08
N LEU C 348 -8.97 24.43 9.23
CA LEU C 348 -8.23 24.88 8.06
C LEU C 348 -8.36 23.82 6.96
N GLY C 349 -9.17 24.13 5.95
CA GLY C 349 -9.23 23.32 4.77
C GLY C 349 -9.03 24.21 3.56
N SER C 350 -9.22 23.63 2.39
CA SER C 350 -9.00 24.36 1.16
C SER C 350 -9.84 23.69 0.08
N SER C 351 -9.89 24.34 -1.09
CA SER C 351 -10.51 23.68 -2.22
C SER C 351 -9.72 22.44 -2.60
N GLU C 352 -8.39 22.55 -2.54
CA GLU C 352 -7.52 21.48 -3.01
C GLU C 352 -7.63 20.24 -2.11
N THR C 353 -7.54 20.43 -0.79
CA THR C 353 -7.62 19.33 0.17
C THR C 353 -9.05 18.95 0.52
N GLY C 354 -10.00 19.85 0.27
CA GLY C 354 -11.41 19.55 0.40
C GLY C 354 -11.95 19.73 1.81
N TYR C 355 -12.08 18.61 2.51
CA TYR C 355 -12.45 18.59 3.92
C TYR C 355 -11.48 19.47 4.70
N SER C 356 -11.65 19.53 6.01
CA SER C 356 -10.56 20.02 6.81
C SER C 356 -9.55 18.91 7.06
N ILE C 357 -8.26 19.26 6.96
CA ILE C 357 -7.21 18.38 7.46
C ILE C 357 -7.03 18.56 8.97
N PHE C 358 -7.19 19.79 9.45
CA PHE C 358 -6.98 20.15 10.85
C PHE C 358 -8.31 20.51 11.50
N HIS C 359 -8.45 20.20 12.78
CA HIS C 359 -9.66 20.46 13.53
C HIS C 359 -9.31 21.20 14.81
N ASN C 360 -10.01 22.30 15.06
CA ASN C 360 -9.90 23.06 16.29
C ASN C 360 -11.29 23.24 16.86
N GLY C 361 -11.67 22.37 17.78
CA GLY C 361 -13.00 22.40 18.36
C GLY C 361 -13.06 23.35 19.55
N HIS C 362 -14.01 24.28 19.49
CA HIS C 362 -14.31 25.20 20.58
C HIS C 362 -15.67 24.84 21.16
N LYS C 363 -15.76 24.75 22.50
CA LYS C 363 -17.01 24.59 23.23
C LYS C 363 -17.05 25.67 24.29
N PRO C 364 -18.19 25.84 24.98
CA PRO C 364 -18.28 26.91 25.99
C PRO C 364 -17.23 26.74 27.06
N GLY C 365 -16.56 27.86 27.41
CA GLY C 365 -15.55 27.88 28.44
C GLY C 365 -14.19 27.36 28.05
N SER C 366 -14.04 26.78 26.86
CA SER C 366 -12.77 26.18 26.44
C SER C 366 -11.66 27.23 26.35
N ALA C 367 -10.42 26.75 26.47
CA ALA C 367 -9.26 27.63 26.43
C ALA C 367 -9.01 28.15 25.02
N SER C 368 -8.53 29.39 24.93
CA SER C 368 -8.15 29.94 23.65
C SER C 368 -7.01 29.15 23.03
N PHE C 369 -6.96 29.12 21.71
CA PHE C 369 -5.98 28.28 21.01
C PHE C 369 -4.71 29.03 20.66
N GLY C 370 -4.73 30.35 20.64
CA GLY C 370 -3.54 31.07 20.24
C GLY C 370 -3.22 30.82 18.78
N ARG C 371 -2.05 30.24 18.48
CA ARG C 371 -1.77 29.91 17.10
C ARG C 371 -1.74 28.39 16.86
N CYS C 372 -2.16 27.59 17.85
CA CYS C 372 -2.20 26.15 17.65
C CYS C 372 -3.37 25.78 16.74
N ILE C 373 -3.22 24.65 16.04
CA ILE C 373 -4.28 24.12 15.17
C ILE C 373 -4.41 22.61 15.35
N GLY C 374 -3.59 22.03 16.22
CA GLY C 374 -3.71 20.63 16.55
C GLY C 374 -2.96 19.69 15.62
N LYS C 375 -3.44 18.47 15.51
CA LYS C 375 -2.83 17.50 14.62
C LYS C 375 -3.73 17.23 13.43
N PRO C 376 -3.18 16.73 12.33
CA PRO C 376 -4.01 16.46 11.15
C PRO C 376 -4.89 15.24 11.34
N MET C 377 -6.04 15.25 10.66
CA MET C 377 -6.89 14.08 10.57
C MET C 377 -6.04 12.86 10.24
N SER C 378 -6.39 11.72 10.86
CA SER C 378 -5.50 10.56 10.78
C SER C 378 -5.14 10.16 9.35
N PHE C 379 -6.01 10.44 8.36
CA PHE C 379 -5.75 9.98 7.01
C PHE C 379 -4.78 10.85 6.22
N ALA C 380 -4.53 12.08 6.67
CA ALA C 380 -3.61 12.97 6.02
C ALA C 380 -2.26 12.97 6.73
N GLN C 381 -1.23 13.39 6.01
CA GLN C 381 0.09 13.61 6.57
C GLN C 381 0.44 15.08 6.37
N ALA C 382 0.77 15.78 7.45
CA ALA C 382 1.18 17.17 7.35
C ALA C 382 2.58 17.33 7.92
N ALA C 383 3.26 18.39 7.47
CA ALA C 383 4.67 18.62 7.80
C ALA C 383 4.99 20.11 7.70
N VAL C 384 6.00 20.52 8.47
CA VAL C 384 6.62 21.83 8.33
C VAL C 384 7.91 21.62 7.54
N LEU C 385 7.99 22.22 6.36
CA LEU C 385 9.00 21.84 5.38
C LEU C 385 10.15 22.84 5.31
N SER C 386 11.36 22.31 5.24
CA SER C 386 12.48 23.12 4.80
C SER C 386 12.34 23.45 3.32
N GLU C 387 13.13 24.40 2.86
CA GLU C 387 12.96 24.79 1.48
C GLU C 387 13.34 23.68 0.49
N ASP C 388 13.98 22.61 0.94
CA ASP C 388 14.24 21.51 0.03
C ASP C 388 13.30 20.34 0.29
N GLY C 389 12.20 20.57 1.00
CA GLY C 389 11.18 19.56 1.13
C GLY C 389 11.43 18.52 2.19
N ARG C 390 12.20 18.84 3.23
CA ARG C 390 12.39 17.93 4.36
C ARG C 390 11.53 18.36 5.54
N PRO C 391 10.93 17.43 6.28
CA PRO C 391 10.25 17.84 7.51
C PRO C 391 11.24 18.46 8.49
N LEU C 392 10.81 19.49 9.20
CA LEU C 392 11.68 20.13 10.17
C LEU C 392 11.35 19.62 11.57
N PRO C 393 12.27 19.77 12.52
CA PRO C 393 12.02 19.36 13.91
C PRO C 393 11.17 20.41 14.62
N ALA C 394 10.79 20.09 15.86
CA ALA C 394 10.08 21.07 16.66
C ALA C 394 10.87 22.37 16.74
N GLY C 395 10.15 23.48 16.79
CA GLY C 395 10.82 24.75 16.96
C GLY C 395 10.91 25.56 15.69
N GLU C 396 11.33 24.98 14.58
CA GLU C 396 11.69 25.76 13.40
C GLU C 396 10.48 26.07 12.51
N VAL C 397 10.48 27.26 11.95
CA VAL C 397 9.43 27.69 11.03
C VAL C 397 9.74 27.17 9.62
N GLY C 398 8.70 26.68 8.95
CA GLY C 398 8.81 26.33 7.57
C GLY C 398 7.46 26.39 6.90
N ARG C 399 7.45 25.92 5.64
CA ARG C 399 6.24 25.89 4.84
C ARG C 399 5.39 24.70 5.23
N LEU C 400 4.09 24.91 5.32
CA LEU C 400 3.16 23.87 5.75
C LEU C 400 2.77 23.00 4.55
N GLY C 401 3.02 21.69 4.65
CA GLY C 401 2.75 20.78 3.56
C GLY C 401 1.72 19.75 3.98
N VAL C 402 0.98 19.23 3.01
CA VAL C 402 -0.12 18.31 3.29
C VAL C 402 -0.15 17.22 2.23
N ARG C 403 -0.19 15.96 2.66
CA ARG C 403 -0.51 14.83 1.80
C ARG C 403 -1.84 14.25 2.24
N SER C 404 -2.73 13.94 1.29
CA SER C 404 -3.97 13.34 1.74
C SER C 404 -4.70 12.61 0.64
N PRO C 405 -5.35 11.52 0.92
CA PRO C 405 -6.21 10.86 -0.06
C PRO C 405 -7.40 11.70 -0.48
N THR C 406 -7.48 12.91 0.05
CA THR C 406 -8.52 13.85 -0.31
C THR C 406 -7.98 14.96 -1.20
N LEU C 407 -6.69 14.92 -1.51
CA LEU C 407 -6.08 15.95 -2.34
C LEU C 407 -6.53 15.79 -3.79
N THR C 408 -6.86 16.91 -4.42
CA THR C 408 -7.05 17.00 -5.86
C THR C 408 -5.88 16.38 -6.62
N PRO C 409 -6.08 15.84 -7.82
CA PRO C 409 -4.96 15.39 -8.64
C PRO C 409 -4.18 16.51 -9.33
N GLY C 410 -4.50 17.78 -9.07
CA GLY C 410 -3.82 18.91 -9.69
C GLY C 410 -4.70 19.81 -10.55
N TYR C 411 -4.35 21.11 -10.62
CA TYR C 411 -5.24 22.08 -11.24
C TYR C 411 -5.49 21.75 -12.70
N TRP C 412 -6.66 22.17 -13.16
CA TRP C 412 -7.18 21.73 -14.45
C TRP C 412 -6.53 22.52 -15.57
N ASN C 413 -5.78 21.82 -16.42
CA ASN C 413 -5.09 22.38 -17.58
C ASN C 413 -3.96 23.32 -17.19
N ASP C 414 -3.45 23.21 -15.96
CA ASP C 414 -2.39 24.08 -15.48
C ASP C 414 -1.40 23.25 -14.63
N SER C 415 -0.80 22.25 -15.27
CA SER C 415 0.28 21.51 -14.67
C SER C 415 1.37 22.41 -14.09
N LEU C 416 1.64 23.54 -14.76
CA LEU C 416 2.76 24.42 -14.38
C LEU C 416 2.55 25.00 -13.00
N THR C 417 1.38 25.60 -12.76
CA THR C 417 1.12 26.08 -11.42
C THR C 417 1.09 24.94 -10.42
N TRP C 418 0.48 23.80 -10.79
CA TRP C 418 0.30 22.69 -9.86
C TRP C 418 1.63 22.27 -9.25
N HIS C 419 2.65 22.11 -10.07
CA HIS C 419 3.93 21.70 -9.52
C HIS C 419 4.71 22.85 -8.92
N LYS C 420 4.39 24.08 -9.29
CA LYS C 420 4.95 25.22 -8.56
C LYS C 420 4.46 25.24 -7.13
N LEU C 421 3.35 24.56 -6.84
CA LEU C 421 2.76 24.56 -5.51
C LEU C 421 3.02 23.28 -4.76
N ARG C 422 4.02 22.51 -5.18
CA ARG C 422 4.32 21.25 -4.53
C ARG C 422 5.77 21.25 -4.08
N LEU C 423 6.03 20.50 -3.00
CA LEU C 423 7.35 20.50 -2.38
C LEU C 423 7.54 19.19 -1.64
N GLY C 424 8.63 18.48 -1.95
CA GLY C 424 8.95 17.21 -1.34
C GLY C 424 7.79 16.25 -1.24
N GLY C 425 6.94 16.24 -2.26
CA GLY C 425 5.81 15.36 -2.31
C GLY C 425 4.56 15.89 -1.66
N TYR C 426 4.64 17.02 -0.96
CA TYR C 426 3.46 17.60 -0.31
C TYR C 426 2.87 18.72 -1.18
N TRP C 427 1.59 19.01 -0.91
CA TRP C 427 0.99 20.23 -1.44
C TRP C 427 1.22 21.36 -0.45
N LEU C 428 1.54 22.54 -0.97
CA LEU C 428 1.81 23.71 -0.13
C LEU C 428 0.51 24.45 0.15
N THR C 429 0.20 24.66 1.43
CA THR C 429 -1.01 25.43 1.76
C THR C 429 -0.85 26.93 1.55
N GLY C 430 0.38 27.45 1.54
CA GLY C 430 0.62 28.88 1.52
C GLY C 430 0.94 29.47 2.88
N ASP C 431 0.80 28.70 3.96
CA ASP C 431 1.01 29.15 5.31
C ASP C 431 2.41 28.78 5.80
N LEU C 432 2.94 29.57 6.74
CA LEU C 432 4.17 29.25 7.45
C LEU C 432 3.81 28.64 8.80
N ALA C 433 4.58 27.65 9.25
CA ALA C 433 4.16 26.94 10.45
C ALA C 433 5.34 26.41 11.22
N MET C 434 5.06 25.92 12.42
CA MET C 434 6.00 25.13 13.18
C MET C 434 5.23 24.15 14.06
N GLN C 435 5.97 23.15 14.56
CA GLN C 435 5.42 22.13 15.45
C GLN C 435 5.99 22.30 16.84
N ASP C 436 5.16 22.05 17.86
CA ASP C 436 5.72 21.86 19.19
C ASP C 436 6.21 20.42 19.29
N ALA C 437 7.03 20.15 20.31
CA ALA C 437 7.64 18.83 20.44
C ALA C 437 6.62 17.72 20.73
N GLU C 438 5.36 18.07 21.00
CA GLU C 438 4.29 17.10 21.17
C GLU C 438 3.60 16.71 19.87
N GLY C 439 3.89 17.40 18.77
CA GLY C 439 3.35 17.09 17.46
C GLY C 439 2.47 18.17 16.86
N ASN C 440 1.71 18.89 17.70
CA ASN C 440 0.76 19.88 17.24
C ASN C 440 1.38 20.90 16.30
N PHE C 441 0.56 21.50 15.44
CA PHE C 441 0.99 22.49 14.45
C PHE C 441 0.54 23.88 14.85
N TYR C 442 1.36 24.86 14.51
CA TYR C 442 1.08 26.26 14.83
C TYR C 442 1.22 27.06 13.55
N HIS C 443 0.20 27.87 13.25
CA HIS C 443 0.10 28.64 12.02
C HIS C 443 0.65 30.04 12.26
N LEU C 444 1.81 30.34 11.67
CA LEU C 444 2.42 31.64 11.95
C LEU C 444 1.81 32.76 11.09
N ASP C 445 1.85 32.62 9.78
CA ASP C 445 1.22 33.61 8.90
C ASP C 445 1.21 33.00 7.51
N ARG C 446 0.78 33.78 6.53
CA ARG C 446 0.87 33.39 5.13
C ARG C 446 2.26 33.68 4.59
N ALA C 447 2.82 32.73 3.86
CA ALA C 447 4.15 32.91 3.27
C ALA C 447 4.31 34.21 2.46
N PRO C 448 3.29 34.71 1.76
CA PRO C 448 3.40 36.06 1.18
C PRO C 448 3.32 37.20 2.18
N ASP C 449 2.91 36.95 3.42
CA ASP C 449 2.85 38.01 4.42
C ASP C 449 4.11 38.10 5.26
N ALA C 450 5.02 37.14 5.16
CA ALA C 450 6.26 37.27 5.90
C ALA C 450 7.08 38.38 5.25
N ILE C 451 7.75 39.16 6.08
CA ILE C 451 8.61 40.24 5.62
C ILE C 451 10.02 39.94 6.08
N ARG C 452 10.92 39.74 5.12
CA ARG C 452 12.33 39.50 5.44
C ARG C 452 13.01 40.83 5.76
N THR C 453 13.25 41.11 7.05
CA THR C 453 13.96 42.31 7.48
C THR C 453 15.37 41.93 7.93
N GLU C 454 16.00 42.83 8.68
CA GLU C 454 17.11 42.44 9.54
C GLU C 454 16.68 42.37 11.00
N ALA C 455 15.56 43.01 11.36
CA ALA C 455 14.86 42.62 12.57
C ALA C 455 14.47 41.14 12.54
N GLY C 456 14.52 40.49 11.36
CA GLY C 456 14.39 39.05 11.24
C GLY C 456 13.39 38.59 10.20
N ILE C 457 12.32 37.96 10.68
CA ILE C 457 11.11 37.72 9.92
C ILE C 457 9.99 38.39 10.70
N VAL C 458 9.37 39.41 10.11
CA VAL C 458 8.21 40.03 10.72
C VAL C 458 6.96 39.48 10.03
N PHE C 459 6.12 38.82 10.81
CA PHE C 459 4.88 38.28 10.31
C PHE C 459 3.86 39.40 10.23
N SER C 460 3.47 39.77 9.00
CA SER C 460 2.57 40.91 8.78
C SER C 460 1.34 40.82 9.67
N THR C 461 0.62 39.71 9.60
CA THR C 461 -0.65 39.60 10.30
C THR C 461 -0.46 39.55 11.81
N ARG C 462 0.62 38.93 12.27
CA ARG C 462 0.84 38.81 13.71
C ARG C 462 1.19 40.16 14.32
N THR C 463 2.02 40.96 13.62
CA THR C 463 2.32 42.31 14.07
C THR C 463 1.08 43.17 14.09
N GLU C 464 0.30 43.13 13.00
CA GLU C 464 -0.96 43.87 12.96
C GLU C 464 -1.88 43.46 14.11
N GLU C 465 -2.10 42.16 14.28
CA GLU C 465 -3.00 41.67 15.33
C GLU C 465 -2.51 42.12 16.71
N LEU C 466 -1.23 41.94 17.01
CA LEU C 466 -0.70 42.27 18.32
C LEU C 466 -0.94 43.73 18.65
N LEU C 467 -0.52 44.64 17.75
CA LEU C 467 -0.73 46.06 17.96
C LEU C 467 -2.21 46.39 18.15
N LEU C 468 -3.06 45.90 17.26
CA LEU C 468 -4.49 46.20 17.33
C LEU C 468 -5.20 45.55 18.53
N ALA C 469 -4.55 44.64 19.26
CA ALA C 469 -5.17 44.02 20.42
C ALA C 469 -4.59 44.49 21.74
N SER C 470 -3.52 45.28 21.72
CA SER C 470 -2.85 45.75 22.93
C SER C 470 -3.01 47.25 23.17
N LEU C 471 -2.94 48.08 22.12
CA LEU C 471 -3.12 49.54 22.22
C LEU C 471 -4.47 49.90 21.63
N PRO C 472 -5.54 49.97 22.44
CA PRO C 472 -6.91 49.98 21.87
C PRO C 472 -7.31 51.27 21.15
N GLU C 473 -6.43 52.28 21.08
CA GLU C 473 -6.75 53.52 20.37
C GLU C 473 -6.76 53.37 18.85
N LEU C 474 -6.63 52.15 18.33
CA LEU C 474 -6.60 51.90 16.89
C LEU C 474 -7.87 51.18 16.45
N ALA C 475 -8.36 51.55 15.27
CA ALA C 475 -9.34 50.72 14.58
C ALA C 475 -8.69 49.77 13.59
N ASP C 476 -7.61 50.21 12.94
CA ASP C 476 -6.87 49.39 12.00
C ASP C 476 -5.43 49.88 11.99
N CYS C 477 -4.52 48.97 11.65
CA CYS C 477 -3.19 49.36 11.20
C CYS C 477 -2.81 48.40 10.08
N THR C 478 -1.70 48.72 9.42
CA THR C 478 -1.31 47.97 8.23
C THR C 478 0.20 47.93 8.12
N VAL C 479 0.74 46.74 7.96
CA VAL C 479 2.18 46.51 7.87
C VAL C 479 2.52 46.23 6.41
N THR C 480 3.43 47.00 5.84
CA THR C 480 3.83 46.83 4.45
C THR C 480 5.35 46.85 4.36
N ALA C 481 5.87 46.16 3.36
CA ALA C 481 7.30 46.08 3.15
C ALA C 481 7.74 47.16 2.17
N ILE C 482 8.91 47.74 2.42
CA ILE C 482 9.50 48.76 1.56
C ILE C 482 10.95 48.38 1.28
N ALA C 483 11.23 47.97 0.04
CA ALA C 483 12.59 47.66 -0.41
C ALA C 483 12.76 48.11 -1.85
N GLU C 484 14.00 48.03 -2.31
CA GLU C 484 14.37 48.43 -3.67
C GLU C 484 13.47 47.75 -4.70
N GLU C 485 12.98 48.56 -5.65
CA GLU C 485 12.12 48.06 -6.72
C GLU C 485 12.76 46.86 -7.40
N GLY C 486 11.96 45.82 -7.62
CA GLY C 486 12.45 44.57 -8.15
C GLY C 486 12.90 43.56 -7.12
N VAL C 487 13.27 43.99 -5.92
CA VAL C 487 13.68 43.06 -4.87
C VAL C 487 12.44 42.48 -4.21
N ARG C 488 12.38 41.15 -4.10
CA ARG C 488 11.32 40.43 -3.43
C ARG C 488 11.83 39.91 -2.09
N ALA C 489 11.07 40.16 -1.01
CA ALA C 489 11.54 39.91 0.34
C ALA C 489 10.50 39.16 1.17
N ASP C 490 9.75 38.25 0.54
CA ASP C 490 8.57 37.65 1.16
C ASP C 490 8.69 36.15 1.38
N TRP C 491 9.72 35.71 2.10
CA TRP C 491 9.96 34.28 2.33
C TRP C 491 10.39 33.60 1.03
N ASP C 492 9.51 33.61 0.02
CA ASP C 492 9.87 33.12 -1.30
C ASP C 492 11.02 33.91 -1.91
N GLY C 493 11.25 35.13 -1.41
CA GLY C 493 12.33 35.96 -1.90
C GLY C 493 13.65 35.65 -1.22
N ASP C 494 14.67 36.36 -1.69
CA ASP C 494 16.02 36.31 -1.14
C ASP C 494 16.49 37.64 -0.58
N GLY C 495 15.88 38.76 -0.99
CA GLY C 495 16.24 40.07 -0.52
C GLY C 495 15.52 40.44 0.76
N VAL C 496 15.65 41.71 1.13
CA VAL C 496 15.16 42.20 2.42
C VAL C 496 14.51 43.56 2.22
N ALA C 497 13.50 43.83 3.05
CA ALA C 497 12.78 45.10 3.03
C ALA C 497 12.75 45.66 4.45
N GLU C 498 12.10 46.81 4.59
CA GLU C 498 11.86 47.44 5.87
C GLU C 498 10.37 47.42 6.15
N ALA C 499 10.02 47.14 7.40
CA ALA C 499 8.63 47.05 7.80
C ALA C 499 8.14 48.39 8.31
N TYR C 500 7.01 48.85 7.77
CA TYR C 500 6.33 50.05 8.20
C TYR C 500 4.94 49.67 8.68
N VAL C 501 4.48 50.26 9.77
CA VAL C 501 3.11 50.04 10.25
C VAL C 501 2.37 51.37 10.18
N LEU C 502 1.36 51.45 9.33
CA LEU C 502 0.59 52.67 9.19
C LEU C 502 -0.58 52.61 10.17
N LEU C 503 -0.70 53.63 11.01
CA LEU C 503 -1.67 53.62 12.11
C LEU C 503 -2.89 54.46 11.76
N GLN C 504 -4.06 54.00 12.21
CA GLN C 504 -5.33 54.66 11.98
C GLN C 504 -6.01 54.76 13.35
N PHE C 505 -5.68 55.81 14.10
CA PHE C 505 -6.25 56.01 15.42
C PHE C 505 -7.76 56.19 15.33
N THR C 506 -8.47 55.76 16.38
CA THR C 506 -9.92 55.80 16.37
C THR C 506 -10.43 57.24 16.38
N ASP C 507 -11.74 57.38 16.20
CA ASP C 507 -12.36 58.70 16.16
C ASP C 507 -12.19 59.40 17.51
N GLY C 508 -11.46 60.51 17.50
CA GLY C 508 -11.14 61.23 18.72
C GLY C 508 -10.02 60.63 19.54
N ALA C 509 -9.36 59.60 19.05
CA ALA C 509 -8.30 58.93 19.80
C ALA C 509 -7.21 59.93 20.20
N ARG C 510 -6.65 59.70 21.39
CA ARG C 510 -5.60 60.57 21.93
C ARG C 510 -4.26 60.23 21.27
N GLU C 511 -4.15 60.60 19.99
CA GLU C 511 -2.97 60.32 19.17
C GLU C 511 -1.66 60.79 19.82
N PRO C 512 -0.82 59.86 20.33
CA PRO C 512 0.42 60.31 20.98
C PRO C 512 1.50 60.74 19.99
N GLY C 513 2.75 60.68 20.45
CA GLY C 513 3.86 61.18 19.68
C GLY C 513 4.93 60.11 19.51
N ASP C 514 5.90 60.45 18.65
CA ASP C 514 6.96 59.58 18.17
C ASP C 514 6.44 58.48 17.26
N LEU C 515 5.61 57.57 17.80
CA LEU C 515 4.99 56.44 17.10
C LEU C 515 5.94 55.26 16.92
N THR C 516 7.03 55.43 16.16
CA THR C 516 7.94 54.32 15.89
C THR C 516 8.40 53.65 17.18
N GLY C 517 8.82 54.46 18.16
CA GLY C 517 9.14 53.92 19.47
C GLY C 517 7.93 53.54 20.30
N TRP C 518 6.72 53.90 19.85
CA TRP C 518 5.53 53.46 20.58
C TRP C 518 5.15 52.04 20.21
N VAL C 519 5.15 51.72 18.91
CA VAL C 519 4.82 50.36 18.47
C VAL C 519 5.98 49.42 18.73
N ASN C 520 7.22 49.87 18.50
CA ASN C 520 8.38 49.02 18.79
C ASN C 520 8.39 48.56 20.23
N GLU C 521 7.72 49.29 21.12
CA GLU C 521 7.62 48.91 22.52
C GLU C 521 6.79 47.65 22.66
N VAL C 522 5.50 47.74 22.33
CA VAL C 522 4.56 46.64 22.57
C VAL C 522 4.93 45.40 21.76
N LEU C 523 5.44 45.60 20.55
CA LEU C 523 5.82 44.49 19.70
C LEU C 523 7.13 43.85 20.16
N ALA C 524 8.09 44.63 20.70
CA ALA C 524 9.28 44.02 21.31
C ALA C 524 9.04 43.56 22.74
N GLY C 525 7.94 43.97 23.37
CA GLY C 525 7.58 43.45 24.68
C GLY C 525 6.87 42.12 24.67
N GLN C 526 6.44 41.65 23.51
CA GLN C 526 5.93 40.29 23.35
C GLN C 526 6.90 39.40 22.60
N GLY C 527 8.05 39.93 22.18
CA GLY C 527 9.06 39.17 21.47
C GLY C 527 9.20 39.54 20.01
N PHE C 528 8.26 40.29 19.42
CA PHE C 528 8.20 40.44 17.97
C PHE C 528 9.35 41.35 17.50
N PRO C 529 9.91 41.08 16.32
CA PRO C 529 11.01 41.92 15.85
C PRO C 529 10.56 43.36 15.66
N PRO C 530 11.48 44.31 15.71
CA PRO C 530 11.10 45.72 15.59
C PRO C 530 10.70 46.09 14.17
N VAL C 531 9.82 47.08 14.09
CA VAL C 531 9.38 47.74 12.85
C VAL C 531 10.28 48.94 12.58
N THR C 532 10.44 49.29 11.29
CA THR C 532 11.31 50.42 10.94
C THR C 532 10.66 51.78 11.20
N ARG C 533 9.33 51.92 11.09
CA ARG C 533 8.69 53.23 11.13
C ARG C 533 7.20 53.08 11.45
N ALA C 534 6.57 54.18 11.84
CA ALA C 534 5.13 54.20 12.06
C ALA C 534 4.58 55.57 11.65
N LEU C 535 3.61 55.55 10.73
CA LEU C 535 2.99 56.76 10.19
C LEU C 535 1.46 56.65 10.34
N ARG C 536 0.74 57.69 9.90
CA ARG C 536 -0.72 57.68 10.00
C ARG C 536 -1.39 57.82 8.63
N MET C 537 -2.59 58.39 8.61
CA MET C 537 -3.43 58.46 7.41
C MET C 537 -4.23 59.76 7.28
N MET D 17 23.61 16.31 20.74
CA MET D 17 22.65 15.60 19.89
C MET D 17 23.16 15.36 18.44
N ILE D 18 22.29 14.79 17.57
CA ILE D 18 22.63 14.57 16.15
C ILE D 18 22.09 15.71 15.31
N THR D 19 22.83 16.03 14.25
CA THR D 19 22.50 17.13 13.34
C THR D 19 21.51 16.66 12.28
N LYS D 20 21.05 17.61 11.45
CA LYS D 20 20.12 17.26 10.37
C LYS D 20 20.76 16.28 9.40
N GLU D 21 22.05 16.44 9.12
CA GLU D 21 22.74 15.53 8.20
C GLU D 21 22.68 14.10 8.70
N GLU D 22 23.09 13.88 9.95
CA GLU D 22 23.02 12.54 10.53
C GLU D 22 21.59 12.01 10.52
N ARG D 23 20.62 12.86 10.87
CA ARG D 23 19.24 12.40 10.89
C ARG D 23 18.77 12.04 9.49
N ALA D 24 19.10 12.87 8.50
CA ALA D 24 18.78 12.51 7.12
C ALA D 24 19.45 11.20 6.74
N GLN D 25 20.68 10.98 7.25
CA GLN D 25 21.38 9.75 6.93
C GLN D 25 20.60 8.53 7.39
N ILE D 26 20.03 8.60 8.60
CA ILE D 26 19.22 7.52 9.13
C ILE D 26 18.00 7.26 8.25
N ASN D 27 17.28 8.32 7.89
CA ASN D 27 16.12 8.19 7.01
C ASN D 27 16.50 7.66 5.62
N ALA D 28 17.66 8.03 5.12
CA ALA D 28 18.02 7.47 3.84
C ALA D 28 18.40 6.00 3.91
N ASP D 29 18.39 5.36 5.09
CA ASP D 29 18.94 4.02 5.29
C ASP D 29 17.88 2.94 5.23
N PRO D 30 17.61 2.36 4.05
CA PRO D 30 16.57 1.32 3.99
C PRO D 30 16.91 0.07 4.78
N GLU D 31 18.21 -0.21 5.02
CA GLU D 31 18.64 -1.40 5.73
C GLU D 31 18.35 -1.34 7.23
N LEU D 32 18.23 -0.13 7.80
CA LEU D 32 18.12 0.05 9.24
C LEU D 32 16.88 -0.63 9.81
N GLY D 33 16.98 -1.09 11.05
CA GLY D 33 15.89 -1.81 11.68
C GLY D 33 16.36 -2.50 12.95
N ALA D 34 15.40 -3.15 13.61
CA ALA D 34 15.60 -3.67 14.96
C ALA D 34 16.71 -4.71 15.07
N GLY D 35 17.24 -5.20 13.95
CA GLY D 35 18.27 -6.22 13.99
C GLY D 35 19.66 -5.76 13.62
N ASN D 36 19.88 -4.45 13.42
CA ASN D 36 21.20 -4.04 12.94
C ASN D 36 21.59 -2.61 13.32
N VAL D 37 20.81 -1.91 14.15
CA VAL D 37 21.14 -0.57 14.66
C VAL D 37 22.62 -0.45 14.99
N LEU D 38 23.17 -1.40 15.75
CA LEU D 38 24.60 -1.34 16.07
C LEU D 38 25.43 -1.28 14.80
N HIS D 39 25.17 -2.19 13.86
CA HIS D 39 25.97 -2.25 12.64
C HIS D 39 25.75 -1.04 11.74
N ARG D 40 24.54 -0.50 11.70
CA ARG D 40 24.32 0.74 10.93
C ARG D 40 25.00 1.92 11.60
N LEU D 41 24.97 1.98 12.94
CA LEU D 41 25.72 3.00 13.66
C LEU D 41 27.18 2.98 13.23
N ARG D 42 27.74 1.78 13.14
CA ARG D 42 29.08 1.60 12.60
C ARG D 42 29.16 2.09 11.15
N ALA D 43 28.09 1.86 10.38
CA ALA D 43 28.11 2.24 8.98
C ALA D 43 28.12 3.75 8.80
N TYR D 44 27.47 4.48 9.72
CA TYR D 44 27.48 5.94 9.63
C TYR D 44 28.83 6.53 10.00
N GLY D 45 29.77 5.70 10.45
CA GLY D 45 31.05 6.21 10.88
C GLY D 45 30.99 6.98 12.19
N ARG D 46 30.18 6.51 13.13
CA ARG D 46 30.07 7.18 14.43
C ARG D 46 31.40 7.12 15.18
N PRO D 47 31.70 8.12 15.99
CA PRO D 47 32.85 8.05 16.90
C PRO D 47 32.81 6.81 17.79
N THR D 48 33.93 6.09 17.82
CA THR D 48 34.01 4.84 18.55
C THR D 48 34.17 5.04 20.05
N ASP D 49 34.86 6.11 20.47
CA ASP D 49 35.19 6.31 21.87
C ASP D 49 34.14 7.12 22.65
N ARG D 50 33.05 7.51 22.01
CA ARG D 50 31.94 8.12 22.74
C ARG D 50 31.22 7.05 23.58
N PRO D 51 30.86 7.37 24.82
CA PRO D 51 30.02 6.45 25.59
C PRO D 51 28.55 6.55 25.18
N VAL D 52 27.92 5.37 25.07
CA VAL D 52 26.58 5.26 24.56
C VAL D 52 25.65 4.55 25.53
N LEU D 53 26.11 3.48 26.18
CA LEU D 53 25.33 2.81 27.21
C LEU D 53 25.85 3.18 28.61
N TRP D 54 24.91 3.31 29.55
CA TRP D 54 25.23 3.48 30.96
C TRP D 54 24.48 2.37 31.68
N THR D 55 25.17 1.65 32.57
CA THR D 55 24.61 0.42 33.14
C THR D 55 24.42 0.55 34.65
N ASP D 56 23.60 -0.38 35.17
CA ASP D 56 23.43 -0.58 36.61
C ASP D 56 24.30 -1.73 37.13
N GLY D 57 25.54 -1.84 36.66
CA GLY D 57 26.51 -2.76 37.23
C GLY D 57 26.24 -4.24 37.14
N THR D 58 25.06 -4.66 36.65
CA THR D 58 24.61 -6.04 36.82
C THR D 58 25.11 -7.00 35.75
N TRP D 59 25.94 -6.57 34.80
CA TRP D 59 26.35 -7.45 33.72
C TRP D 59 27.85 -7.71 33.75
N ARG D 60 28.23 -8.99 33.60
CA ARG D 60 29.63 -9.38 33.59
C ARG D 60 30.13 -9.44 32.16
N ALA D 61 31.12 -8.57 31.85
CA ALA D 61 31.74 -8.50 30.53
C ALA D 61 32.52 -9.78 30.24
N PRO D 62 33.09 -9.96 29.05
CA PRO D 62 33.94 -11.14 28.86
C PRO D 62 35.24 -11.04 29.64
N ASP D 63 35.70 -9.84 29.98
CA ASP D 63 36.92 -9.65 30.75
C ASP D 63 36.67 -9.56 32.25
N GLY D 64 35.63 -10.19 32.76
CA GLY D 64 35.43 -10.24 34.20
C GLY D 64 34.85 -9.00 34.83
N SER D 65 35.06 -7.83 34.24
CA SER D 65 34.56 -6.59 34.85
C SER D 65 33.03 -6.54 34.80
N HIS D 66 32.48 -5.53 35.46
CA HIS D 66 31.06 -5.24 35.41
C HIS D 66 30.96 -3.79 34.92
N PRO D 67 31.10 -3.58 33.61
CA PRO D 67 31.17 -2.22 33.08
C PRO D 67 30.03 -1.35 33.55
N GLU D 68 30.34 -0.11 33.86
CA GLU D 68 29.35 0.87 34.28
C GLU D 68 28.87 1.71 33.10
N VAL D 69 29.79 2.02 32.19
CA VAL D 69 29.55 2.86 31.01
C VAL D 69 30.26 2.19 29.84
N ILE D 70 29.54 1.96 28.76
CA ILE D 70 30.03 1.20 27.62
C ILE D 70 30.19 2.12 26.42
N THR D 71 31.33 2.03 25.75
CA THR D 71 31.50 2.79 24.52
C THR D 71 30.95 2.03 23.31
N LEU D 72 30.71 2.79 22.25
CA LEU D 72 30.37 2.18 20.97
C LEU D 72 31.40 1.12 20.60
N GLY D 73 32.69 1.47 20.72
CA GLY D 73 33.74 0.50 20.43
C GLY D 73 33.63 -0.74 21.29
N GLU D 74 33.65 -0.55 22.62
CA GLU D 74 33.48 -1.68 23.51
C GLU D 74 32.20 -2.42 23.22
N LEU D 75 31.14 -1.70 22.82
CA LEU D 75 29.90 -2.36 22.47
C LEU D 75 30.09 -3.30 21.27
N TYR D 76 30.83 -2.87 20.25
CA TYR D 76 31.15 -3.82 19.17
C TYR D 76 31.93 -4.99 19.71
N GLU D 77 32.85 -4.73 20.64
CA GLU D 77 33.66 -5.81 21.20
C GLU D 77 32.78 -6.88 21.84
N TYR D 78 31.93 -6.45 22.77
CA TYR D 78 31.09 -7.38 23.50
C TYR D 78 30.19 -8.18 22.54
N VAL D 79 29.53 -7.48 21.60
CA VAL D 79 28.58 -8.15 20.73
C VAL D 79 29.29 -9.10 19.78
N GLU D 80 30.41 -8.66 19.20
CA GLU D 80 31.21 -9.59 18.40
C GLU D 80 31.57 -10.84 19.19
N THR D 81 31.92 -10.65 20.47
CA THR D 81 32.35 -11.77 21.30
C THR D 81 31.20 -12.72 21.60
N TYR D 82 30.05 -12.16 22.03
CA TYR D 82 28.89 -13.02 22.24
C TYR D 82 28.43 -13.67 20.93
N ALA D 83 28.59 -12.96 19.80
CA ALA D 83 28.12 -13.48 18.52
C ALA D 83 29.00 -14.62 18.02
N GLY D 84 30.33 -14.49 18.17
CA GLY D 84 31.20 -15.62 17.89
C GLY D 84 30.94 -16.80 18.80
N PHE D 85 30.72 -16.52 20.09
CA PHE D 85 30.45 -17.60 21.04
C PHE D 85 29.24 -18.41 20.61
N TYR D 86 28.13 -17.73 20.33
CA TYR D 86 26.91 -18.44 19.97
C TYR D 86 27.02 -19.10 18.61
N HIS D 87 27.93 -18.62 17.76
CA HIS D 87 28.19 -19.34 16.51
C HIS D 87 28.87 -20.66 16.81
N GLY D 88 29.96 -20.63 17.61
CA GLY D 88 30.62 -21.85 18.01
C GLY D 88 29.72 -22.88 18.67
N LYS D 89 28.64 -22.46 19.30
CA LYS D 89 27.71 -23.38 19.91
C LYS D 89 26.68 -23.90 18.94
N GLY D 90 26.87 -23.67 17.64
CA GLY D 90 25.97 -24.20 16.63
C GLY D 90 24.78 -23.35 16.26
N ILE D 91 24.66 -22.14 16.81
CA ILE D 91 23.48 -21.33 16.53
C ILE D 91 23.56 -20.77 15.11
N ARG D 92 22.50 -20.97 14.36
CA ARG D 92 22.41 -20.52 12.97
C ARG D 92 21.23 -19.56 12.85
N PRO D 93 21.07 -18.85 11.73
CA PRO D 93 19.85 -18.04 11.56
C PRO D 93 18.59 -18.87 11.78
N ARG D 94 17.52 -18.20 12.22
CA ARG D 94 16.24 -18.77 12.60
C ARG D 94 16.30 -19.71 13.79
N ASP D 95 17.42 -19.82 14.47
CA ASP D 95 17.46 -20.61 15.70
C ASP D 95 17.09 -19.73 16.87
N VAL D 96 16.36 -20.32 17.82
CA VAL D 96 15.82 -19.57 18.95
C VAL D 96 16.67 -19.89 20.18
N VAL D 97 17.10 -18.83 20.88
CA VAL D 97 18.01 -18.94 22.01
C VAL D 97 17.40 -18.18 23.18
N GLY D 98 17.09 -18.89 24.27
CA GLY D 98 16.46 -18.25 25.43
C GLY D 98 17.40 -17.31 26.16
N VAL D 99 16.81 -16.25 26.74
CA VAL D 99 17.55 -15.27 27.53
C VAL D 99 16.75 -15.03 28.80
N LEU D 100 17.29 -15.48 29.94
CA LEU D 100 16.59 -15.54 31.22
C LEU D 100 17.48 -14.91 32.29
N THR D 101 17.24 -13.62 32.57
CA THR D 101 18.07 -12.86 33.48
C THR D 101 17.29 -11.69 34.05
N ALA D 102 17.81 -11.13 35.13
CA ALA D 102 17.27 -9.91 35.68
C ALA D 102 17.96 -8.66 35.15
N SER D 103 19.11 -8.82 34.49
CA SER D 103 19.87 -7.66 34.04
C SER D 103 19.28 -7.09 32.77
N SER D 104 19.03 -5.78 32.77
CA SER D 104 18.66 -5.11 31.52
C SER D 104 19.84 -5.06 30.56
N THR D 105 21.04 -4.84 31.08
CA THR D 105 22.22 -4.78 30.21
C THR D 105 22.53 -6.14 29.61
N GLU D 106 22.40 -7.21 30.38
CA GLU D 106 22.67 -8.52 29.82
C GLU D 106 21.62 -8.86 28.76
N PHE D 107 20.38 -8.43 28.99
CA PHE D 107 19.36 -8.55 27.96
C PHE D 107 19.83 -7.89 26.67
N ALA D 108 20.27 -6.64 26.78
CA ALA D 108 20.71 -5.86 25.63
C ALA D 108 21.77 -6.60 24.82
N ILE D 109 22.83 -7.05 25.48
CA ILE D 109 23.97 -7.63 24.77
C ILE D 109 23.58 -8.91 24.04
N ASN D 110 22.84 -9.80 24.71
CA ASN D 110 22.49 -11.06 24.06
C ASN D 110 21.45 -10.83 22.96
N PHE D 111 20.57 -9.84 23.16
CA PHE D 111 19.65 -9.41 22.11
C PHE D 111 20.41 -9.03 20.85
N MET D 112 21.38 -8.13 20.98
CA MET D 112 22.10 -7.66 19.80
C MET D 112 22.95 -8.75 19.16
N ALA D 113 23.60 -9.60 19.97
CA ALA D 113 24.49 -10.63 19.43
C ALA D 113 23.71 -11.69 18.66
N ILE D 114 22.69 -12.26 19.31
CA ILE D 114 21.89 -13.33 18.69
C ILE D 114 21.27 -12.87 17.37
N ASN D 115 20.70 -11.65 17.36
CA ASN D 115 20.31 -10.92 16.14
C ASN D 115 21.40 -10.99 15.09
N SER D 116 22.57 -10.43 15.42
CA SER D 116 23.66 -10.31 14.46
C SER D 116 24.00 -11.65 13.82
N LEU D 117 23.53 -12.75 14.38
CA LEU D 117 23.70 -14.08 13.82
C LEU D 117 22.55 -14.50 12.91
N GLY D 118 21.52 -13.68 12.80
CA GLY D 118 20.29 -14.10 12.18
C GLY D 118 19.35 -14.85 13.09
N ALA D 119 19.79 -15.22 14.29
CA ALA D 119 18.98 -15.98 15.23
C ALA D 119 18.02 -15.05 15.98
N ILE D 120 17.19 -15.69 16.79
CA ILE D 120 16.03 -15.06 17.43
C ILE D 120 16.20 -15.17 18.94
N PRO D 121 16.64 -14.12 19.62
CA PRO D 121 16.74 -14.19 21.07
C PRO D 121 15.36 -14.12 21.70
N SER D 122 15.14 -14.96 22.70
CA SER D 122 13.83 -15.14 23.31
C SER D 122 13.93 -14.75 24.77
N PHE D 123 13.32 -13.62 25.13
CA PHE D 123 13.45 -13.07 26.47
C PHE D 123 12.52 -13.79 27.43
N ALA D 124 12.95 -13.89 28.70
CA ALA D 124 12.13 -14.48 29.76
C ALA D 124 12.45 -13.81 31.09
N ASN D 125 11.40 -13.53 31.86
CA ASN D 125 11.58 -12.80 33.11
C ASN D 125 12.13 -13.70 34.20
N ALA D 126 13.18 -13.23 34.88
CA ALA D 126 13.82 -14.05 35.91
C ALA D 126 12.85 -14.47 37.00
N LYS D 127 11.87 -13.63 37.36
CA LYS D 127 11.02 -13.95 38.49
C LYS D 127 9.94 -14.97 38.17
N LEU D 128 9.83 -15.47 36.94
CA LEU D 128 8.82 -16.49 36.65
C LEU D 128 9.01 -17.73 37.54
N ARG D 129 7.92 -18.41 37.85
CA ARG D 129 8.03 -19.68 38.56
C ARG D 129 8.81 -20.67 37.69
N PRO D 130 9.69 -21.49 38.30
CA PRO D 130 10.65 -22.24 37.47
C PRO D 130 10.01 -23.22 36.51
N GLU D 131 8.91 -23.85 36.91
CA GLU D 131 8.21 -24.72 35.97
C GLU D 131 7.53 -23.91 34.86
N ILE D 132 7.12 -22.67 35.13
CA ILE D 132 6.55 -21.85 34.07
C ILE D 132 7.63 -21.44 33.08
N ALA D 133 8.74 -20.90 33.58
CA ALA D 133 9.87 -20.58 32.70
C ALA D 133 10.31 -21.79 31.88
N ARG D 134 10.40 -22.95 32.53
CA ARG D 134 10.88 -24.14 31.83
C ARG D 134 9.94 -24.51 30.69
N GLU D 135 8.64 -24.59 30.98
CA GLU D 135 7.68 -24.94 29.94
C GLU D 135 7.58 -23.83 28.89
N TYR D 136 7.71 -22.58 29.33
CA TYR D 136 7.65 -21.47 28.40
C TYR D 136 8.78 -21.55 27.36
N ILE D 137 10.01 -21.77 27.80
CA ILE D 137 11.07 -21.93 26.81
C ILE D 137 10.83 -23.19 25.98
N ARG D 138 10.29 -24.22 26.61
CA ARG D 138 10.27 -25.51 25.92
C ARG D 138 9.37 -25.46 24.69
N ARG D 139 8.26 -24.74 24.77
CA ARG D 139 7.32 -24.73 23.66
C ARG D 139 7.91 -24.08 22.41
N GLN D 140 8.88 -23.20 22.57
CA GLN D 140 9.43 -22.46 21.44
C GLN D 140 10.34 -23.31 20.57
N GLY D 141 10.82 -24.44 21.09
CA GLY D 141 11.82 -25.18 20.36
C GLY D 141 13.15 -24.46 20.32
N ALA D 142 13.54 -23.83 21.43
CA ALA D 142 14.84 -23.16 21.49
C ALA D 142 15.96 -24.17 21.28
N SER D 143 17.12 -23.64 20.92
CA SER D 143 18.31 -24.46 20.76
C SER D 143 19.16 -24.47 22.01
N GLY D 144 18.92 -23.53 22.92
CA GLY D 144 19.75 -23.36 24.09
C GLY D 144 19.27 -22.14 24.85
N ALA D 145 20.08 -21.71 25.82
CA ALA D 145 19.74 -20.50 26.53
C ALA D 145 20.97 -20.02 27.26
N VAL D 146 20.95 -18.74 27.61
CA VAL D 146 21.89 -18.13 28.54
C VAL D 146 21.04 -17.66 29.71
N THR D 147 21.59 -17.73 30.92
CA THR D 147 20.91 -17.22 32.11
C THR D 147 21.89 -16.46 32.97
N ASP D 148 21.37 -15.65 33.89
CA ASP D 148 22.25 -15.23 34.95
C ASP D 148 22.44 -16.42 35.89
N THR D 149 23.43 -16.33 36.78
CA THR D 149 23.77 -17.48 37.59
C THR D 149 22.58 -17.97 38.42
N GLU D 150 21.81 -17.04 39.03
CA GLU D 150 20.73 -17.45 39.91
C GLU D 150 19.68 -18.31 39.20
N ARG D 151 19.43 -18.06 37.92
CA ARG D 151 18.39 -18.80 37.23
C ARG D 151 18.95 -19.93 36.39
N HIS D 152 20.24 -20.24 36.55
CA HIS D 152 20.82 -21.31 35.76
C HIS D 152 20.13 -22.64 36.04
N GLU D 153 19.91 -22.94 37.32
CA GLU D 153 19.26 -24.20 37.68
C GLU D 153 17.87 -24.34 37.05
N VAL D 154 17.21 -23.23 36.70
CA VAL D 154 15.83 -23.32 36.23
C VAL D 154 15.74 -24.16 34.96
N LEU D 155 16.70 -23.98 34.06
CA LEU D 155 16.68 -24.68 32.79
C LEU D 155 17.76 -25.74 32.65
N ALA D 156 18.80 -25.70 33.49
CA ALA D 156 19.92 -26.64 33.41
C ALA D 156 19.47 -28.08 33.60
N GLY D 157 20.24 -29.01 33.04
CA GLY D 157 19.98 -30.42 33.25
C GLY D 157 18.75 -30.93 32.54
N GLY D 158 18.06 -30.04 31.84
CA GLY D 158 16.94 -30.40 30.99
C GLY D 158 17.41 -30.83 29.62
N GLU D 159 16.54 -30.63 28.63
CA GLU D 159 16.78 -31.03 27.25
C GLU D 159 17.30 -29.90 26.37
N LEU D 160 17.58 -28.73 26.92
CA LEU D 160 18.16 -27.66 26.12
C LEU D 160 19.59 -28.02 25.73
N GLY D 161 19.90 -27.95 24.45
CA GLY D 161 21.23 -28.29 23.96
C GLY D 161 22.34 -27.50 24.62
N PHE D 162 22.03 -26.37 25.24
CA PHE D 162 22.98 -25.74 26.16
C PHE D 162 22.22 -24.81 27.06
N VAL D 163 22.81 -24.56 28.23
CA VAL D 163 22.35 -23.55 29.20
C VAL D 163 23.61 -22.94 29.78
N VAL D 164 23.93 -21.71 29.38
CA VAL D 164 25.22 -21.13 29.73
C VAL D 164 25.03 -19.85 30.51
N THR D 165 26.13 -19.18 30.90
CA THR D 165 26.04 -17.90 31.59
C THR D 165 27.13 -16.95 31.08
N ALA D 166 27.03 -15.69 31.51
CA ALA D 166 28.00 -14.69 31.10
C ALA D 166 29.41 -15.13 31.40
N GLU D 167 29.59 -15.97 32.41
CA GLU D 167 30.90 -16.49 32.77
C GLU D 167 31.47 -17.39 31.69
N ASP D 168 30.61 -18.15 31.00
CA ASP D 168 31.06 -19.13 30.01
C ASP D 168 31.64 -18.49 28.76
N ILE D 169 31.49 -17.18 28.58
CA ILE D 169 31.87 -16.49 27.35
C ILE D 169 33.17 -15.75 27.62
N ARG D 170 34.22 -16.16 26.91
CA ARG D 170 35.56 -15.65 27.09
C ARG D 170 36.01 -14.88 25.85
N PRO D 171 36.87 -13.88 26.03
CA PRO D 171 37.32 -13.05 24.89
C PRO D 171 37.82 -13.84 23.68
N GLU D 172 38.39 -15.03 23.87
CA GLU D 172 38.84 -15.77 22.69
C GLU D 172 37.66 -16.21 21.82
N HIS D 173 36.45 -16.27 22.37
CA HIS D 173 35.30 -16.65 21.55
C HIS D 173 35.06 -15.65 20.43
N ARG D 174 35.58 -14.43 20.55
CA ARG D 174 35.39 -13.42 19.52
C ARG D 174 35.95 -13.85 18.17
N ALA D 175 37.05 -14.60 18.17
CA ALA D 175 37.62 -15.06 16.91
C ALA D 175 36.80 -16.18 16.26
N GLN D 176 35.74 -16.68 16.90
CA GLN D 176 34.87 -17.63 16.22
C GLN D 176 33.85 -16.95 15.31
N LEU D 177 33.90 -15.62 15.22
CA LEU D 177 32.91 -14.87 14.46
C LEU D 177 32.82 -15.41 13.03
N PRO D 178 31.62 -15.60 12.48
CA PRO D 178 31.50 -16.20 11.15
C PRO D 178 31.87 -15.23 10.05
N GLN D 179 32.30 -15.81 8.94
CA GLN D 179 32.61 -15.03 7.74
C GLN D 179 31.31 -14.61 7.05
N GLY D 180 31.17 -13.31 6.81
CA GLY D 180 29.92 -12.75 6.37
C GLY D 180 29.15 -12.01 7.44
N TRP D 181 29.50 -12.20 8.70
CA TRP D 181 28.87 -11.47 9.79
C TRP D 181 28.97 -9.97 9.53
N PRO D 182 27.92 -9.18 9.83
CA PRO D 182 26.67 -9.52 10.51
C PRO D 182 25.55 -9.93 9.59
N TYR D 183 24.41 -10.32 10.15
CA TYR D 183 23.31 -10.79 9.34
C TYR D 183 22.65 -9.63 8.61
N ARG D 184 22.03 -9.94 7.47
CA ARG D 184 21.34 -8.96 6.61
C ARG D 184 19.86 -9.31 6.71
N HIS D 185 19.20 -8.71 7.69
CA HIS D 185 17.79 -9.04 7.95
C HIS D 185 16.88 -8.54 6.84
N ASP D 186 15.88 -9.28 6.60
CA ASP D 186 14.72 -8.82 5.86
C ASP D 186 13.69 -8.22 6.81
N PRO D 187 12.88 -7.24 6.37
CA PRO D 187 11.91 -6.61 7.29
C PRO D 187 11.09 -7.58 8.09
N THR D 188 10.61 -8.64 7.46
CA THR D 188 9.75 -9.65 8.05
C THR D 188 10.51 -10.72 8.87
N ASP D 189 11.82 -10.57 9.09
CA ASP D 189 12.60 -11.58 9.79
C ASP D 189 12.55 -11.39 11.30
N PRO D 190 12.28 -12.44 12.08
CA PRO D 190 12.22 -12.28 13.54
C PRO D 190 13.56 -11.86 14.13
N ILE D 191 13.49 -10.90 15.05
CA ILE D 191 14.68 -10.42 15.76
C ILE D 191 14.50 -10.41 17.28
N ILE D 192 13.34 -10.83 17.80
CA ILE D 192 13.15 -11.01 19.24
C ILE D 192 11.89 -11.83 19.46
N ILE D 193 11.88 -12.61 20.53
CA ILE D 193 10.64 -13.07 21.13
C ILE D 193 10.63 -12.50 22.55
N SER D 194 9.44 -12.29 23.08
CA SER D 194 9.32 -11.78 24.45
C SER D 194 7.88 -12.03 24.87
N HIS D 195 7.64 -12.19 26.17
CA HIS D 195 6.34 -12.68 26.59
C HIS D 195 5.44 -11.58 27.13
N SER D 196 4.13 -11.85 27.07
CA SER D 196 3.14 -11.07 27.78
C SER D 196 3.31 -11.26 29.29
N SER D 197 2.71 -10.34 30.06
CA SER D 197 3.01 -10.24 31.49
C SER D 197 2.56 -11.46 32.28
N GLY D 198 1.56 -12.18 31.78
CA GLY D 198 0.99 -13.29 32.52
C GLY D 198 -0.25 -12.93 33.30
N THR D 199 -0.67 -11.66 33.28
CA THR D 199 -1.80 -11.23 34.10
C THR D 199 -3.05 -12.06 33.85
N THR D 200 -3.24 -12.57 32.63
CA THR D 200 -4.47 -13.31 32.32
C THR D 200 -4.21 -14.73 31.82
N GLY D 201 -3.07 -15.32 32.18
CA GLY D 201 -2.80 -16.71 31.82
C GLY D 201 -1.31 -16.96 31.64
N MET D 202 -1.00 -18.13 31.07
CA MET D 202 0.39 -18.50 30.78
C MET D 202 1.04 -17.42 29.92
N PRO D 203 2.30 -17.09 30.16
CA PRO D 203 2.98 -16.14 29.27
C PRO D 203 2.87 -16.54 27.81
N LYS D 204 2.29 -15.67 26.98
CA LYS D 204 2.24 -15.91 25.53
C LYS D 204 3.50 -15.33 24.90
N ALA D 205 4.07 -16.10 23.97
CA ALA D 205 5.34 -15.71 23.34
C ALA D 205 5.07 -14.88 22.09
N VAL D 206 5.57 -13.65 22.08
CA VAL D 206 5.27 -12.67 21.05
C VAL D 206 6.54 -12.40 20.22
N PRO D 207 6.54 -12.71 18.92
CA PRO D 207 7.68 -12.39 18.06
C PRO D 207 7.56 -11.01 17.45
N HIS D 208 8.72 -10.42 17.15
CA HIS D 208 8.76 -9.12 16.50
C HIS D 208 9.91 -9.09 15.51
N THR D 209 9.66 -8.45 14.36
CA THR D 209 10.55 -8.54 13.23
C THR D 209 11.46 -7.33 13.15
N HIS D 210 12.38 -7.41 12.18
CA HIS D 210 13.33 -6.35 11.86
C HIS D 210 12.64 -5.01 11.77
N GLN D 211 11.42 -5.02 11.24
CA GLN D 211 10.64 -3.84 10.92
C GLN D 211 9.72 -3.43 12.07
N THR D 212 8.89 -4.36 12.56
CA THR D 212 7.84 -4.03 13.53
C THR D 212 8.40 -3.36 14.78
N LEU D 213 9.55 -3.78 15.28
CA LEU D 213 9.98 -3.28 16.57
C LEU D 213 10.54 -1.88 16.52
N LEU D 214 10.98 -1.43 15.35
CA LEU D 214 11.46 -0.06 15.23
C LEU D 214 10.57 0.80 14.33
N TYR D 215 9.39 0.32 13.96
CA TYR D 215 8.58 1.06 13.01
C TYR D 215 8.15 2.40 13.59
N ALA D 216 7.66 2.42 14.82
CA ALA D 216 7.21 3.68 15.39
C ALA D 216 8.37 4.65 15.54
N GLN D 217 9.56 4.14 15.91
CA GLN D 217 10.69 5.03 16.17
C GLN D 217 11.24 5.62 14.89
N LEU D 218 11.44 4.78 13.86
CA LEU D 218 11.86 5.27 12.56
C LEU D 218 10.83 6.22 11.95
N HIS D 219 9.56 6.05 12.32
CA HIS D 219 8.50 6.93 11.83
C HIS D 219 8.61 8.30 12.45
N ARG D 220 8.91 8.38 13.74
CA ARG D 220 9.20 9.67 14.37
C ARG D 220 10.46 10.31 13.80
N LEU D 221 11.43 9.50 13.38
CA LEU D 221 12.63 10.08 12.81
C LEU D 221 12.37 10.66 11.44
N LYS D 222 11.26 10.31 10.82
CA LYS D 222 10.89 10.91 9.55
C LYS D 222 10.12 12.21 9.71
N LEU D 223 9.85 12.64 10.94
CA LEU D 223 9.23 13.94 11.16
C LEU D 223 10.06 14.85 12.06
N SER D 224 10.06 14.63 13.38
CA SER D 224 10.56 15.72 14.23
C SER D 224 11.03 15.34 15.64
N VAL D 225 10.62 14.16 16.15
CA VAL D 225 10.93 13.66 17.50
C VAL D 225 10.79 14.72 18.60
N GLY D 226 11.76 14.76 19.51
CA GLY D 226 11.86 15.81 20.51
C GLY D 226 13.25 15.87 21.10
N GLY D 227 13.66 17.06 21.52
CA GLY D 227 14.91 17.25 22.26
C GLY D 227 14.86 16.85 23.72
N SER D 228 13.68 16.49 24.21
CA SER D 228 13.52 15.80 25.48
C SER D 228 14.13 14.40 25.44
N MET D 229 14.56 13.95 24.27
CA MET D 229 15.20 12.66 24.09
C MET D 229 16.70 12.73 24.31
N GLY D 230 17.16 13.56 25.25
CA GLY D 230 18.57 13.79 25.46
C GLY D 230 19.26 12.75 26.32
N ARG D 231 18.64 12.38 27.45
CA ARG D 231 19.14 11.31 28.30
C ARG D 231 17.95 10.49 28.73
N LEU D 232 17.96 9.21 28.42
CA LEU D 232 16.80 8.38 28.71
C LEU D 232 17.17 7.35 29.77
N LEU D 233 16.53 7.45 30.95
CA LEU D 233 16.54 6.35 31.91
C LEU D 233 15.49 5.32 31.49
N VAL D 234 15.93 4.10 31.18
CA VAL D 234 15.05 3.05 30.67
C VAL D 234 14.77 2.10 31.83
N ALA D 235 13.75 2.41 32.63
CA ALA D 235 13.35 1.54 33.73
C ALA D 235 12.15 0.68 33.38
N LEU D 236 12.03 0.31 32.11
CA LEU D 236 11.11 -0.73 31.70
C LEU D 236 11.69 -2.09 32.08
N PRO D 237 10.84 -3.09 32.26
CA PRO D 237 11.35 -4.45 32.50
C PRO D 237 12.19 -4.90 31.32
N GLY D 238 13.48 -5.15 31.57
CA GLY D 238 14.42 -5.59 30.55
C GLY D 238 13.95 -6.77 29.73
N ASN D 239 13.07 -7.62 30.29
CA ASN D 239 12.62 -8.76 29.48
C ASN D 239 11.64 -8.35 28.40
N HIS D 240 11.05 -7.17 28.52
CA HIS D 240 9.98 -6.70 27.66
C HIS D 240 10.55 -5.92 26.48
N ASN D 241 9.99 -6.18 25.28
CA ASN D 241 10.64 -5.70 24.05
C ASN D 241 10.77 -4.19 24.03
N ALA D 242 9.90 -3.47 24.75
CA ALA D 242 9.95 -2.01 24.75
C ALA D 242 11.24 -1.47 25.36
N ALA D 243 11.90 -2.22 26.24
CA ALA D 243 13.19 -1.75 26.74
C ALA D 243 14.24 -1.75 25.63
N MET D 244 14.25 -2.79 24.81
CA MET D 244 15.19 -2.83 23.70
C MET D 244 14.83 -1.78 22.65
N SER D 245 13.53 -1.57 22.42
CA SER D 245 13.06 -0.52 21.53
C SER D 245 13.63 0.83 21.92
N VAL D 246 13.31 1.27 23.13
CA VAL D 246 13.84 2.54 23.61
C VAL D 246 15.35 2.58 23.46
N MET D 247 16.04 1.53 23.94
CA MET D 247 17.49 1.53 23.90
C MET D 247 18.03 1.76 22.49
N MET D 248 17.44 1.11 21.49
CA MET D 248 17.93 1.31 20.12
C MET D 248 17.58 2.70 19.60
N PHE D 249 16.37 3.20 19.90
CA PHE D 249 16.05 4.57 19.57
C PHE D 249 17.11 5.50 20.15
N GLY D 250 17.50 5.26 21.41
CA GLY D 250 18.47 6.12 22.05
C GLY D 250 19.84 6.01 21.41
N LEU D 251 20.21 4.81 20.99
CA LEU D 251 21.48 4.65 20.33
C LEU D 251 21.51 5.41 19.01
N LEU D 252 20.40 5.35 18.26
CA LEU D 252 20.27 6.09 17.01
C LEU D 252 20.46 7.59 17.22
N LEU D 253 19.73 8.15 18.18
CA LEU D 253 19.75 9.59 18.43
C LEU D 253 21.09 10.08 18.96
N ASP D 254 22.04 9.18 19.23
CA ASP D 254 23.28 9.50 19.92
C ASP D 254 22.99 10.24 21.22
N SER D 255 22.05 9.70 21.97
CA SER D 255 21.78 10.22 23.29
C SER D 255 21.95 9.12 24.34
N PRO D 256 22.46 9.48 25.52
CA PRO D 256 22.78 8.47 26.54
C PRO D 256 21.59 7.65 26.98
N VAL D 257 21.76 6.34 26.95
CA VAL D 257 20.79 5.38 27.46
C VAL D 257 21.35 4.75 28.72
N TYR D 258 20.63 4.87 29.84
CA TYR D 258 20.89 4.15 31.07
C TYR D 258 19.90 3.00 31.20
N LEU D 259 20.42 1.79 31.41
CA LEU D 259 19.64 0.55 31.40
C LEU D 259 19.44 0.05 32.83
N GLN D 260 18.38 0.53 33.50
CA GLN D 260 18.10 0.19 34.89
C GLN D 260 17.25 -1.08 34.98
N SER D 261 17.77 -2.10 35.66
CA SER D 261 17.06 -3.38 35.74
C SER D 261 15.93 -3.30 36.74
N SER D 262 16.24 -2.98 38.00
CA SER D 262 15.24 -2.89 39.04
C SER D 262 14.14 -1.91 38.68
N GLN D 263 12.95 -2.41 38.38
CA GLN D 263 11.83 -1.53 38.11
C GLN D 263 11.12 -1.14 39.40
N ARG D 264 11.87 -0.90 40.47
CA ARG D 264 11.31 -0.75 41.81
C ARG D 264 10.77 0.66 42.01
N GLY D 265 11.41 1.44 42.86
CA GLY D 265 10.83 2.72 43.17
C GLY D 265 11.97 3.58 43.62
N SER D 266 12.45 3.33 44.84
CA SER D 266 13.64 4.01 45.29
C SER D 266 14.79 3.74 44.36
N ASP D 267 14.90 2.50 43.87
CA ASP D 267 15.98 2.14 42.97
C ASP D 267 15.97 3.02 41.73
N VAL D 268 14.79 3.22 41.15
CA VAL D 268 14.69 4.06 39.96
C VAL D 268 14.96 5.52 40.31
N LEU D 269 14.37 6.01 41.40
CA LEU D 269 14.69 7.35 41.89
C LEU D 269 16.18 7.50 42.18
N ASP D 270 16.80 6.50 42.79
CA ASP D 270 18.25 6.52 42.94
C ASP D 270 18.92 6.78 41.61
N ALA D 271 18.57 5.97 40.62
CA ALA D 271 19.19 6.07 39.30
C ALA D 271 18.94 7.44 38.68
N ILE D 272 17.73 7.98 38.88
CA ILE D 272 17.44 9.35 38.44
C ILE D 272 18.44 10.32 39.06
N GLU D 273 18.58 10.30 40.38
CA GLU D 273 19.52 11.21 41.03
C GLU D 273 20.93 11.06 40.46
N LYS D 274 21.30 9.84 40.07
CA LYS D 274 22.66 9.58 39.59
C LYS D 274 22.82 9.95 38.12
N PHE D 275 22.02 9.35 37.23
CA PHE D 275 22.16 9.51 35.80
C PHE D 275 21.57 10.84 35.29
N LYS D 276 20.66 11.45 36.05
CA LYS D 276 20.04 12.74 35.72
C LYS D 276 19.40 12.70 34.33
N PRO D 277 18.37 11.89 34.12
CA PRO D 277 17.78 11.77 32.79
C PRO D 277 16.79 12.89 32.48
N THR D 278 16.58 13.12 31.17
CA THR D 278 15.51 14.03 30.74
C THR D 278 14.19 13.29 30.55
N THR D 279 14.24 12.06 30.07
CA THR D 279 13.06 11.23 29.86
C THR D 279 13.23 9.92 30.60
N VAL D 280 12.23 9.56 31.39
CA VAL D 280 12.18 8.28 32.07
C VAL D 280 11.10 7.42 31.42
N PHE D 281 11.38 6.13 31.29
CA PHE D 281 10.46 5.15 30.72
C PHE D 281 10.19 4.11 31.80
N GLY D 282 8.92 3.77 32.02
CA GLY D 282 8.61 2.84 33.10
C GLY D 282 7.24 2.24 32.96
N PHE D 283 7.02 1.15 33.68
CA PHE D 283 5.67 0.67 33.83
C PHE D 283 4.98 1.41 34.97
N SER D 284 3.66 1.28 35.04
CA SER D 284 2.88 2.11 35.95
C SER D 284 3.24 1.86 37.41
N GLY D 285 3.67 0.63 37.74
CA GLY D 285 4.07 0.35 39.10
C GLY D 285 5.14 1.29 39.61
N THR D 286 6.26 1.37 38.90
CA THR D 286 7.34 2.28 39.26
C THR D 286 6.80 3.67 39.57
N TYR D 287 6.07 4.24 38.60
CA TYR D 287 5.60 5.62 38.73
C TYR D 287 4.66 5.78 39.92
N GLY D 288 3.86 4.76 40.23
CA GLY D 288 3.01 4.82 41.41
C GLY D 288 3.80 4.96 42.69
N GLN D 289 4.82 4.10 42.87
CA GLN D 289 5.65 4.16 44.07
C GLN D 289 6.46 5.46 44.14
N ILE D 290 6.87 6.00 42.99
CA ILE D 290 7.56 7.28 43.00
C ILE D 290 6.60 8.39 43.40
N ALA D 291 5.36 8.34 42.90
CA ALA D 291 4.41 9.40 43.16
C ALA D 291 4.00 9.49 44.62
N THR D 292 4.26 8.44 45.41
CA THR D 292 3.79 8.35 46.78
C THR D 292 4.93 8.25 47.79
N SER D 293 6.14 8.62 47.43
CA SER D 293 7.26 8.67 48.36
C SER D 293 7.63 10.12 48.63
N ASP D 294 8.57 10.31 49.56
CA ASP D 294 9.05 11.65 49.87
C ASP D 294 9.94 12.12 48.73
N LEU D 295 9.44 13.10 47.96
CA LEU D 295 10.19 13.69 46.85
C LEU D 295 10.84 15.01 47.22
N SER D 296 10.50 15.60 48.36
CA SER D 296 11.14 16.83 48.81
C SER D 296 12.65 16.64 48.93
N THR D 297 13.07 15.49 49.42
CA THR D 297 14.49 15.19 49.58
C THR D 297 15.16 14.89 48.24
N ARG D 298 14.38 14.60 47.21
CA ARG D 298 14.88 14.07 45.94
C ARG D 298 15.14 15.17 44.92
N ASP D 299 16.16 14.95 44.06
CA ASP D 299 16.51 15.87 42.97
C ASP D 299 16.05 15.30 41.63
N MET D 300 14.88 15.72 41.18
CA MET D 300 14.28 15.25 39.94
C MET D 300 14.24 16.36 38.91
N SER D 301 15.26 17.20 38.89
CA SER D 301 15.19 18.40 38.07
C SER D 301 15.73 18.19 36.65
N SER D 302 16.37 17.07 36.37
CA SER D 302 16.72 16.79 34.98
C SER D 302 15.52 16.40 34.14
N ILE D 303 14.44 15.98 34.78
CA ILE D 303 13.30 15.37 34.09
C ILE D 303 12.50 16.43 33.36
N GLU D 304 12.32 16.23 32.06
CA GLU D 304 11.36 16.98 31.28
C GLU D 304 10.14 16.15 30.93
N ALA D 305 10.19 14.84 31.14
CA ALA D 305 9.21 13.94 30.56
C ALA D 305 9.27 12.59 31.27
N TYR D 306 8.12 11.95 31.45
CA TYR D 306 8.07 10.53 31.76
C TYR D 306 7.21 9.85 30.71
N TYR D 307 7.51 8.58 30.44
CA TYR D 307 6.70 7.73 29.57
C TYR D 307 6.27 6.50 30.36
N ASN D 308 5.01 6.15 30.26
CA ASN D 308 4.48 4.99 30.96
C ASN D 308 3.70 4.13 29.98
N THR D 309 3.78 2.79 30.14
CA THR D 309 3.04 1.95 29.21
C THR D 309 2.66 0.57 29.73
N GLY D 310 2.91 0.23 30.98
CA GLY D 310 2.61 -1.16 31.26
C GLY D 310 1.17 -1.43 31.67
N ASP D 311 0.62 -0.48 32.41
CA ASP D 311 -0.57 -0.69 33.22
C ASP D 311 -1.17 0.68 33.42
N ALA D 312 -2.42 0.70 33.88
CA ALA D 312 -3.15 1.96 34.05
C ALA D 312 -2.36 2.99 34.85
N ALA D 313 -2.06 4.12 34.21
CA ALA D 313 -1.59 5.30 34.93
C ALA D 313 -2.77 6.01 35.58
N HIS D 314 -2.61 6.39 36.84
CA HIS D 314 -3.69 6.98 37.61
C HIS D 314 -3.46 8.47 37.80
N GLU D 315 -4.55 9.24 37.75
CA GLU D 315 -4.47 10.70 37.88
C GLU D 315 -3.71 11.14 39.12
N ALA D 316 -3.94 10.48 40.26
CA ALA D 316 -3.32 10.91 41.50
C ALA D 316 -1.80 10.79 41.47
N HIS D 317 -1.26 9.89 40.64
CA HIS D 317 0.18 9.78 40.54
C HIS D 317 0.77 10.76 39.54
N ILE D 318 0.11 10.89 38.38
CA ILE D 318 0.56 11.81 37.32
C ILE D 318 0.69 13.22 37.86
N ARG D 319 -0.32 13.66 38.62
CA ARG D 319 -0.35 15.01 39.18
C ARG D 319 0.85 15.28 40.10
N VAL D 320 1.22 14.30 40.92
CA VAL D 320 2.45 14.43 41.69
C VAL D 320 3.65 14.52 40.76
N LEU D 321 3.62 13.76 39.66
CA LEU D 321 4.81 13.56 38.85
C LEU D 321 5.03 14.72 37.88
N VAL D 322 3.96 15.28 37.31
CA VAL D 322 4.11 16.42 36.41
C VAL D 322 4.62 17.66 37.13
N ALA D 323 4.56 17.69 38.47
CA ALA D 323 5.03 18.84 39.25
C ALA D 323 6.55 18.98 39.21
N GLN D 324 7.28 17.87 39.11
CA GLN D 324 8.74 17.91 39.16
C GLN D 324 9.33 18.27 37.80
N GLY D 325 10.54 18.86 37.85
CA GLY D 325 11.27 19.28 36.65
C GLY D 325 10.67 20.48 35.91
N SER D 326 11.20 20.69 34.70
CA SER D 326 10.75 21.74 33.80
C SER D 326 10.69 21.20 32.38
N HIS D 327 10.01 21.93 31.50
CA HIS D 327 9.90 21.54 30.10
C HIS D 327 9.68 22.77 29.23
N GLU D 328 10.12 22.69 27.97
CA GLU D 328 10.00 23.81 27.04
C GLU D 328 8.62 23.88 26.41
N GLU D 329 8.04 25.07 26.37
CA GLU D 329 6.85 25.37 25.59
C GLU D 329 7.19 26.41 24.52
N ILE D 330 6.27 26.64 23.59
CA ILE D 330 6.48 27.62 22.54
C ILE D 330 5.89 28.94 23.00
N GLY D 331 6.76 29.90 23.36
CA GLY D 331 6.33 31.16 23.89
C GLY D 331 5.73 32.07 22.82
N PRO D 332 5.28 33.26 23.24
CA PRO D 332 4.48 34.10 22.34
C PRO D 332 5.26 34.65 21.16
N ASP D 333 6.58 34.66 21.23
CA ASP D 333 7.41 35.04 20.11
C ASP D 333 7.74 33.87 19.20
N PHE D 334 7.04 32.74 19.35
CA PHE D 334 7.27 31.53 18.55
C PHE D 334 8.71 31.04 18.70
N LYS D 335 9.25 31.17 19.91
CA LYS D 335 10.53 30.66 20.34
C LYS D 335 10.34 29.88 21.62
N PRO D 336 11.23 28.94 21.93
CA PRO D 336 11.03 28.11 23.13
C PRO D 336 11.26 28.89 24.41
N VAL D 337 10.43 28.59 25.40
CA VAL D 337 10.56 29.09 26.76
C VAL D 337 10.42 27.91 27.72
N ARG D 338 11.25 27.89 28.75
CA ARG D 338 11.25 26.79 29.71
C ARG D 338 10.32 27.14 30.88
N VAL D 339 9.21 26.42 30.99
CA VAL D 339 8.22 26.60 32.05
C VAL D 339 8.38 25.44 33.04
N PRO D 340 7.79 25.48 34.23
CA PRO D 340 8.01 24.40 35.19
C PRO D 340 6.99 23.29 35.04
N GLY D 341 7.41 22.10 35.45
CA GLY D 341 6.64 20.89 35.27
C GLY D 341 7.14 20.07 34.10
N SER D 342 6.77 18.80 34.10
CA SER D 342 7.18 17.87 33.06
C SER D 342 5.92 17.26 32.45
N VAL D 343 6.10 16.54 31.33
CA VAL D 343 4.98 15.93 30.60
C VAL D 343 5.01 14.42 30.78
N PHE D 344 3.89 13.87 31.25
CA PHE D 344 3.72 12.46 31.50
C PHE D 344 2.81 11.92 30.41
N THR D 345 3.29 10.97 29.63
CA THR D 345 2.54 10.43 28.52
C THR D 345 2.13 8.99 28.83
N ASP D 346 0.83 8.76 29.02
CA ASP D 346 0.32 7.42 29.22
C ASP D 346 0.10 6.75 27.86
N GLY D 347 0.84 5.67 27.59
CA GLY D 347 0.72 5.01 26.31
C GLY D 347 0.17 3.60 26.44
N LEU D 348 -1.00 3.32 25.87
CA LEU D 348 -1.59 1.99 26.02
C LEU D 348 -1.06 1.10 24.91
N GLY D 349 -0.13 0.23 25.27
CA GLY D 349 0.42 -0.71 24.33
C GLY D 349 0.20 -2.15 24.73
N SER D 350 1.00 -3.05 24.17
CA SER D 350 1.02 -4.45 24.51
C SER D 350 2.32 -5.01 23.97
N SER D 351 2.81 -6.08 24.60
CA SER D 351 3.93 -6.78 23.99
C SER D 351 3.63 -7.06 22.53
N GLU D 352 2.37 -7.40 22.19
CA GLU D 352 1.99 -7.67 20.80
C GLU D 352 2.06 -6.43 19.91
N THR D 353 1.70 -5.25 20.41
CA THR D 353 1.58 -4.09 19.53
C THR D 353 2.91 -3.40 19.28
N GLY D 354 4.00 -3.87 19.87
CA GLY D 354 5.29 -3.31 19.51
C GLY D 354 5.60 -2.04 20.25
N TYR D 355 4.79 -1.01 20.03
CA TYR D 355 4.86 0.23 20.76
C TYR D 355 3.47 0.49 21.33
N SER D 356 3.38 1.49 22.20
CA SER D 356 2.06 1.93 22.62
C SER D 356 1.29 2.38 21.38
N ILE D 357 -0.02 2.19 21.42
CA ILE D 357 -0.85 2.61 20.30
C ILE D 357 -1.52 3.95 20.61
N PHE D 358 -2.24 4.01 21.73
CA PHE D 358 -2.86 5.26 22.17
C PHE D 358 -1.89 6.04 23.04
N HIS D 359 -2.08 7.35 23.11
CA HIS D 359 -1.26 8.19 23.97
C HIS D 359 -2.07 9.38 24.44
N ASN D 360 -1.85 9.75 25.70
CA ASN D 360 -2.46 10.92 26.30
C ASN D 360 -1.37 11.61 27.09
N GLY D 361 -1.08 12.86 26.75
CA GLY D 361 -0.04 13.63 27.42
C GLY D 361 -0.62 14.50 28.53
N HIS D 362 -0.08 14.35 29.74
CA HIS D 362 -0.44 15.18 30.87
C HIS D 362 0.74 16.05 31.25
N LYS D 363 0.50 17.35 31.38
CA LYS D 363 1.45 18.32 31.92
C LYS D 363 0.70 19.18 32.92
N PRO D 364 1.42 20.02 33.72
CA PRO D 364 0.75 20.90 34.70
C PRO D 364 -0.52 21.54 34.20
N GLY D 365 -1.60 21.39 34.97
CA GLY D 365 -2.89 21.91 34.56
C GLY D 365 -3.50 21.23 33.35
N SER D 366 -3.20 19.95 33.13
CA SER D 366 -3.99 19.14 32.20
C SER D 366 -5.19 18.58 32.94
N ALA D 367 -6.27 18.37 32.21
CA ALA D 367 -7.50 17.90 32.85
C ALA D 367 -8.08 16.67 32.16
N SER D 368 -7.31 15.98 31.34
CA SER D 368 -7.87 14.92 30.50
C SER D 368 -7.64 13.55 31.12
N PHE D 369 -8.18 13.39 32.32
CA PHE D 369 -7.99 12.15 33.04
C PHE D 369 -9.23 11.29 32.87
N GLY D 370 -9.71 10.70 33.95
CA GLY D 370 -10.92 9.89 33.84
C GLY D 370 -10.76 8.70 32.93
N ARG D 371 -9.61 8.03 32.99
CA ARG D 371 -9.30 6.86 32.16
C ARG D 371 -9.26 7.20 30.67
N CYS D 372 -9.10 8.46 30.31
CA CYS D 372 -9.01 8.81 28.91
C CYS D 372 -7.63 8.45 28.36
N ILE D 373 -7.59 7.62 27.32
CA ILE D 373 -6.30 7.23 26.74
C ILE D 373 -6.06 7.91 25.40
N GLY D 374 -6.92 8.85 25.00
CA GLY D 374 -6.63 9.66 23.83
C GLY D 374 -6.78 8.89 22.54
N LYS D 375 -6.08 9.39 21.52
CA LYS D 375 -6.33 8.94 20.16
C LYS D 375 -5.17 8.07 19.67
N PRO D 376 -5.45 7.12 18.78
CA PRO D 376 -4.39 6.25 18.27
C PRO D 376 -3.39 7.00 17.41
N MET D 377 -2.22 6.39 17.25
CA MET D 377 -1.21 7.02 16.42
C MET D 377 -1.63 7.00 14.97
N SER D 378 -1.19 8.02 14.25
CA SER D 378 -1.50 8.21 12.84
C SER D 378 -1.42 6.92 12.05
N PHE D 379 -0.44 6.06 12.36
CA PHE D 379 -0.27 4.86 11.55
C PHE D 379 -1.17 3.71 11.97
N ALA D 380 -1.79 3.77 13.14
CA ALA D 380 -2.59 2.66 13.64
C ALA D 380 -4.05 2.99 13.53
N GLN D 381 -4.89 1.98 13.73
CA GLN D 381 -6.32 2.19 13.84
C GLN D 381 -6.85 1.39 15.02
N ALA D 382 -7.93 1.90 15.60
CA ALA D 382 -8.51 1.31 16.78
C ALA D 382 -10.01 1.31 16.60
N ALA D 383 -10.70 0.60 17.49
CA ALA D 383 -12.16 0.53 17.45
C ALA D 383 -12.64 -0.09 18.76
N VAL D 384 -13.89 0.21 19.09
CA VAL D 384 -14.56 -0.43 20.22
C VAL D 384 -15.51 -1.43 19.60
N LEU D 385 -15.21 -2.72 19.70
CA LEU D 385 -15.94 -3.75 18.94
C LEU D 385 -17.08 -4.37 19.73
N SER D 386 -18.17 -4.63 19.02
CA SER D 386 -19.26 -5.44 19.56
C SER D 386 -18.77 -6.85 19.79
N GLU D 387 -19.64 -7.71 20.33
CA GLU D 387 -19.29 -9.12 20.36
C GLU D 387 -19.16 -9.73 18.97
N ASP D 388 -19.56 -9.04 17.91
CA ASP D 388 -19.54 -9.62 16.57
C ASP D 388 -18.70 -8.79 15.60
N GLY D 389 -17.70 -8.08 16.09
CA GLY D 389 -16.75 -7.43 15.20
C GLY D 389 -17.25 -6.14 14.58
N ARG D 390 -18.33 -5.58 15.09
CA ARG D 390 -18.92 -4.38 14.54
C ARG D 390 -18.57 -3.16 15.39
N PRO D 391 -18.01 -2.10 14.80
CA PRO D 391 -17.71 -0.89 15.58
C PRO D 391 -18.93 -0.41 16.33
N LEU D 392 -18.72 -0.01 17.55
CA LEU D 392 -19.82 0.43 18.39
C LEU D 392 -19.97 1.94 18.29
N PRO D 393 -21.11 2.47 18.71
CA PRO D 393 -21.28 3.92 18.70
C PRO D 393 -20.61 4.54 19.91
N ALA D 394 -20.18 5.78 19.73
CA ALA D 394 -19.57 6.51 20.84
C ALA D 394 -20.48 6.48 22.06
N GLY D 395 -19.88 6.29 23.23
CA GLY D 395 -20.61 6.14 24.46
C GLY D 395 -20.82 4.70 24.90
N GLU D 396 -20.70 3.74 23.99
CA GLU D 396 -21.00 2.35 24.33
C GLU D 396 -19.72 1.54 24.50
N VAL D 397 -19.80 0.52 25.35
CA VAL D 397 -18.64 -0.21 25.87
C VAL D 397 -18.48 -1.53 25.15
N GLY D 398 -17.29 -1.78 24.63
CA GLY D 398 -16.98 -3.00 23.92
C GLY D 398 -15.48 -3.25 23.91
N ARG D 399 -15.05 -4.11 22.99
CA ARG D 399 -13.69 -4.66 23.01
C ARG D 399 -12.76 -3.74 22.23
N LEU D 400 -11.61 -3.43 22.82
CA LEU D 400 -10.63 -2.56 22.18
C LEU D 400 -9.79 -3.36 21.21
N GLY D 401 -10.03 -3.20 19.92
CA GLY D 401 -9.23 -3.83 18.89
C GLY D 401 -8.34 -2.80 18.24
N VAL D 402 -7.13 -3.21 17.85
CA VAL D 402 -6.24 -2.30 17.13
C VAL D 402 -5.67 -3.00 15.90
N ARG D 403 -5.24 -2.16 14.96
CA ARG D 403 -4.53 -2.55 13.75
C ARG D 403 -3.28 -1.72 13.69
N SER D 404 -2.16 -2.32 13.32
CA SER D 404 -0.98 -1.46 13.29
C SER D 404 0.19 -2.10 12.55
N PRO D 405 0.90 -1.35 11.71
CA PRO D 405 2.15 -1.88 11.14
C PRO D 405 3.15 -2.30 12.21
N THR D 406 2.95 -1.96 13.49
CA THR D 406 3.88 -2.38 14.52
C THR D 406 3.44 -3.65 15.22
N LEU D 407 2.33 -4.25 14.79
CA LEU D 407 1.78 -5.43 15.46
C LEU D 407 2.63 -6.67 15.20
N THR D 408 2.62 -7.58 16.16
CA THR D 408 3.31 -8.85 15.98
C THR D 408 2.74 -9.61 14.77
N PRO D 409 3.51 -10.54 14.21
CA PRO D 409 2.93 -11.45 13.21
C PRO D 409 2.09 -12.55 13.80
N GLY D 410 2.08 -12.71 15.12
CA GLY D 410 1.26 -13.73 15.76
C GLY D 410 2.03 -14.52 16.80
N TYR D 411 1.31 -15.02 17.79
CA TYR D 411 1.95 -15.75 18.88
C TYR D 411 2.79 -16.89 18.35
N TRP D 412 4.02 -16.99 18.85
CA TRP D 412 5.01 -18.03 18.51
C TRP D 412 4.57 -19.46 18.83
N ASN D 413 4.36 -20.25 17.77
CA ASN D 413 3.90 -21.64 17.84
C ASN D 413 2.51 -21.77 18.44
N ASP D 414 1.79 -20.67 18.66
CA ASP D 414 0.40 -20.74 19.08
C ASP D 414 -0.49 -20.05 18.05
N SER D 415 -0.70 -20.69 16.91
CA SER D 415 -1.65 -20.15 15.94
C SER D 415 -3.05 -20.03 16.55
N LEU D 416 -3.46 -21.03 17.34
CA LEU D 416 -4.84 -21.13 17.79
C LEU D 416 -5.23 -19.96 18.69
N THR D 417 -4.34 -19.60 19.62
CA THR D 417 -4.59 -18.46 20.51
C THR D 417 -4.62 -17.17 19.71
N TRP D 418 -3.65 -17.00 18.80
CA TRP D 418 -3.55 -15.78 18.00
C TRP D 418 -4.84 -15.46 17.27
N HIS D 419 -5.45 -16.46 16.64
CA HIS D 419 -6.67 -16.14 15.94
C HIS D 419 -7.88 -16.11 16.87
N LYS D 420 -7.78 -16.68 18.07
CA LYS D 420 -8.87 -16.50 19.02
C LYS D 420 -8.96 -15.05 19.50
N LEU D 421 -7.83 -14.33 19.49
CA LEU D 421 -7.71 -12.97 19.98
C LEU D 421 -7.75 -11.94 18.86
N ARG D 422 -8.21 -12.33 17.68
CA ARG D 422 -8.48 -11.39 16.61
C ARG D 422 -9.97 -11.42 16.30
N LEU D 423 -10.52 -10.25 15.99
CA LEU D 423 -11.94 -10.09 15.65
C LEU D 423 -12.04 -9.00 14.59
N GLY D 424 -12.75 -9.30 13.51
CA GLY D 424 -12.97 -8.31 12.46
C GLY D 424 -11.72 -7.60 12.00
N GLY D 425 -10.61 -8.32 11.91
CA GLY D 425 -9.38 -7.77 11.40
C GLY D 425 -8.54 -7.05 12.42
N TYR D 426 -9.09 -6.76 13.60
CA TYR D 426 -8.32 -6.11 14.66
C TYR D 426 -7.77 -7.15 15.62
N TRP D 427 -6.60 -6.85 16.20
CA TRP D 427 -6.13 -7.64 17.31
C TRP D 427 -6.75 -7.13 18.61
N LEU D 428 -7.39 -8.03 19.36
CA LEU D 428 -8.03 -7.67 20.62
C LEU D 428 -6.96 -7.51 21.70
N THR D 429 -7.02 -6.38 22.41
CA THR D 429 -6.13 -6.12 23.53
C THR D 429 -6.62 -6.71 24.85
N GLY D 430 -7.85 -7.20 24.89
CA GLY D 430 -8.45 -7.74 26.09
C GLY D 430 -9.18 -6.73 26.92
N ASP D 431 -9.21 -5.47 26.51
CA ASP D 431 -9.73 -4.38 27.31
C ASP D 431 -11.13 -3.98 26.85
N LEU D 432 -11.98 -3.64 27.83
CA LEU D 432 -13.21 -2.94 27.53
C LEU D 432 -12.95 -1.44 27.45
N ALA D 433 -13.55 -0.80 26.46
CA ALA D 433 -13.33 0.62 26.25
C ALA D 433 -14.60 1.22 25.68
N MET D 434 -14.55 2.51 25.42
CA MET D 434 -15.60 3.22 24.72
C MET D 434 -14.99 4.51 24.21
N GLN D 435 -15.58 5.01 23.12
CA GLN D 435 -15.12 6.19 22.42
C GLN D 435 -16.08 7.33 22.68
N ASP D 436 -15.62 8.55 22.42
CA ASP D 436 -16.47 9.73 22.49
C ASP D 436 -16.56 10.37 21.10
N ALA D 437 -17.42 11.40 20.99
CA ALA D 437 -17.67 12.02 19.70
C ALA D 437 -16.40 12.49 19.02
N GLU D 438 -15.42 12.92 19.81
CA GLU D 438 -14.13 13.38 19.29
C GLU D 438 -13.23 12.24 18.87
N GLY D 439 -13.63 10.99 19.12
CA GLY D 439 -12.78 9.87 18.77
C GLY D 439 -11.73 9.50 19.80
N ASN D 440 -11.85 10.02 21.04
CA ASN D 440 -10.96 9.61 22.11
C ASN D 440 -11.46 8.32 22.72
N PHE D 441 -10.52 7.45 23.09
CA PHE D 441 -10.85 6.18 23.71
C PHE D 441 -10.69 6.28 25.22
N TYR D 442 -11.46 5.47 25.94
CA TYR D 442 -11.40 5.44 27.40
C TYR D 442 -11.22 4.01 27.88
N HIS D 443 -10.09 3.74 28.54
CA HIS D 443 -9.78 2.41 29.03
C HIS D 443 -10.56 2.14 30.33
N LEU D 444 -11.58 1.28 30.25
CA LEU D 444 -12.45 1.02 31.40
C LEU D 444 -11.87 -0.08 32.30
N ASP D 445 -11.59 -1.25 31.73
CA ASP D 445 -10.54 -2.14 32.23
C ASP D 445 -10.37 -3.39 31.37
N ARG D 446 -9.78 -4.43 31.94
CA ARG D 446 -9.66 -5.72 31.27
C ARG D 446 -10.98 -6.47 31.35
N ALA D 447 -11.32 -7.17 30.27
CA ALA D 447 -12.61 -7.84 30.20
C ALA D 447 -12.81 -8.92 31.26
N PRO D 448 -11.85 -9.79 31.57
CA PRO D 448 -12.07 -10.74 32.68
C PRO D 448 -12.05 -10.10 34.07
N ASP D 449 -11.71 -8.81 34.17
CA ASP D 449 -11.67 -8.10 35.43
C ASP D 449 -12.93 -7.29 35.72
N ALA D 450 -13.84 -7.19 34.75
CA ALA D 450 -15.15 -6.60 35.00
C ALA D 450 -15.87 -7.40 36.08
N ILE D 451 -16.72 -6.71 36.85
CA ILE D 451 -17.55 -7.35 37.85
C ILE D 451 -18.98 -6.94 37.60
N ARG D 452 -19.78 -7.87 37.08
CA ARG D 452 -21.22 -7.67 37.01
C ARG D 452 -21.81 -7.78 38.41
N THR D 453 -22.53 -6.76 38.88
CA THR D 453 -23.25 -6.87 40.14
C THR D 453 -24.71 -6.49 39.92
N GLU D 454 -25.52 -6.77 40.94
CA GLU D 454 -26.93 -6.40 40.87
C GLU D 454 -27.11 -4.91 40.69
N ALA D 455 -26.20 -4.10 41.25
CA ALA D 455 -26.22 -2.65 41.05
C ALA D 455 -25.88 -2.29 39.60
N GLY D 456 -24.61 -2.37 39.24
CA GLY D 456 -24.21 -2.19 37.86
C GLY D 456 -22.98 -3.01 37.55
N ILE D 457 -22.41 -2.83 36.36
CA ILE D 457 -21.12 -3.44 36.06
C ILE D 457 -20.03 -2.59 36.72
N VAL D 458 -19.34 -3.17 37.69
CA VAL D 458 -18.21 -2.50 38.33
C VAL D 458 -16.98 -2.75 37.47
N PHE D 459 -16.55 -1.72 36.73
CA PHE D 459 -15.28 -1.82 36.03
C PHE D 459 -14.17 -1.49 37.02
N SER D 460 -13.28 -2.45 37.25
CA SER D 460 -12.34 -2.33 38.36
C SER D 460 -11.43 -1.11 38.18
N THR D 461 -10.75 -1.00 37.03
CA THR D 461 -9.81 0.11 36.82
C THR D 461 -10.50 1.48 36.83
N ARG D 462 -11.73 1.54 36.31
CA ARG D 462 -12.48 2.78 36.45
C ARG D 462 -12.71 3.13 37.92
N THR D 463 -13.31 2.21 38.68
CA THR D 463 -13.49 2.39 40.12
C THR D 463 -12.20 2.76 40.84
N GLU D 464 -11.07 2.25 40.35
CA GLU D 464 -9.81 2.53 41.03
C GLU D 464 -9.34 3.97 40.75
N GLU D 465 -9.56 4.47 39.53
CA GLU D 465 -9.17 5.85 39.19
C GLU D 465 -9.96 6.86 40.00
N LEU D 466 -11.25 6.56 40.25
CA LEU D 466 -12.11 7.47 41.00
C LEU D 466 -11.74 7.49 42.49
N LEU D 467 -11.63 6.30 43.11
CA LEU D 467 -11.22 6.20 44.51
C LEU D 467 -9.82 6.79 44.76
N LEU D 468 -8.94 6.85 43.75
CA LEU D 468 -7.63 7.45 43.97
C LEU D 468 -7.66 8.95 43.71
N ALA D 469 -8.35 9.39 42.66
CA ALA D 469 -8.40 10.80 42.33
C ALA D 469 -9.11 11.59 43.40
N SER D 470 -9.90 10.92 44.23
CA SER D 470 -10.80 11.56 45.18
C SER D 470 -10.35 11.43 46.63
N LEU D 471 -9.66 10.36 46.99
CA LEU D 471 -9.32 10.07 48.39
C LEU D 471 -7.81 10.20 48.56
N PRO D 472 -7.29 11.39 48.90
CA PRO D 472 -5.83 11.57 48.99
C PRO D 472 -5.16 10.73 50.07
N GLU D 473 -5.92 9.96 50.85
CA GLU D 473 -5.30 9.03 51.78
C GLU D 473 -4.97 7.69 51.13
N LEU D 474 -5.57 7.37 49.98
CA LEU D 474 -5.29 6.11 49.29
C LEU D 474 -4.06 6.27 48.42
N ALA D 475 -3.03 5.45 48.67
CA ALA D 475 -1.90 5.38 47.76
C ALA D 475 -2.17 4.43 46.60
N ASP D 476 -3.07 3.46 46.77
CA ASP D 476 -3.43 2.52 45.72
C ASP D 476 -4.66 1.75 46.17
N CYS D 477 -5.26 1.02 45.24
CA CYS D 477 -6.33 0.08 45.57
C CYS D 477 -6.54 -0.88 44.41
N THR D 478 -7.30 -1.94 44.68
CA THR D 478 -7.62 -3.01 43.74
C THR D 478 -9.05 -3.46 43.95
N VAL D 479 -9.84 -3.46 42.89
CA VAL D 479 -11.25 -3.84 42.93
C VAL D 479 -11.35 -5.27 42.38
N THR D 480 -11.66 -6.22 43.25
CA THR D 480 -11.65 -7.64 42.93
C THR D 480 -13.05 -8.22 43.17
N ALA D 481 -13.44 -9.18 42.32
CA ALA D 481 -14.75 -9.82 42.43
C ALA D 481 -14.73 -11.00 43.38
N ILE D 482 -15.78 -11.11 44.18
CA ILE D 482 -15.97 -12.17 45.18
C ILE D 482 -17.23 -12.92 44.79
N ALA D 483 -17.08 -14.15 44.26
CA ALA D 483 -18.22 -14.94 43.79
C ALA D 483 -18.13 -16.36 44.35
N GLU D 484 -19.27 -17.06 44.35
CA GLU D 484 -19.32 -18.45 44.81
C GLU D 484 -18.66 -19.36 43.78
N GLU D 485 -18.91 -20.66 43.84
CA GLU D 485 -18.19 -21.55 42.95
C GLU D 485 -19.04 -21.87 41.72
N GLY D 486 -18.48 -21.56 40.55
CA GLY D 486 -19.12 -21.76 39.27
C GLY D 486 -19.72 -20.51 38.66
N VAL D 487 -19.85 -19.42 39.43
CA VAL D 487 -20.46 -18.18 38.95
C VAL D 487 -19.44 -17.49 38.06
N ARG D 488 -19.68 -17.50 36.74
CA ARG D 488 -18.92 -16.66 35.81
C ARG D 488 -19.62 -15.31 35.78
N ALA D 489 -18.96 -14.28 36.36
CA ALA D 489 -19.59 -12.98 36.57
C ALA D 489 -18.73 -11.82 36.07
N ASP D 490 -17.82 -12.07 35.13
CA ASP D 490 -17.01 -11.03 34.49
C ASP D 490 -17.71 -10.59 33.20
N TRP D 491 -17.00 -9.91 32.30
CA TRP D 491 -17.63 -9.40 31.08
C TRP D 491 -18.35 -10.51 30.32
N ASP D 492 -17.70 -11.65 30.14
CA ASP D 492 -18.28 -12.75 29.40
C ASP D 492 -19.32 -13.53 30.19
N GLY D 493 -19.36 -13.38 31.51
CA GLY D 493 -20.26 -14.17 32.31
C GLY D 493 -21.67 -13.60 32.39
N ASP D 494 -22.64 -14.50 32.60
CA ASP D 494 -24.05 -14.13 32.69
C ASP D 494 -24.54 -13.98 34.12
N GLY D 495 -23.69 -14.25 35.13
CA GLY D 495 -24.07 -14.16 36.51
C GLY D 495 -23.50 -12.94 37.23
N VAL D 496 -23.75 -12.88 38.54
CA VAL D 496 -23.40 -11.73 39.35
C VAL D 496 -22.47 -12.13 40.50
N ALA D 497 -21.74 -11.14 41.01
CA ALA D 497 -20.77 -11.31 42.08
C ALA D 497 -20.72 -10.04 42.93
N GLU D 498 -19.86 -10.07 43.94
CA GLU D 498 -19.62 -8.93 44.82
C GLU D 498 -18.27 -8.29 44.48
N ALA D 499 -18.19 -7.00 44.78
CA ALA D 499 -17.00 -6.18 44.52
C ALA D 499 -16.37 -5.81 45.85
N TYR D 500 -15.12 -6.22 46.05
CA TYR D 500 -14.35 -5.77 47.20
C TYR D 500 -13.28 -4.81 46.70
N VAL D 501 -12.84 -3.92 47.58
CA VAL D 501 -11.70 -3.05 47.31
C VAL D 501 -10.59 -3.37 48.30
N LEU D 502 -9.41 -3.60 47.80
CA LEU D 502 -8.24 -3.68 48.66
C LEU D 502 -7.66 -2.28 48.75
N LEU D 503 -7.61 -1.70 49.95
CA LEU D 503 -7.12 -0.33 50.11
C LEU D 503 -5.69 -0.33 50.64
N GLN D 504 -4.80 0.39 49.95
CA GLN D 504 -3.43 0.60 50.41
C GLN D 504 -3.31 2.07 50.77
N PHE D 505 -3.35 2.37 52.06
CA PHE D 505 -3.20 3.75 52.51
C PHE D 505 -1.75 4.20 52.44
N THR D 506 -1.56 5.51 52.21
CA THR D 506 -0.22 6.09 52.29
C THR D 506 0.34 5.91 53.70
N ASP D 507 1.67 5.84 53.79
CA ASP D 507 2.32 5.30 54.99
C ASP D 507 2.09 6.12 56.25
N GLY D 508 1.48 7.30 56.15
CA GLY D 508 1.20 8.10 57.33
C GLY D 508 -0.27 8.41 57.56
N ALA D 509 -1.13 8.17 56.57
CA ALA D 509 -2.51 8.63 56.65
C ALA D 509 -3.28 7.85 57.71
N ARG D 510 -4.47 8.36 58.05
CA ARG D 510 -5.35 7.74 59.02
C ARG D 510 -6.58 7.19 58.32
N GLU D 511 -6.86 5.91 58.53
CA GLU D 511 -7.98 5.32 57.83
C GLU D 511 -9.30 5.66 58.52
N PRO D 512 -10.31 6.06 57.76
CA PRO D 512 -11.66 6.18 58.34
C PRO D 512 -12.14 4.85 58.90
N GLY D 513 -13.17 4.93 59.74
CA GLY D 513 -13.65 3.77 60.46
C GLY D 513 -14.60 2.88 59.69
N ASP D 514 -15.31 3.42 58.70
CA ASP D 514 -16.16 2.63 57.82
C ASP D 514 -15.64 2.77 56.39
N LEU D 515 -14.56 2.04 56.08
CA LEU D 515 -13.97 2.07 54.74
C LEU D 515 -15.00 1.77 53.65
N THR D 516 -16.03 0.99 53.97
CA THR D 516 -16.99 0.63 52.93
C THR D 516 -17.86 1.82 52.56
N GLY D 517 -18.58 2.40 53.53
CA GLY D 517 -19.36 3.59 53.26
C GLY D 517 -18.51 4.79 52.86
N TRP D 518 -17.25 4.82 53.34
CA TRP D 518 -16.27 5.80 52.92
C TRP D 518 -16.10 5.81 51.40
N VAL D 519 -15.71 4.68 50.83
CA VAL D 519 -15.49 4.64 49.38
C VAL D 519 -16.81 4.67 48.61
N ASN D 520 -17.90 4.15 49.19
CA ASN D 520 -19.15 4.13 48.47
C ASN D 520 -19.78 5.51 48.38
N GLU D 521 -19.45 6.41 49.31
CA GLU D 521 -19.86 7.81 49.17
C GLU D 521 -19.28 8.42 47.91
N VAL D 522 -17.99 8.16 47.66
CA VAL D 522 -17.34 8.67 46.47
C VAL D 522 -17.93 8.05 45.21
N LEU D 523 -18.18 6.73 45.24
CA LEU D 523 -18.69 6.07 44.04
C LEU D 523 -20.15 6.44 43.77
N ALA D 524 -20.95 6.60 44.82
CA ALA D 524 -22.29 7.16 44.63
C ALA D 524 -22.19 8.61 44.16
N GLY D 525 -21.12 9.32 44.53
CA GLY D 525 -20.85 10.65 44.05
C GLY D 525 -21.06 10.83 42.55
N GLN D 526 -20.23 10.16 41.74
CA GLN D 526 -20.51 10.04 40.33
C GLN D 526 -21.54 8.92 40.14
N GLY D 527 -21.84 8.55 38.91
CA GLY D 527 -22.84 7.51 38.77
C GLY D 527 -22.38 6.10 39.05
N PHE D 528 -21.17 5.93 39.58
CA PHE D 528 -20.52 4.62 39.55
C PHE D 528 -21.29 3.64 40.44
N PRO D 529 -21.52 2.41 39.97
CA PRO D 529 -22.08 1.39 40.85
C PRO D 529 -21.20 1.21 42.08
N PRO D 530 -21.80 0.91 43.22
CA PRO D 530 -21.05 0.91 44.47
C PRO D 530 -20.30 -0.40 44.65
N VAL D 531 -19.40 -0.41 45.63
CA VAL D 531 -18.72 -1.63 46.04
C VAL D 531 -19.48 -2.30 47.18
N THR D 532 -19.19 -3.58 47.37
CA THR D 532 -19.81 -4.37 48.43
C THR D 532 -19.07 -4.25 49.75
N ARG D 533 -17.75 -4.15 49.72
CA ARG D 533 -16.96 -4.27 50.94
C ARG D 533 -15.56 -3.72 50.68
N ALA D 534 -15.00 -3.05 51.69
CA ALA D 534 -13.75 -2.31 51.53
C ALA D 534 -12.81 -2.67 52.66
N LEU D 535 -11.72 -3.37 52.33
CA LEU D 535 -10.72 -3.85 53.28
C LEU D 535 -9.44 -3.05 53.13
N ARG D 536 -8.71 -2.92 54.22
CA ARG D 536 -7.33 -2.47 54.13
C ARG D 536 -6.46 -3.69 53.81
N MET D 537 -5.34 -3.45 53.13
CA MET D 537 -4.41 -4.53 52.77
C MET D 537 -3.09 -3.96 52.30
N ASP D 538 -1.97 -4.47 52.82
CA ASP D 538 -0.67 -4.02 52.36
C ASP D 538 -0.48 -4.41 50.91
N SER D 539 0.12 -3.50 50.13
CA SER D 539 0.46 -3.83 48.75
C SER D 539 1.21 -5.16 48.67
N THR D 540 2.09 -5.40 49.66
CA THR D 540 2.81 -6.67 49.77
C THR D 540 1.87 -7.87 49.71
N ASP D 541 0.80 -7.84 50.49
CA ASP D 541 -0.12 -8.97 50.52
C ASP D 541 -0.99 -9.06 49.28
N VAL D 542 -0.83 -8.19 48.29
CA VAL D 542 -1.61 -8.25 47.05
C VAL D 542 -0.74 -8.85 45.94
N SER D 543 -1.24 -9.93 45.34
CA SER D 543 -0.50 -10.68 44.32
C SER D 543 -0.20 -9.80 43.12
N THR D 544 1.07 -9.61 42.84
CA THR D 544 1.48 -8.99 41.60
C THR D 544 2.03 -10.07 40.70
N GLY D 545 2.12 -9.74 39.40
CA GLY D 545 2.81 -10.58 38.45
C GLY D 545 4.25 -10.13 38.25
N VAL D 546 4.91 -10.78 37.31
CA VAL D 546 6.36 -10.64 37.19
C VAL D 546 6.82 -9.25 36.77
N THR D 547 5.97 -8.45 36.08
CA THR D 547 6.35 -7.10 35.64
C THR D 547 5.76 -6.00 36.53
N GLY D 548 5.02 -6.35 37.57
CA GLY D 548 4.50 -5.41 38.52
C GLY D 548 2.99 -5.29 38.55
N LYS D 549 2.28 -5.80 37.56
CA LYS D 549 0.82 -5.66 37.53
C LYS D 549 0.14 -6.56 38.55
N VAL D 550 -1.00 -6.12 39.03
CA VAL D 550 -1.76 -6.91 40.00
C VAL D 550 -2.36 -8.13 39.31
N LEU D 551 -2.36 -9.27 40.01
CA LEU D 551 -2.95 -10.51 39.50
C LEU D 551 -4.35 -10.71 40.09
N LYS D 552 -5.33 -10.02 39.51
CA LYS D 552 -6.70 -10.14 39.98
C LYS D 552 -7.25 -11.55 39.78
N ARG D 553 -6.78 -12.20 38.72
CA ARG D 553 -6.85 -13.64 38.50
C ARG D 553 -6.73 -14.41 39.81
N VAL D 554 -5.56 -14.24 40.47
CA VAL D 554 -5.26 -14.97 41.69
C VAL D 554 -6.08 -14.42 42.85
N MET D 555 -6.27 -13.09 42.88
CA MET D 555 -7.07 -12.46 43.92
C MET D 555 -8.46 -13.07 44.02
N ARG D 556 -8.99 -13.60 42.92
CA ARG D 556 -10.28 -14.26 42.96
C ARG D 556 -10.16 -15.65 43.60
N GLU D 557 -9.06 -16.37 43.33
CA GLU D 557 -8.82 -17.61 44.03
C GLU D 557 -8.75 -17.41 45.55
N ARG D 558 -8.43 -16.20 46.00
CA ARG D 558 -8.34 -15.89 47.42
C ARG D 558 -9.65 -15.32 47.98
N ALA D 559 -10.79 -15.72 47.43
CA ALA D 559 -12.06 -15.12 47.84
C ALA D 559 -12.34 -15.39 49.30
N ARG D 560 -12.00 -16.57 49.80
CA ARG D 560 -12.29 -16.86 51.19
C ARG D 560 -11.30 -16.22 52.16
N GLU D 561 -10.02 -16.10 51.77
CA GLU D 561 -9.10 -15.28 52.54
C GLU D 561 -9.61 -13.84 52.66
N LEU D 562 -10.23 -13.33 51.59
CA LEU D 562 -10.70 -11.95 51.58
C LEU D 562 -11.96 -11.79 52.40
N VAL D 563 -12.90 -12.72 52.29
CA VAL D 563 -14.09 -12.67 53.14
C VAL D 563 -13.68 -12.73 54.60
N ALA D 564 -12.69 -13.58 54.92
CA ALA D 564 -12.17 -13.69 56.28
C ALA D 564 -11.62 -12.35 56.78
N ARG D 565 -10.77 -11.70 55.99
CA ARG D 565 -10.33 -10.35 56.35
C ARG D 565 -11.50 -9.37 56.37
N ALA D 566 -12.50 -9.60 55.54
CA ALA D 566 -13.65 -8.71 55.47
C ALA D 566 -14.40 -8.66 56.79
N ASP D 567 -14.33 -9.74 57.59
CA ASP D 567 -15.12 -9.89 58.80
C ASP D 567 -14.49 -9.17 60.00
N GLN D 568 -13.26 -8.71 59.86
CA GLN D 568 -12.57 -7.98 60.94
C GLN D 568 -12.46 -6.49 60.61
N GLY D 569 -13.62 -5.88 60.34
CA GLY D 569 -13.68 -4.47 60.00
C GLY D 569 -15.04 -3.82 60.21
N ARG E 553 -12.91 38.13 4.21
CA ARG E 553 -12.36 38.97 3.14
C ARG E 553 -10.90 39.32 3.41
N VAL E 554 -9.99 38.54 2.83
CA VAL E 554 -8.58 38.89 2.79
C VAL E 554 -8.23 39.75 1.57
N MET E 555 -9.21 40.03 0.70
CA MET E 555 -8.96 40.93 -0.44
C MET E 555 -8.54 42.31 0.06
N ARG E 556 -9.31 42.86 0.99
CA ARG E 556 -9.14 44.26 1.42
C ARG E 556 -7.75 44.49 2.01
N GLU E 557 -7.21 43.52 2.77
CA GLU E 557 -5.89 43.74 3.35
C GLU E 557 -4.80 43.73 2.28
N ARG E 558 -4.99 42.97 1.19
CA ARG E 558 -4.03 43.03 0.10
C ARG E 558 -4.11 44.37 -0.62
N ALA E 559 -5.34 44.87 -0.86
CA ALA E 559 -5.47 46.19 -1.46
C ALA E 559 -4.80 47.24 -0.58
N ARG E 560 -4.93 47.10 0.74
CA ARG E 560 -4.47 48.14 1.66
C ARG E 560 -2.96 48.16 1.80
N GLU E 561 -2.33 46.97 1.81
CA GLU E 561 -0.87 46.92 1.89
C GLU E 561 -0.25 47.43 0.59
N LEU E 562 -0.98 47.35 -0.54
CA LEU E 562 -0.52 47.95 -1.78
C LEU E 562 -0.65 49.47 -1.76
N VAL E 563 -1.81 49.98 -1.30
CA VAL E 563 -1.96 51.42 -1.14
C VAL E 563 -0.96 51.96 -0.13
N ALA E 564 -0.78 51.26 1.00
CA ALA E 564 0.20 51.68 1.98
C ALA E 564 1.61 51.77 1.38
N ARG E 565 1.93 50.90 0.41
CA ARG E 565 3.22 51.01 -0.27
C ARG E 565 3.29 52.29 -1.11
N ALA E 566 2.26 52.51 -1.93
CA ALA E 566 2.20 53.69 -2.78
C ALA E 566 2.21 54.99 -1.99
N ASP E 567 2.03 54.92 -0.66
CA ASP E 567 2.03 56.14 0.14
C ASP E 567 3.42 56.75 0.25
N GLN E 568 4.47 55.97 0.06
CA GLN E 568 5.79 56.50 0.28
C GLN E 568 6.61 56.61 -1.01
#